data_3S7C
# 
_entry.id   3S7C 
# 
_audit_conform.dict_name       mmcif_pdbx.dic 
_audit_conform.dict_version    5.379 
_audit_conform.dict_location   http://mmcif.pdb.org/dictionaries/ascii/mmcif_pdbx.dic 
# 
loop_
_database_2.database_id 
_database_2.database_code 
_database_2.pdbx_database_accession 
_database_2.pdbx_DOI 
PDB   3S7C         pdb_00003s7c 10.2210/pdb3s7c/pdb 
NDB   NA1157       ?            ?                   
RCSB  RCSB065852   ?            ?                   
WWPDB D_1000065852 ?            ?                   
# 
loop_
_pdbx_database_related.db_name 
_pdbx_database_related.db_id 
_pdbx_database_related.details 
_pdbx_database_related.content_type 
PDB 3DVZ 'unmodified SRL RNA' unspecified 
PDB 3S8U .                    unspecified 
# 
_pdbx_database_status.status_code                     REL 
_pdbx_database_status.entry_id                        3S7C 
_pdbx_database_status.recvd_initial_deposition_date   2011-05-26 
_pdbx_database_status.deposit_site                    RCSB 
_pdbx_database_status.process_site                    RCSB 
_pdbx_database_status.status_code_sf                  REL 
_pdbx_database_status.status_code_mr                  ? 
_pdbx_database_status.SG_entry                        ? 
_pdbx_database_status.status_code_cs                  ? 
_pdbx_database_status.pdb_format_compatible           Y 
_pdbx_database_status.methods_development_category    ? 
_pdbx_database_status.status_code_nmr_data            ? 
# 
loop_
_audit_author.name 
_audit_author.pdbx_ordinal 
'Ennifar, E.' 1 
'Micura, R.'  2 
# 
_citation.id                        primary 
_citation.title                     
;2'-Azido RNA, a Versatile Tool for Chemical Biology: Synthesis, X-ray Structure, siRNA Applications, Click Labeling.
;
_citation.journal_abbrev            'Acs Chem.Biol.' 
_citation.journal_volume            7 
_citation.page_first                581 
_citation.page_last                 589 
_citation.year                      2012 
_citation.journal_id_ASTM           ? 
_citation.country                   US 
_citation.journal_id_ISSN           1554-8929 
_citation.journal_id_CSD            ? 
_citation.book_publisher            ? 
_citation.pdbx_database_id_PubMed   22273279 
_citation.pdbx_database_id_DOI      10.1021/cb200510k 
# 
loop_
_citation_author.citation_id 
_citation_author.name 
_citation_author.ordinal 
_citation_author.identifier_ORCID 
primary 'Fauster, K.' 1 ? 
primary 'Hartl, M.'   2 ? 
primary 'Santner, T.' 3 ? 
primary 'Aigner, M.'  4 ? 
primary 'Kreutz, C.'  5 ? 
primary 'Bister, K.'  6 ? 
primary 'Ennifar, E.' 7 ? 
primary 'Micura, R.'  8 ? 
# 
_cell.entry_id           3S7C 
_cell.length_a           29.610 
_cell.length_b           29.610 
_cell.length_c           76.180 
_cell.angle_alpha        90.00 
_cell.angle_beta         90.00 
_cell.angle_gamma        90.00 
_cell.Z_PDB              4 
_cell.pdbx_unique_axis   ? 
_cell.length_a_esd       ? 
_cell.length_b_esd       ? 
_cell.length_c_esd       ? 
_cell.angle_alpha_esd    ? 
_cell.angle_beta_esd     ? 
_cell.angle_gamma_esd    ? 
# 
_symmetry.entry_id                         3S7C 
_symmetry.space_group_name_H-M             'P 43' 
_symmetry.pdbx_full_space_group_name_H-M   ? 
_symmetry.cell_setting                     ? 
_symmetry.Int_Tables_number                78 
_symmetry.space_group_name_Hall            ? 
# 
loop_
_entity.id 
_entity.type 
_entity.src_method 
_entity.pdbx_description 
_entity.formula_weight 
_entity.pdbx_number_of_molecules 
_entity.pdbx_ec 
_entity.pdbx_mutation 
_entity.pdbx_fragment 
_entity.details 
1 polymer syn 'Ecoli 23 S rRNA Sarcin Ricin loop' 8770.275 1   ? ? ? ? 
2 water   nat water                               18.015   198 ? ? ? ? 
# 
_entity_poly.entity_id                      1 
_entity_poly.type                           polyribonucleotide 
_entity_poly.nstd_linkage                   no 
_entity_poly.nstd_monomer                   yes 
_entity_poly.pdbx_seq_one_letter_code       'UGC(UZR)CCUAGUACGAGAGGACCGGAGUG' 
_entity_poly.pdbx_seq_one_letter_code_can   UGCXCCUAGUACGAGAGGACCGGAGUG 
_entity_poly.pdbx_strand_id                 A 
_entity_poly.pdbx_target_identifier         ? 
# 
loop_
_entity_poly_seq.entity_id 
_entity_poly_seq.num 
_entity_poly_seq.mon_id 
_entity_poly_seq.hetero 
1 1  U   n 
1 2  G   n 
1 3  C   n 
1 4  UZR n 
1 5  C   n 
1 6  C   n 
1 7  U   n 
1 8  A   n 
1 9  G   n 
1 10 U   n 
1 11 A   n 
1 12 C   n 
1 13 G   n 
1 14 A   n 
1 15 G   n 
1 16 A   n 
1 17 G   n 
1 18 G   n 
1 19 A   n 
1 20 C   n 
1 21 C   n 
1 22 G   n 
1 23 G   n 
1 24 A   n 
1 25 G   n 
1 26 U   n 
1 27 G   n 
# 
_struct_ref.id                         1 
_struct_ref.db_name                    PDB 
_struct_ref.db_code                    3S7C 
_struct_ref.pdbx_db_accession          3S7C 
_struct_ref.entity_id                  1 
_struct_ref.pdbx_align_begin           ? 
_struct_ref.pdbx_seq_one_letter_code   UGCUCCUAGUACGAGAGGACCGGAGUG 
_struct_ref.pdbx_db_isoform            ? 
# 
_struct_ref_seq.align_id                      1 
_struct_ref_seq.ref_id                        1 
_struct_ref_seq.pdbx_PDB_id_code              3S7C 
_struct_ref_seq.pdbx_strand_id                A 
_struct_ref_seq.seq_align_beg                 1 
_struct_ref_seq.pdbx_seq_align_beg_ins_code   ? 
_struct_ref_seq.seq_align_end                 27 
_struct_ref_seq.pdbx_seq_align_end_ins_code   ? 
_struct_ref_seq.pdbx_db_accession             3S7C 
_struct_ref_seq.db_align_beg                  2647 
_struct_ref_seq.pdbx_db_align_beg_ins_code    ? 
_struct_ref_seq.db_align_end                  2673 
_struct_ref_seq.pdbx_db_align_end_ins_code    ? 
_struct_ref_seq.pdbx_auth_seq_align_beg       2647 
_struct_ref_seq.pdbx_auth_seq_align_end       2673 
# 
loop_
_chem_comp.id 
_chem_comp.type 
_chem_comp.mon_nstd_flag 
_chem_comp.name 
_chem_comp.pdbx_synonyms 
_chem_comp.formula 
_chem_comp.formula_weight 
A   'RNA linking' y "ADENOSINE-5'-MONOPHOSPHATE"                                      ? 'C10 H14 N5 O7 P'  347.221 
C   'RNA linking' y "CYTIDINE-5'-MONOPHOSPHATE"                                       ? 'C9 H14 N3 O8 P'   323.197 
G   'RNA linking' y "GUANOSINE-5'-MONOPHOSPHATE"                                      ? 'C10 H14 N5 O8 P'  363.221 
HOH non-polymer   . WATER                                                             ? 'H2 O'             18.015  
U   'RNA linking' y "URIDINE-5'-MONOPHOSPHATE"                                        ? 'C9 H13 N2 O9 P'   324.181 
UZR non-polymer   n "2'-deoxy-2'-triaza-1,2-dien-2-ium-1-yl-uridine-5'-monophosphate" ? 'C9 H13 N5 O8 P 1' 350.202 
# 
_exptl.entry_id          3S7C 
_exptl.method            'X-RAY DIFFRACTION' 
_exptl.crystals_number   1 
# 
_exptl_crystal.id                    1 
_exptl_crystal.density_meas          ? 
_exptl_crystal.density_Matthews      1.90 
_exptl_crystal.density_percent_sol   35.40 
_exptl_crystal.description           ? 
_exptl_crystal.F_000                 ? 
_exptl_crystal.preparation           ? 
# 
_exptl_crystal_grow.crystal_id      1 
_exptl_crystal_grow.method          'VAPOR DIFFUSION, HANGING DROP' 
_exptl_crystal_grow.temp            293 
_exptl_crystal_grow.temp_details    ? 
_exptl_crystal_grow.pH              7.0 
_exptl_crystal_grow.pdbx_pH_range   ? 
_exptl_crystal_grow.pdbx_details    
;1 volume of [3.1M (NH4)2SO4, 50mM MOPS pH7.0, 10mM MgCl2, 10mM MnCl2] + 2 volumes of [RNA in 1mM NaEDTA, 10mM Tris pH8.0], VAPOR DIFFUSION, HANGING DROP, temperature 293K
;
# 
_diffrn.id                     1 
_diffrn.ambient_temp           100 
_diffrn.ambient_temp_details   ? 
_diffrn.crystal_id             1 
# 
_diffrn_detector.diffrn_id              1 
_diffrn_detector.detector               PIXEL 
_diffrn_detector.type                   'DECTRIS PILATUS 6M' 
_diffrn_detector.pdbx_collection_date   2011-05-09 
_diffrn_detector.details                ? 
# 
_diffrn_radiation.diffrn_id                        1 
_diffrn_radiation.wavelength_id                    1 
_diffrn_radiation.pdbx_monochromatic_or_laue_m_l   M 
_diffrn_radiation.monochromator                    ? 
_diffrn_radiation.pdbx_diffrn_protocol             'SINGLE WAVELENGTH' 
_diffrn_radiation.pdbx_scattering_type             x-ray 
# 
_diffrn_radiation_wavelength.id           1 
_diffrn_radiation_wavelength.wavelength   0.92 
_diffrn_radiation_wavelength.wt           1.0 
# 
_diffrn_source.diffrn_id                   1 
_diffrn_source.source                      SYNCHROTRON 
_diffrn_source.type                        'SLS BEAMLINE X06SA' 
_diffrn_source.pdbx_synchrotron_site       SLS 
_diffrn_source.pdbx_synchrotron_beamline   X06SA 
_diffrn_source.pdbx_wavelength             ? 
_diffrn_source.pdbx_wavelength_list        0.92 
# 
_reflns.pdbx_diffrn_id               1 
_reflns.pdbx_ordinal                 1 
_reflns.entry_id                     3S7C 
_reflns.observed_criterion_sigma_I   0 
_reflns.observed_criterion_sigma_F   0 
_reflns.d_resolution_low             50 
_reflns.d_resolution_high            1.10 
_reflns.number_obs                   26490 
_reflns.number_all                   26603 
_reflns.percent_possible_obs         99.6 
_reflns.pdbx_Rmerge_I_obs            ? 
_reflns.pdbx_Rsym_value              ? 
_reflns.pdbx_netI_over_sigmaI        ? 
_reflns.B_iso_Wilson_estimate        ? 
_reflns.pdbx_redundancy              ? 
_reflns.R_free_details               ? 
_reflns.pdbx_chi_squared             ? 
_reflns.pdbx_scaling_rejects         ? 
# 
_reflns_shell.pdbx_diffrn_id         1 
_reflns_shell.pdbx_ordinal           1 
_reflns_shell.d_res_high             1.10 
_reflns_shell.d_res_low              1.13 
_reflns_shell.percent_possible_all   94.3 
_reflns_shell.Rmerge_I_obs           0.454 
_reflns_shell.pdbx_Rsym_value        ? 
_reflns_shell.meanI_over_sigI_obs    2.91 
_reflns_shell.pdbx_redundancy        ? 
_reflns_shell.percent_possible_obs   ? 
_reflns_shell.number_unique_all      ? 
_reflns_shell.number_measured_all    ? 
_reflns_shell.number_measured_obs    ? 
_reflns_shell.number_unique_obs      ? 
_reflns_shell.pdbx_chi_squared       ? 
# 
_refine.pdbx_refine_id                           'X-RAY DIFFRACTION' 
_refine.entry_id                                 3S7C 
_refine.pdbx_diffrn_id                           1 
_refine.pdbx_TLS_residual_ADP_flag               ? 
_refine.ls_number_reflns_obs                     26483 
_refine.ls_number_reflns_all                     26477 
_refine.pdbx_ls_sigma_I                          ? 
_refine.pdbx_ls_sigma_F                          2.06 
_refine.pdbx_data_cutoff_high_absF               ? 
_refine.pdbx_data_cutoff_low_absF                ? 
_refine.pdbx_data_cutoff_high_rms_absF           ? 
_refine.ls_d_res_low                             29.610 
_refine.ls_d_res_high                            1.100 
_refine.ls_percent_reflns_obs                    99.80 
_refine.ls_R_factor_obs                          0.1180 
_refine.ls_R_factor_all                          ? 
_refine.ls_R_factor_R_work                       0.1166 
_refine.ls_R_factor_R_free                       0.1559 
_refine.ls_R_factor_R_free_error                 ? 
_refine.ls_R_factor_R_free_error_details         ? 
_refine.ls_percent_reflns_R_free                 5.01 
_refine.ls_number_reflns_R_free                  1326 
_refine.ls_number_parameters                     ? 
_refine.ls_number_restraints                     ? 
_refine.occupancy_min                            ? 
_refine.occupancy_max                            ? 
_refine.correlation_coeff_Fo_to_Fc               ? 
_refine.correlation_coeff_Fo_to_Fc_free          ? 
_refine.B_iso_mean                               ? 
_refine.aniso_B[1][1]                            0.5863 
_refine.aniso_B[2][2]                            0.5863 
_refine.aniso_B[3][3]                            -1.1725 
_refine.aniso_B[1][2]                            0.0000 
_refine.aniso_B[1][3]                            -0.0000 
_refine.aniso_B[2][3]                            -0.0000 
_refine.solvent_model_details                    'FLAT BULK SOLVENT MODEL' 
_refine.solvent_model_param_ksol                 0.435 
_refine.solvent_model_param_bsol                 82.040 
_refine.pdbx_solvent_vdw_probe_radii             0.80 
_refine.pdbx_solvent_ion_probe_radii             ? 
_refine.pdbx_solvent_shrinkage_radii             0.47 
_refine.pdbx_ls_cross_valid_method               ? 
_refine.details                                  ? 
_refine.pdbx_starting_model                      'PDB ENTRY 3DVZ' 
_refine.pdbx_method_to_determine_struct          'MOLECULAR REPLACEMENT' 
_refine.pdbx_isotropic_thermal_model             ? 
_refine.pdbx_stereochemistry_target_values       TWIN_LSQ_F 
_refine.pdbx_stereochem_target_val_spec_case     ? 
_refine.pdbx_R_Free_selection_details            ? 
_refine.pdbx_overall_ESU_R_Free                  ? 
_refine.overall_SU_ML                            . 
_refine.pdbx_overall_phase_error                 20.90 
_refine.overall_SU_B                             ? 
_refine.overall_SU_R_Cruickshank_DPI             ? 
_refine.pdbx_overall_SU_R_free_Cruickshank_DPI   ? 
_refine.pdbx_overall_SU_R_Blow_DPI               ? 
_refine.pdbx_overall_SU_R_free_Blow_DPI          ? 
_refine.ls_redundancy_reflns_obs                 ? 
_refine.pdbx_overall_ESU_R                       ? 
_refine.overall_SU_R_free                        ? 
_refine.ls_wR_factor_R_free                      ? 
_refine.ls_wR_factor_R_work                      ? 
_refine.overall_FOM_free_R_set                   ? 
_refine.overall_FOM_work_R_set                   ? 
# 
_refine_analyze.pdbx_refine_id                  'X-RAY DIFFRACTION' 
_refine_analyze.entry_id                        3S7C 
_refine_analyze.Luzzati_coordinate_error_obs    0.11 
_refine_analyze.Luzzati_sigma_a_obs             ? 
_refine_analyze.Luzzati_d_res_low_obs           ? 
_refine_analyze.Luzzati_coordinate_error_free   ? 
_refine_analyze.Luzzati_sigma_a_free            ? 
_refine_analyze.Luzzati_d_res_low_free          ? 
_refine_analyze.number_disordered_residues      ? 
_refine_analyze.occupancy_sum_hydrogen          ? 
_refine_analyze.occupancy_sum_non_hydrogen      ? 
# 
_refine_hist.pdbx_refine_id                   'X-RAY DIFFRACTION' 
_refine_hist.cycle_id                         LAST 
_refine_hist.pdbx_number_atoms_protein        0 
_refine_hist.pdbx_number_atoms_nucleic_acid   581 
_refine_hist.pdbx_number_atoms_ligand         0 
_refine_hist.number_atoms_solvent             198 
_refine_hist.number_atoms_total               779 
_refine_hist.d_res_high                       1.100 
_refine_hist.d_res_low                        29.610 
# 
loop_
_refine_ls_restr.type 
_refine_ls_restr.dev_ideal 
_refine_ls_restr.dev_ideal_target 
_refine_ls_restr.weight 
_refine_ls_restr.number 
_refine_ls_restr.pdbx_refine_id 
_refine_ls_restr.pdbx_restraint_function 
f_bond_d           0.005  ? ? 707  'X-RAY DIFFRACTION' ? 
f_angle_d          0.969  ? ? 1106 'X-RAY DIFFRACTION' ? 
f_dihedral_angle_d 17.137 ? ? 350  'X-RAY DIFFRACTION' ? 
f_chiral_restr     0.063  ? ? 146  'X-RAY DIFFRACTION' ? 
f_plane_restr      0.010  ? ? 29   'X-RAY DIFFRACTION' ? 
# 
loop_
_refine_ls_shell.pdbx_refine_id 
_refine_ls_shell.pdbx_total_number_of_bins_used 
_refine_ls_shell.d_res_high 
_refine_ls_shell.d_res_low 
_refine_ls_shell.number_reflns_R_work 
_refine_ls_shell.R_factor_R_work 
_refine_ls_shell.percent_reflns_obs 
_refine_ls_shell.R_factor_R_free 
_refine_ls_shell.R_factor_R_free_error 
_refine_ls_shell.percent_reflns_R_free 
_refine_ls_shell.number_reflns_R_free 
_refine_ls_shell.number_reflns_all 
_refine_ls_shell.R_factor_all 
_refine_ls_shell.redundancy_reflns_obs 
_refine_ls_shell.number_reflns_obs 
'X-RAY DIFFRACTION' . 1.1002 1.1442  2733 0.2141 93.00 0.2463 . . 144 . . . . 
'X-RAY DIFFRACTION' . 1.1442 1.1963  2787 0.2011 95.00 0.2263 . . 147 . . . . 
'X-RAY DIFFRACTION' . 1.1963 1.2594  2798 0.1774 95.00 0.1860 . . 147 . . . . 
'X-RAY DIFFRACTION' . 1.2594 1.3383  2805 0.1645 95.00 0.1837 . . 148 . . . . 
'X-RAY DIFFRACTION' . 1.3383 1.4416  2805 0.1644 95.00 0.1724 . . 147 . . . . 
'X-RAY DIFFRACTION' . 1.4416 1.5867  2771 0.1549 95.00 0.1698 . . 146 . . . . 
'X-RAY DIFFRACTION' . 1.5867 1.8162  2813 0.1254 95.00 0.1365 . . 148 . . . . 
'X-RAY DIFFRACTION' . 1.8162 2.2881  2819 0.1145 95.00 0.1532 . . 149 . . . . 
'X-RAY DIFFRACTION' . 2.2881 27.6072 2826 0.0679 95.00 0.1395 . . 149 . . . . 
# 
_struct.entry_id                  3S7C 
_struct.title                     
;Crystal structure of a 2'-azido-uridine-modified RNA
;
_struct.pdbx_model_details        ? 
_struct.pdbx_CASP_flag            ? 
_struct.pdbx_model_type_details   ? 
# 
_struct_keywords.entry_id        3S7C 
_struct_keywords.pdbx_keywords   RNA 
_struct_keywords.text            
;hairpin RNA, RNA labelling, 2'-azido-uridine, RNA
;
# 
loop_
_struct_asym.id 
_struct_asym.pdbx_blank_PDB_chainid_flag 
_struct_asym.pdbx_modified 
_struct_asym.entity_id 
_struct_asym.details 
A N N 1 ? 
B N N 2 ? 
# 
loop_
_struct_conn.id 
_struct_conn.conn_type_id 
_struct_conn.pdbx_leaving_atom_flag 
_struct_conn.pdbx_PDB_id 
_struct_conn.ptnr1_label_asym_id 
_struct_conn.ptnr1_label_comp_id 
_struct_conn.ptnr1_label_seq_id 
_struct_conn.ptnr1_label_atom_id 
_struct_conn.pdbx_ptnr1_label_alt_id 
_struct_conn.pdbx_ptnr1_PDB_ins_code 
_struct_conn.pdbx_ptnr1_standard_comp_id 
_struct_conn.ptnr1_symmetry 
_struct_conn.ptnr2_label_asym_id 
_struct_conn.ptnr2_label_comp_id 
_struct_conn.ptnr2_label_seq_id 
_struct_conn.ptnr2_label_atom_id 
_struct_conn.pdbx_ptnr2_label_alt_id 
_struct_conn.pdbx_ptnr2_PDB_ins_code 
_struct_conn.ptnr1_auth_asym_id 
_struct_conn.ptnr1_auth_comp_id 
_struct_conn.ptnr1_auth_seq_id 
_struct_conn.ptnr2_auth_asym_id 
_struct_conn.ptnr2_auth_comp_id 
_struct_conn.ptnr2_auth_seq_id 
_struct_conn.ptnr2_symmetry 
_struct_conn.pdbx_ptnr3_label_atom_id 
_struct_conn.pdbx_ptnr3_label_seq_id 
_struct_conn.pdbx_ptnr3_label_comp_id 
_struct_conn.pdbx_ptnr3_label_asym_id 
_struct_conn.pdbx_ptnr3_label_alt_id 
_struct_conn.pdbx_ptnr3_PDB_ins_code 
_struct_conn.details 
_struct_conn.pdbx_dist_value 
_struct_conn.pdbx_value_order 
_struct_conn.pdbx_role 
covale1  covale both ? A C 3  "O3'" A ? ? 1_555 A UZR 4  P  A ? A C 2649 A UZR 2650 1_555 ? ? ? ? ? ? ?                    1.605 ? 
? 
covale2  covale both ? A C 3  "O3'" B ? ? 1_555 A UZR 4  P  B ? A C 2649 A UZR 2650 1_555 ? ? ? ? ? ? ?                    1.606 ? 
? 
hydrog1  hydrog ?    ? A G 2  N1    A ? ? 1_555 A U   26 O2 ? ? A G 2648 A U   2672 1_555 ? ? ? ? ? ? TYPE_28_PAIR         ?     ? 
? 
hydrog2  hydrog ?    ? A G 2  O6    A ? ? 1_555 A U   26 N3 ? ? A G 2648 A U   2672 1_555 ? ? ? ? ? ? TYPE_28_PAIR         ?     ? 
? 
hydrog3  hydrog ?    ? A C 3  O2    A ? ? 1_555 A G   25 N2 ? ? A C 2649 A G   2671 1_555 ? ? ? ? ? ? 'C-G PAIR'           ?     ? 
? 
hydrog4  hydrog ?    ? A C 5  N3    ? ? ? 1_555 A G   23 N1 ? ? A C 2651 A G   2669 1_555 ? ? ? ? ? ? WATSON-CRICK         ?     ? 
? 
hydrog5  hydrog ?    ? A C 5  N4    ? ? ? 1_555 A G   23 O6 ? ? A C 2651 A G   2669 1_555 ? ? ? ? ? ? WATSON-CRICK         ?     ? 
? 
hydrog6  hydrog ?    ? A C 5  O2    ? ? ? 1_555 A G   23 N2 ? ? A C 2651 A G   2669 1_555 ? ? ? ? ? ? WATSON-CRICK         ?     ? 
? 
hydrog7  hydrog ?    ? A C 6  N3    ? ? ? 1_555 A G   22 N1 ? ? A C 2652 A G   2668 1_555 ? ? ? ? ? ? WATSON-CRICK         ?     ? 
? 
hydrog8  hydrog ?    ? A C 6  N4    ? ? ? 1_555 A G   22 O6 ? ? A C 2652 A G   2668 1_555 ? ? ? ? ? ? WATSON-CRICK         ?     ? 
? 
hydrog9  hydrog ?    ? A C 6  O2    ? ? ? 1_555 A G   22 N2 ? ? A C 2652 A G   2668 1_555 ? ? ? ? ? ? WATSON-CRICK         ?     ? 
? 
hydrog10 hydrog ?    ? A U 7  O2    ? ? ? 1_555 A C   21 N4 ? ? A U 2653 A C   2667 1_555 ? ? ? ? ? ? 'U-C MISPAIR'        ?     ? 
? 
hydrog11 hydrog ?    ? A G 9  N2    ? ? ? 1_555 A U   10 O4 ? ? A G 2655 A U   2656 1_555 ? ? ? ? ? ? 'G-U MISPAIR'        ?     ? 
? 
hydrog12 hydrog ?    ? A U 10 N3    ? ? ? 1_555 A A   19 N7 ? ? A U 2656 A A   2665 1_555 ? ? ? ? ? ? 'REVERSED HOOGSTEEN' ?     ? 
? 
hydrog13 hydrog ?    ? A U 10 O2    ? ? ? 1_555 A A   19 N6 ? ? A U 2656 A A   2665 1_555 ? ? ? ? ? ? 'REVERSED HOOGSTEEN' ?     ? 
? 
hydrog14 hydrog ?    ? A A 11 N6    ? ? ? 1_555 A G   18 N3 ? ? A A 2657 A G   2664 1_555 ? ? ? ? ? ? TYPE_11_PAIR         ?     ? 
? 
hydrog15 hydrog ?    ? A A 11 N7    ? ? ? 1_555 A G   18 N2 ? ? A A 2657 A G   2664 1_555 ? ? ? ? ? ? TYPE_11_PAIR         ?     ? 
? 
hydrog16 hydrog ?    ? A C 12 N3    ? ? ? 1_555 A G   17 N1 ? ? A C 2658 A G   2663 1_555 ? ? ? ? ? ? WATSON-CRICK         ?     ? 
? 
hydrog17 hydrog ?    ? A C 12 N4    ? ? ? 1_555 A G   17 O6 ? ? A C 2658 A G   2663 1_555 ? ? ? ? ? ? WATSON-CRICK         ?     ? 
? 
hydrog18 hydrog ?    ? A C 12 O2    ? ? ? 1_555 A G   17 N2 ? ? A C 2658 A G   2663 1_555 ? ? ? ? ? ? WATSON-CRICK         ?     ? 
? 
hydrog19 hydrog ?    ? A G 13 N2    ? ? ? 1_555 A A   16 N7 ? ? A G 2659 A A   2662 1_555 ? ? ? ? ? ? 'G-A MISPAIR'        ?     ? 
? 
# 
loop_
_struct_conn_type.id 
_struct_conn_type.criteria 
_struct_conn_type.reference 
covale ? ? 
hydrog ? ? 
# 
_atom_sites.entry_id                    3S7C 
_atom_sites.fract_transf_matrix[1][1]   -0.00849680 
_atom_sites.fract_transf_matrix[1][2]   0.00805367 
_atom_sites.fract_transf_matrix[1][3]   -0.03167792 
_atom_sites.fract_transf_matrix[2][1]   0.03039641 
_atom_sites.fract_transf_matrix[2][2]   -0.01008672 
_atom_sites.fract_transf_matrix[2][3]   -0.01071748 
_atom_sites.fract_transf_matrix[3][1]   -0.00467098 
_atom_sites.fract_transf_matrix[3][2]   -0.01213042 
_atom_sites.fract_transf_matrix[3][3]   -0.00183112 
_atom_sites.fract_transf_vector[1]      0.359242 
_atom_sites.fract_transf_vector[2]      0.336344 
_atom_sites.fract_transf_vector[3]      0.000079 
# 
loop_
_atom_type.symbol 
C 
H 
N 
O 
P 
# 
loop_
_atom_site.group_PDB 
_atom_site.id 
_atom_site.type_symbol 
_atom_site.label_atom_id 
_atom_site.label_alt_id 
_atom_site.label_comp_id 
_atom_site.label_asym_id 
_atom_site.label_entity_id 
_atom_site.label_seq_id 
_atom_site.pdbx_PDB_ins_code 
_atom_site.Cartn_x 
_atom_site.Cartn_y 
_atom_site.Cartn_z 
_atom_site.occupancy 
_atom_site.B_iso_or_equiv 
_atom_site.pdbx_formal_charge 
_atom_site.auth_seq_id 
_atom_site.auth_comp_id 
_atom_site.auth_asym_id 
_atom_site.auth_atom_id 
_atom_site.pdbx_PDB_model_num 
ATOM   1    O "O5'"  . U   A 1 1  ? -9.253  -0.396  -16.896 1.00 37.00 ? 2647 U   A "O5'"  1 
ATOM   2    C "C5'"  . U   A 1 1  ? -8.930  0.914   -16.422 1.00 35.93 ? 2647 U   A "C5'"  1 
ATOM   3    C "C4'"  . U   A 1 1  ? -9.355  1.114   -14.982 1.00 30.89 ? 2647 U   A "C4'"  1 
ATOM   4    O "O4'"  . U   A 1 1  ? -10.783 1.404   -14.936 1.00 28.40 ? 2647 U   A "O4'"  1 
ATOM   5    C "C3'"  . U   A 1 1  ? -9.135  -0.091  -14.069 1.00 28.81 ? 2647 U   A "C3'"  1 
ATOM   6    O "O3'"  A U   A 1 1  ? -8.845  0.365   -12.749 0.67 28.85 ? 2647 U   A "O3'"  1 
ATOM   7    O "O3'"  B U   A 1 1  ? -8.844  0.357   -12.745 0.33 27.78 ? 2647 U   A "O3'"  1 
ATOM   8    C "C2'"  . U   A 1 1  ? -10.496 -0.772  -14.087 1.00 28.85 ? 2647 U   A "C2'"  1 
ATOM   9    O "O2'"  . U   A 1 1  ? -10.763 -1.597  -12.970 1.00 29.13 ? 2647 U   A "O2'"  1 
ATOM   10   C "C1'"  . U   A 1 1  ? -11.441 0.429   -14.150 1.00 27.84 ? 2647 U   A "C1'"  1 
ATOM   11   N N1     . U   A 1 1  ? -12.732 0.116   -14.785 1.00 27.40 ? 2647 U   A N1     1 
ATOM   12   C C2     . U   A 1 1  ? -13.826 0.022   -13.954 1.00 27.08 ? 2647 U   A C2     1 
ATOM   13   O O2     . U   A 1 1  ? -13.762 0.223   -12.756 1.00 27.76 ? 2647 U   A O2     1 
ATOM   14   N N3     . U   A 1 1  ? -14.992 -0.311  -14.588 1.00 27.08 ? 2647 U   A N3     1 
ATOM   15   C C4     . U   A 1 1  ? -15.165 -0.553  -15.932 1.00 27.78 ? 2647 U   A C4     1 
ATOM   16   O O4     . U   A 1 1  ? -16.294 -0.831  -16.339 1.00 29.83 ? 2647 U   A O4     1 
ATOM   17   C C5     . U   A 1 1  ? -13.978 -0.450  -16.729 1.00 27.86 ? 2647 U   A C5     1 
ATOM   18   C C6     . U   A 1 1  ? -12.824 -0.131  -16.134 1.00 27.76 ? 2647 U   A C6     1 
ATOM   19   H H3     . U   A 1 1  ? -15.793 -0.369  -14.026 1.00 32.50 ? 2647 U   A H3     1 
ATOM   20   H H5     . U   A 1 1  ? -14.012 -0.608  -17.695 1.00 33.43 ? 2647 U   A H5     1 
ATOM   21   H H6     . U   A 1 1  ? -12.014 -0.065  -16.681 1.00 33.31 ? 2647 U   A H6     1 
ATOM   22   P P      A G   A 1 2  ? -7.385  0.128   -12.111 0.19 28.05 ? 2648 G   A P      1 
ATOM   23   P P      B G   A 1 2  ? -7.613  -0.281  -11.926 0.81 26.12 ? 2648 G   A P      1 
ATOM   24   O OP1    A G   A 1 2  ? -6.690  -0.864  -12.969 0.19 28.96 ? 2648 G   A OP1    1 
ATOM   25   O OP1    B G   A 1 2  ? -7.176  -1.503  -12.666 0.81 28.11 ? 2648 G   A OP1    1 
ATOM   26   O OP2    A G   A 1 2  ? -7.582  -0.188  -10.673 0.19 28.39 ? 2648 G   A OP2    1 
ATOM   27   O OP2    B G   A 1 2  ? -8.056  -0.424  -10.509 0.81 28.38 ? 2648 G   A OP2    1 
ATOM   28   O "O5'"  A G   A 1 2  ? -6.690  1.555   -12.261 0.19 25.43 ? 2648 G   A "O5'"  1 
ATOM   29   O "O5'"  B G   A 1 2  ? -6.496  0.856   -12.028 0.81 21.84 ? 2648 G   A "O5'"  1 
ATOM   30   C "C5'"  A G   A 1 2  ? -5.747  1.806   -13.296 0.19 22.34 ? 2648 G   A "C5'"  1 
ATOM   31   C "C5'"  B G   A 1 2  ? -5.921  1.212   -13.277 0.81 18.37 ? 2648 G   A "C5'"  1 
ATOM   32   C "C4'"  A G   A 1 2  ? -5.723  3.265   -13.675 0.19 19.59 ? 2648 G   A "C4'"  1 
ATOM   33   C "C4'"  B G   A 1 2  ? -5.605  2.682   -13.337 0.81 15.80 ? 2648 G   A "C4'"  1 
ATOM   34   O "O4'"  A G   A 1 2  ? -7.073  3.794   -13.643 0.19 18.78 ? 2648 G   A "O4'"  1 
ATOM   35   O "O4'"  B G   A 1 2  ? -6.831  3.450   -13.482 0.81 15.97 ? 2648 G   A "O4'"  1 
ATOM   36   C "C3'"  A G   A 1 2  ? -4.927  4.183   -12.754 0.19 18.19 ? 2648 G   A "C3'"  1 
ATOM   37   C "C3'"  B G   A 1 2  ? -4.963  3.282   -12.097 0.81 15.01 ? 2648 G   A "C3'"  1 
ATOM   38   O "O3'"  A G   A 1 2  ? -3.545  4.215   -13.078 0.19 17.47 ? 2648 G   A "O3'"  1 
ATOM   39   O "O3'"  B G   A 1 2  ? -3.578  2.999   -11.982 0.81 16.35 ? 2648 G   A "O3'"  1 
ATOM   40   C "C2'"  A G   A 1 2  ? -5.616  5.530   -12.929 0.19 17.54 ? 2648 G   A "C2'"  1 
ATOM   41   C "C2'"  B G   A 1 2  ? -5.278  4.759   -12.265 0.81 14.02 ? 2648 G   A "C2'"  1 
ATOM   42   O "O2'"  A G   A 1 2  ? -5.139  6.195   -14.090 0.19 17.25 ? 2648 G   A "O2'"  1 
ATOM   43   O "O2'"  B G   A 1 2  ? -4.449  5.348   -13.259 0.81 14.96 ? 2648 G   A "O2'"  1 
ATOM   44   C "C1'"  A G   A 1 2  ? -7.068  5.116   -13.161 0.19 17.73 ? 2648 G   A "C1'"  1 
ATOM   45   C "C1'"  B G   A 1 2  ? -6.701  4.687   -12.802 0.81 14.68 ? 2648 G   A "C1'"  1 
ATOM   46   N N9     A G   A 1 2  ? -7.871  5.167   -11.926 0.19 17.14 ? 2648 G   A N9     1 
ATOM   47   N N9     B G   A 1 2  ? -7.704  4.747   -11.715 0.81 14.85 ? 2648 G   A N9     1 
ATOM   48   C C8     A G   A 1 2  ? -8.528  4.121   -11.315 0.19 16.57 ? 2648 G   A C8     1 
ATOM   49   C C8     B G   A 1 2  ? -8.454  3.721   -11.172 0.81 13.46 ? 2648 G   A C8     1 
ATOM   50   N N7     A G   A 1 2  ? -9.174  4.478   -10.239 0.19 16.13 ? 2648 G   A N7     1 
ATOM   51   N N7     B G   A 1 2  ? -9.263  4.124   -10.225 0.81 13.71 ? 2648 G   A N7     1 
ATOM   52   C C5     A G   A 1 2  ? -8.936  5.842   -10.136 0.19 15.69 ? 2648 G   A C5     1 
ATOM   53   C C5     B G   A 1 2  ? -9.038  5.497   -10.131 0.81 13.53 ? 2648 G   A C5     1 
ATOM   54   C C6     A G   A 1 2  ? -9.379  6.781   -9.169  0.19 14.74 ? 2648 G   A C6     1 
ATOM   55   C C6     B G   A 1 2  ? -9.621  6.488   -9.287  0.81 12.76 ? 2648 G   A C6     1 
ATOM   56   O O6     A G   A 1 2  ? -10.092 6.591   -8.175  0.19 13.93 ? 2648 G   A O6     1 
ATOM   57   O O6     B G   A 1 2  ? -10.484 6.354   -8.404  0.81 11.94 ? 2648 G   A O6     1 
ATOM   58   N N1     A G   A 1 2  ? -8.901  8.059   -9.451  0.19 14.79 ? 2648 G   A N1     1 
ATOM   59   N N1     B G   A 1 2  ? -9.091  7.756   -9.543  0.81 13.11 ? 2648 G   A N1     1 
ATOM   60   C C2     A G   A 1 2  ? -8.105  8.395   -10.518 0.19 15.46 ? 2648 G   A C2     1 
ATOM   61   C C2     B G   A 1 2  ? -8.129  8.047   -10.484 0.81 13.83 ? 2648 G   A C2     1 
ATOM   62   N N2     A G   A 1 2  ? -7.751  9.687   -10.613 0.19 15.59 ? 2648 G   A N2     1 
ATOM   63   N N2     B G   A 1 2  ? -7.744  9.336   -10.578 0.81 14.76 ? 2648 G   A N2     1 
ATOM   64   N N3     A G   A 1 2  ? -7.689  7.529   -11.425 0.19 15.66 ? 2648 G   A N3     1 
ATOM   65   N N3     B G   A 1 2  ? -7.587  7.135   -11.274 0.81 13.46 ? 2648 G   A N3     1 
ATOM   66   C C4     A G   A 1 2  ? -8.140  6.283   -11.172 0.19 16.11 ? 2648 G   A C4     1 
ATOM   67   C C4     B G   A 1 2  ? -8.079  5.894   -11.047 0.81 13.64 ? 2648 G   A C4     1 
ATOM   68   H "H5'"  A G   A 1 2  ? -5.987  1.273   -14.083 0.19 26.81 ? 2648 G   A "H5'"  1 
ATOM   69   H "H5'"  B G   A 1 2  ? -6.551  0.990   -13.994 0.81 22.05 ? 2648 G   A "H5'"  1 
ATOM   70   H "H5''" A G   A 1 2  ? -4.856  1.539   -12.988 0.19 26.81 ? 2648 G   A "H5''" 1 
ATOM   71   H "H5''" B G   A 1 2  ? -5.095  0.700   -13.407 0.81 22.05 ? 2648 G   A "H5''" 1 
ATOM   72   H "H4'"  A G   A 1 2  ? -5.372  3.349   -14.587 0.19 23.51 ? 2648 G   A "H4'"  1 
ATOM   73   H "H4'"  B G   A 1 2  ? -5.027  2.854   -14.110 0.81 18.96 ? 2648 G   A "H4'"  1 
ATOM   74   H "H3'"  A G   A 1 2  ? -5.034  3.883   -11.828 0.19 21.82 ? 2648 G   A "H3'"  1 
ATOM   75   H "H3'"  B G   A 1 2  ? -5.426  2.944   -11.301 0.81 18.01 ? 2648 G   A "H3'"  1 
ATOM   76   H "H2'"  A G   A 1 2  ? -5.525  6.087   -12.128 0.19 21.05 ? 2648 G   A "H2'"  1 
ATOM   77   H "H2'"  B G   A 1 2  ? -5.234  5.242   -11.414 0.81 16.83 ? 2648 G   A "H2'"  1 
ATOM   78   H "HO2'" A G   A 1 2  ? -5.883  6.674   -14.511 0.19 20.70 ? 2648 G   A "HO2'" 1 
ATOM   79   H "HO2'" B G   A 1 2  ? -4.819  5.147   -14.144 0.81 17.95 ? 2648 G   A "HO2'" 1 
ATOM   80   H "H1'"  A G   A 1 2  ? -7.469  5.707   -13.833 0.19 21.28 ? 2648 G   A "H1'"  1 
ATOM   81   H "H1'"  B G   A 1 2  ? -6.852  5.423   -13.430 0.81 17.62 ? 2648 G   A "H1'"  1 
ATOM   82   H H8     A G   A 1 2  ? -8.508  3.201   -11.653 0.19 19.88 ? 2648 G   A H8     1 
ATOM   83   H H8     B G   A 1 2  ? -8.388  2.789   -11.466 0.81 16.15 ? 2648 G   A H8     1 
ATOM   84   H H1     A G   A 1 2  ? -9.153  8.778   -8.835  0.19 17.75 ? 2648 G   A H1     1 
ATOM   85   H H1     B G   A 1 2  ? -9.429  8.500   -9.004  0.81 15.74 ? 2648 G   A H1     1 
ATOM   86   H H21    A G   A 1 2  ? -7.253  10.002  -11.396 0.19 18.71 ? 2648 G   A H21    1 
ATOM   87   H H21    B G   A 1 2  ? -7.028  9.589   -11.198 0.81 17.71 ? 2648 G   A H21    1 
ATOM   88   P P      A C   A 1 3  ? -2.451  4.549   -11.949 0.15 17.56 ? 2649 C   A P      1 
ATOM   89   P P      B C   A 1 3  ? -2.913  2.791   -10.528 0.85 16.40 ? 2649 C   A P      1 
ATOM   90   O OP1    A C   A 1 3  ? -1.135  4.631   -12.632 0.15 17.08 ? 2649 C   A OP1    1 
ATOM   91   O OP1    B C   A 1 3  ? -1.532  2.280   -10.750 0.85 17.28 ? 2649 C   A OP1    1 
ATOM   92   O OP2    A C   A 1 3  ? -2.628  3.559   -10.859 0.15 17.58 ? 2649 C   A OP2    1 
ATOM   93   O OP2    B C   A 1 3  ? -3.859  1.970   -9.731  0.85 17.74 ? 2649 C   A OP2    1 
ATOM   94   O "O5'"  A C   A 1 3  ? -2.887  5.995   -11.446 0.15 16.92 ? 2649 C   A "O5'"  1 
ATOM   95   O "O5'"  B C   A 1 3  ? -2.860  4.272   -9.934  0.85 15.30 ? 2649 C   A "O5'"  1 
ATOM   96   C "C5'"  A C   A 1 3  ? -2.237  7.157   -11.933 0.15 15.90 ? 2649 C   A "C5'"  1 
ATOM   97   C "C5'"  B C   A 1 3  ? -2.238  5.332   -10.646 0.85 14.62 ? 2649 C   A "C5'"  1 
ATOM   98   C "C4'"  A C   A 1 3  ? -2.578  8.375   -11.111 0.15 14.46 ? 2649 C   A "C4'"  1 
ATOM   99   C "C4'"  B C   A 1 3  ? -2.678  6.675   -10.120 0.85 13.81 ? 2649 C   A "C4'"  1 
ATOM   100  O "O4'"  A C   A 1 3  ? -4.016  8.470   -10.932 0.15 13.55 ? 2649 C   A "O4'"  1 
ATOM   101  O "O4'"  B C   A 1 3  ? -4.114  6.805   -10.249 0.85 13.32 ? 2649 C   A "O4'"  1 
ATOM   102  C "C3'"  A C   A 1 3  ? -2.025  8.394   -9.695  0.15 14.35 ? 2649 C   A "C3'"  1 
ATOM   103  C "C3'"  B C   A 1 3  ? -2.420  6.933   -8.640  0.85 13.16 ? 2649 C   A "C3'"  1 
ATOM   104  O "O3'"  A C   A 1 3  ? -0.675  8.817   -9.640  0.15 15.83 ? 2649 C   A "O3'"  1 
ATOM   105  O "O3'"  B C   A 1 3  ? -1.085  7.320   -8.367  0.85 12.91 ? 2649 C   A "O3'"  1 
ATOM   106  C "C2'"  A C   A 1 3  ? -2.982  9.329   -8.972  0.15 12.74 ? 2649 C   A "C2'"  1 
ATOM   107  C "C2'"  B C   A 1 3  ? -3.449  8.005   -8.309  0.85 12.83 ? 2649 C   A "C2'"  1 
ATOM   108  O "O2'"  A C   A 1 3  ? -2.653  10.685  -9.232  0.15 11.28 ? 2649 C   A "O2'"  1 
ATOM   109  O "O2'"  B C   A 1 3  ? -3.017  9.280   -8.773  0.85 14.55 ? 2649 C   A "O2'"  1 
ATOM   110  C "C1'"  A C   A 1 3  ? -4.310  9.004   -9.658  0.15 12.94 ? 2649 C   A "C1'"  1 
ATOM   111  C "C1'"  B C   A 1 3  ? -4.628  7.554   -9.165  0.85 13.07 ? 2649 C   A "C1'"  1 
ATOM   112  N N1     A C   A 1 3  ? -5.104  8.010   -8.899  0.15 12.12 ? 2649 C   A N1     1 
ATOM   113  N N1     B C   A 1 3  ? -5.590  6.703   -8.420  0.85 11.29 ? 2649 C   A N1     1 
ATOM   114  C C2     A C   A 1 3  ? -5.835  8.424   -7.780  0.15 11.14 ? 2649 C   A C2     1 
ATOM   115  C C2     B C   A 1 3  ? -6.507  7.318   -7.553  0.85 10.14 ? 2649 C   A C2     1 
ATOM   116  O O2     A C   A 1 3  ? -5.789  9.613   -7.444  0.15 10.84 ? 2649 C   A O2     1 
ATOM   117  O O2     B C   A 1 3  ? -6.453  8.547   -7.393  0.85 10.32 ? 2649 C   A O2     1 
ATOM   118  N N3     A C   A 1 3  ? -6.566  7.522   -7.086  0.15 11.14 ? 2649 C   A N3     1 
ATOM   119  N N3     B C   A 1 3  ? -7.417  6.547   -6.901  0.85 9.39  ? 2649 C   A N3     1 
ATOM   120  C C4     A C   A 1 3  ? -6.593  6.246   -7.473  0.15 11.82 ? 2649 C   A C4     1 
ATOM   121  C C4     B C   A 1 3  ? -7.452  5.223   -7.094  0.85 11.12 ? 2649 C   A C4     1 
ATOM   122  N N4     A C   A 1 3  ? -7.323  5.378   -6.767  0.15 11.90 ? 2649 C   A N4     1 
ATOM   123  N N4     B C   A 1 3  ? -8.370  4.508   -6.432  0.85 11.35 ? 2649 C   A N4     1 
ATOM   124  C C5     A C   A 1 3  ? -5.864  5.793   -8.609  0.15 12.24 ? 2649 C   A C5     1 
ATOM   125  C C5     B C   A 1 3  ? -6.537  4.574   -7.980  0.85 11.80 ? 2649 C   A C5     1 
ATOM   126  C C6     A C   A 1 3  ? -5.146  6.698   -9.286  0.15 12.27 ? 2649 C   A C6     1 
ATOM   127  C C6     B C   A 1 3  ? -5.641  5.341   -8.622  0.85 11.72 ? 2649 C   A C6     1 
ATOM   128  H "H5'"  A C   A 1 3  ? -2.513  7.310   -12.861 0.15 19.08 ? 2649 C   A "H5'"  1 
ATOM   129  H "H5'"  B C   A 1 3  ? -2.478  5.266   -11.595 0.85 17.55 ? 2649 C   A "H5'"  1 
ATOM   130  H "H5''" A C   A 1 3  ? -1.269  7.015   -11.907 0.15 19.08 ? 2649 C   A "H5''" 1 
ATOM   131  H "H5''" B C   A 1 3  ? -1.266  5.254   -10.555 0.85 17.55 ? 2649 C   A "H5''" 1 
ATOM   132  H "H4'"  A C   A 1 3  ? -2.265  9.174   -11.584 0.15 17.35 ? 2649 C   A "H4'"  1 
ATOM   133  H "H4'"  B C   A 1 3  ? -2.245  7.380   -10.646 0.85 16.57 ? 2649 C   A "H4'"  1 
ATOM   134  H "H3'"  A C   A 1 3  ? -2.098  7.497   -9.309  0.15 17.22 ? 2649 C   A "H3'"  1 
ATOM   135  H "H3'"  B C   A 1 3  ? -2.630  6.121   -8.132  0.85 15.80 ? 2649 C   A "H3'"  1 
ATOM   136  H "H2'"  A C   A 1 3  ? -3.017  9.138   -8.012  0.15 15.29 ? 2649 C   A "H2'"  1 
ATOM   137  H "H2'"  B C   A 1 3  ? -3.674  8.015   -7.356  0.85 15.40 ? 2649 C   A "H2'"  1 
ATOM   138  H "HO2'" A C   A 1 3  ? -1.802  10.897  -8.794  0.15 13.53 ? 2649 C   A "HO2'" 1 
ATOM   139  H "HO2'" B C   A 1 3  ? -3.583  9.554   -9.526  0.85 17.46 ? 2649 C   A "HO2'" 1 
ATOM   140  H "H1'"  A C   A 1 3  ? -4.832  9.827   -9.763  0.15 15.53 ? 2649 C   A "H1'"  1 
ATOM   141  H "H1'"  B C   A 1 3  ? -5.097  8.342   -9.512  0.85 15.68 ? 2649 C   A "H1'"  1 
ATOM   142  H H41    A C   A 1 3  ? -7.358  4.435   -7.034  0.15 14.28 ? 2649 C   A H41    1 
ATOM   143  H H41    B C   A 1 3  ? -8.417  3.536   -6.555  0.85 13.62 ? 2649 C   A H41    1 
ATOM   144  H H42    A C   A 1 3  ? -7.825  5.684   -5.982  0.15 14.28 ? 2649 C   A H42    1 
ATOM   145  H H42    B C   A 1 3  ? -8.994  4.955   -5.823  0.85 13.62 ? 2649 C   A H42    1 
ATOM   146  H H5     A C   A 1 3  ? -5.889  4.854   -8.887  0.15 14.69 ? 2649 C   A H5     1 
ATOM   147  H H5     B C   A 1 3  ? -6.568  3.604   -8.120  0.85 14.16 ? 2649 C   A H5     1 
ATOM   148  H H6     A C   A 1 3  ? -4.634  6.414   -10.072 0.15 14.73 ? 2649 C   A H6     1 
ATOM   149  H H6     B C   A 1 3  ? -5.009  4.924   -9.244  0.85 14.07 ? 2649 C   A H6     1 
HETATM 150  P P      A UZR A 1 4  ? 0.147   8.710   -8.265  0.22 17.55 ? 2650 UZR A P      1 
HETATM 151  P P      B UZR A 1 4  ? -0.423  6.985   -6.942  0.78 11.52 ? 2650 UZR A P      1 
HETATM 152  N N1     . UZR A 1 4  ? -4.534  8.498   -3.996  1.00 9.86  ? 2650 UZR A N1     1 
HETATM 153  C C2     . UZR A 1 4  ? -5.590  8.407   -3.129  1.00 9.96  ? 2650 UZR A C2     1 
HETATM 154  O O2     . UZR A 1 4  ? -5.867  9.354   -2.386  1.00 10.86 ? 2650 UZR A O2     1 
HETATM 155  N N3     . UZR A 1 4  ? -6.318  7.243   -3.080  1.00 9.79  ? 2650 UZR A N3     1 
HETATM 156  C C4     . UZR A 1 4  ? -6.020  6.219   -3.882  1.00 9.27  ? 2650 UZR A C4     1 
HETATM 157  O O4     . UZR A 1 4  ? -6.766  5.088   -3.830  1.00 9.43  ? 2650 UZR A O4     1 
HETATM 158  C C5     . UZR A 1 4  ? -4.941  6.319   -4.773  1.00 9.36  ? 2650 UZR A C5     1 
HETATM 159  C C6     . UZR A 1 4  ? -4.221  7.476   -4.818  1.00 10.04 ? 2650 UZR A C6     1 
HETATM 160  C "C1'"  . UZR A 1 4  ? -3.800  9.767   -4.061  1.00 11.13 ? 2650 UZR A "C1'"  1 
HETATM 161  C "C2'"  . UZR A 1 4  ? -2.820  10.103  -3.008  1.00 10.54 ? 2650 UZR A "C2'"  1 
HETATM 162  C "C3'"  . UZR A 1 4  ? -1.577  9.638   -3.643  1.00 11.49 ? 2650 UZR A "C3'"  1 
HETATM 163  N "N3'"  . UZR A 1 4  ? -2.821  11.623  -2.823  1.00 12.85 ? 2650 UZR A "N3'"  1 
HETATM 164  O "O3'"  . UZR A 1 4  ? -0.460  10.165  -3.073  1.00 13.06 ? 2650 UZR A "O3'"  1 
HETATM 165  C "C4'"  . UZR A 1 4  ? -1.725  10.127  -5.034  1.00 12.10 ? 2650 UZR A "C4'"  1 
HETATM 166  N "N4'"  . UZR A 1 4  ? -3.633  12.144  -2.050  1.00 15.94 ? 2650 UZR A "N4'"  1 
HETATM 167  O "O4'"  . UZR A 1 4  ? -3.134  9.886   -5.306  1.00 11.69 ? 2650 UZR A "O4'"  1 
HETATM 168  C "C5'"  A UZR A 1 4  ? -0.857  9.318   -5.928  0.22 14.83 ? 2650 UZR A "C5'"  1 
HETATM 169  C "C5'"  B UZR A 1 4  ? -0.904  9.335   -5.957  0.78 12.12 ? 2650 UZR A "C5'"  1 
HETATM 170  N "N5'"  . UZR A 1 4  ? -4.273  12.756  -1.343  1.00 15.44 ? 2650 UZR A "N5'"  1 
HETATM 171  O "O5'"  A UZR A 1 4  ? -0.595  9.702   -7.291  0.22 16.97 ? 2650 UZR A "O5'"  1 
HETATM 172  O "O5'"  B UZR A 1 4  ? -1.160  7.932   -5.942  0.78 9.64  ? 2650 UZR A "O5'"  1 
HETATM 173  O OP1    A UZR A 1 4  ? 1.509   9.243   -8.491  0.22 16.29 ? 2650 UZR A OP1    1 
HETATM 174  O OP1    B UZR A 1 4  ? 0.989   7.439   -6.959  0.78 12.12 ? 2650 UZR A OP1    1 
HETATM 175  O OP2    A UZR A 1 4  ? -0.115  7.304   -7.635  0.22 17.94 ? 2650 UZR A OP2    1 
HETATM 176  O OP2    B UZR A 1 4  ? -0.879  5.559   -6.496  0.78 11.97 ? 2650 UZR A OP2    1 
ATOM   177  P P      . C   A 1 5  ? 0.435   9.298   -2.047  1.00 11.90 ? 2651 C   A P      1 
ATOM   178  O OP1    . C   A 1 5  ? 1.681   10.069  -1.822  1.00 11.89 ? 2651 C   A OP1    1 
ATOM   179  O OP2    . C   A 1 5  ? 0.526   7.928   -2.597  1.00 12.63 ? 2651 C   A OP2    1 
ATOM   180  O "O5'"  . C   A 1 5  ? -0.438  9.280   -0.706  1.00 11.18 ? 2651 C   A "O5'"  1 
ATOM   181  C "C5'"  . C   A 1 5  ? -0.637  10.464  0.058   1.00 10.18 ? 2651 C   A "C5'"  1 
ATOM   182  C "C4'"  . C   A 1 5  ? -1.847  10.344  0.953   1.00 10.01 ? 2651 C   A "C4'"  1 
ATOM   183  O "O4'"  . C   A 1 5  ? -3.009  9.984   0.162   1.00 10.50 ? 2651 C   A "O4'"  1 
ATOM   184  C "C3'"  . C   A 1 5  ? -1.784  9.262   2.015   1.00 9.70  ? 2651 C   A "C3'"  1 
ATOM   185  O "O3'"  . C   A 1 5  ? -1.034  9.656   3.153   1.00 10.93 ? 2651 C   A "O3'"  1 
ATOM   186  C "C2'"  . C   A 1 5  ? -3.258  9.000   2.308   1.00 9.67  ? 2651 C   A "C2'"  1 
ATOM   187  O "O2'"  . C   A 1 5  ? -3.797  9.992   3.175   1.00 10.41 ? 2651 C   A "O2'"  1 
ATOM   188  C "C1'"  . C   A 1 5  ? -3.878  9.173   0.927   1.00 9.84  ? 2651 C   A "C1'"  1 
ATOM   189  N N1     . C   A 1 5  ? -4.058  7.880   0.237   1.00 9.90  ? 2651 C   A N1     1 
ATOM   190  C C2     . C   A 1 5  ? -5.170  7.138   0.628   1.00 9.81  ? 2651 C   A C2     1 
ATOM   191  O O2     . C   A 1 5  ? -5.918  7.605   1.506   1.00 10.13 ? 2651 C   A O2     1 
ATOM   192  N N3     . C   A 1 5  ? -5.393  5.940   0.039   1.00 9.87  ? 2651 C   A N3     1 
ATOM   193  C C4     . C   A 1 5  ? -4.559  5.474   -0.888  1.00 9.25  ? 2651 C   A C4     1 
ATOM   194  N N4     . C   A 1 5  ? -4.843  4.282   -1.433  1.00 9.80  ? 2651 C   A N4     1 
ATOM   195  C C5     . C   A 1 5  ? -3.410  6.221   -1.293  1.00 10.12 ? 2651 C   A C5     1 
ATOM   196  C C6     . C   A 1 5  ? -3.197  7.407   -0.713  1.00 9.57  ? 2651 C   A C6     1 
ATOM   197  H "H5'"  . C   A 1 5  ? -0.763  11.221  -0.551  1.00 12.22 ? 2651 C   A "H5'"  1 
ATOM   198  H "H5''" . C   A 1 5  ? 0.156   10.625  0.611   1.00 12.22 ? 2651 C   A "H5''" 1 
ATOM   199  H "H4'"  . C   A 1 5  ? -2.011  11.207  1.386   1.00 12.01 ? 2651 C   A "H4'"  1 
ATOM   200  H "H3'"  . C   A 1 5  ? -1.384  8.455   1.629   1.00 11.64 ? 2651 C   A "H3'"  1 
ATOM   201  H "H2'"  . C   A 1 5  ? -3.403  8.095   2.656   1.00 11.60 ? 2651 C   A "H2'"  1 
ATOM   202  H "HO2'" . C   A 1 5  ? -4.432  10.543  2.672   1.00 12.49 ? 2651 C   A "HO2'" 1 
ATOM   203  H "H1'"  . C   A 1 5  ? -4.746  9.620   1.013   1.00 11.81 ? 2651 C   A "H1'"  1 
ATOM   204  H H41    . C   A 1 5  ? -4.254  3.904   -2.119  1.00 11.76 ? 2651 C   A H41    1 
ATOM   205  H H42    . C   A 1 5  ? -5.640  3.789   -1.145  1.00 11.76 ? 2651 C   A H42    1 
ATOM   206  H H5     . C   A 1 5  ? -2.803  5.879   -1.982  1.00 12.14 ? 2651 C   A H5     1 
ATOM   207  H H6     . C   A 1 5  ? -2.418  7.942   -0.973  1.00 11.48 ? 2651 C   A H6     1 
ATOM   208  P P      . C   A 1 6  ? -0.377  8.551   4.118   1.00 10.72 ? 2652 C   A P      1 
ATOM   209  O OP1    . C   A 1 6  ? 0.462   9.285   5.098   1.00 9.50  ? 2652 C   A OP1    1 
ATOM   210  O OP2    . C   A 1 6  ? 0.255   7.526   3.252   1.00 10.20 ? 2652 C   A OP2    1 
ATOM   211  O "O5'"  . C   A 1 6  ? -1.635  7.913   4.850   1.00 9.86  ? 2652 C   A "O5'"  1 
ATOM   212  C "C5'"  . C   A 1 6  ? -2.413  8.664   5.765   1.00 9.15  ? 2652 C   A "C5'"  1 
ATOM   213  C "C4'"  . C   A 1 6  ? -3.524  7.824   6.335   1.00 9.18  ? 2652 C   A "C4'"  1 
ATOM   214  O "O4'"  . C   A 1 6  ? -4.432  7.425   5.277   1.00 10.16 ? 2652 C   A "O4'"  1 
ATOM   215  C "C3'"  . C   A 1 6  ? -3.103  6.502   6.962   1.00 9.68  ? 2652 C   A "C3'"  1 
ATOM   216  O "O3'"  . C   A 1 6  ? -2.596  6.658   8.270   1.00 10.23 ? 2652 C   A "O3'"  1 
ATOM   217  C "C2'"  . C   A 1 6  ? -4.391  5.695   6.908   1.00 9.59  ? 2652 C   A "C2'"  1 
ATOM   218  O "O2'"  . C   A 1 6  ? -5.279  6.100   7.940   1.00 9.08  ? 2652 C   A "O2'"  1 
ATOM   219  C "C1'"  . C   A 1 6  ? -4.971  6.148   5.573   1.00 9.30  ? 2652 C   A "C1'"  1 
ATOM   220  N N1     . C   A 1 6  ? -4.651  5.219   4.461   1.00 9.02  ? 2652 C   A N1     1 
ATOM   221  C C2     . C   A 1 6  ? -5.448  4.074   4.339   1.00 8.87  ? 2652 C   A C2     1 
ATOM   222  O O2     . C   A 1 6  ? -6.332  3.871   5.191   1.00 8.32  ? 2652 C   A O2     1 
ATOM   223  N N3     . C   A 1 6  ? -5.218  3.211   3.313   1.00 9.29  ? 2652 C   A N3     1 
ATOM   224  C C4     . C   A 1 6  ? -4.249  3.466   2.424   1.00 9.04  ? 2652 C   A C4     1 
ATOM   225  N N4     . C   A 1 6  ? -4.069  2.600   1.425   1.00 9.36  ? 2652 C   A N4     1 
ATOM   226  C C5     . C   A 1 6  ? -3.434  4.633   2.523   1.00 9.28  ? 2652 C   A C5     1 
ATOM   227  C C6     . C   A 1 6  ? -3.670  5.475   3.542   1.00 8.93  ? 2652 C   A C6     1 
ATOM   228  H "H5'"  . C   A 1 6  ? -2.798  9.439   5.303   1.00 10.98 ? 2652 C   A "H5'"  1 
ATOM   229  H "H5''" . C   A 1 6  ? -1.839  8.978   6.496   1.00 10.98 ? 2652 C   A "H5''" 1 
ATOM   230  H "H4'"  . C   A 1 6  ? -4.017  8.351   6.997   1.00 11.01 ? 2652 C   A "H4'"  1 
ATOM   231  H "H3'"  . C   A 1 6  ? -2.427  6.073   6.398   1.00 11.62 ? 2652 C   A "H3'"  1 
ATOM   232  H "H2'"  . C   A 1 6  ? -4.221  4.730   6.924   1.00 11.51 ? 2652 C   A "H2'"  1 
ATOM   233  H "HO2'" . C   A 1 6  ? -6.041  6.569   7.539   1.00 10.90 ? 2652 C   A "HO2'" 1 
ATOM   234  H "H1'"  . C   A 1 6  ? -5.945  6.224   5.656   1.00 11.16 ? 2652 C   A "H1'"  1 
ATOM   235  H H41    . C   A 1 6  ? -3.368  2.758   0.759   1.00 11.24 ? 2652 C   A H41    1 
ATOM   236  H H42    . C   A 1 6  ? -4.638  1.804   1.359   1.00 11.24 ? 2652 C   A H42    1 
ATOM   237  H H5     . C   A 1 6  ? -2.730  4.817   1.866   1.00 11.14 ? 2652 C   A H5     1 
ATOM   238  H H6     . C   A 1 6  ? -3.132  6.289   3.627   1.00 10.72 ? 2652 C   A H6     1 
ATOM   239  P P      . U   A 1 7  ? -1.412  5.714   8.813   1.00 10.33 ? 2653 U   A P      1 
ATOM   240  O OP1    . U   A 1 7  ? -1.175  6.104   10.233  1.00 12.42 ? 2653 U   A OP1    1 
ATOM   241  O OP2    . U   A 1 7  ? -0.286  5.815   7.844   1.00 10.21 ? 2653 U   A OP2    1 
ATOM   242  O "O5'"  . U   A 1 7  ? -2.040  4.252   8.753   1.00 9.95  ? 2653 U   A "O5'"  1 
ATOM   243  C "C5'"  . U   A 1 7  ? -3.154  3.891   9.550   1.00 9.03  ? 2653 U   A "C5'"  1 
ATOM   244  C "C4'"  . U   A 1 7  ? -3.657  2.525   9.169   1.00 8.76  ? 2653 U   A "C4'"  1 
ATOM   245  O "O4'"  . U   A 1 7  ? -4.167  2.543   7.812   1.00 8.62  ? 2653 U   A "O4'"  1 
ATOM   246  C "C3'"  . U   A 1 7  ? -2.614  1.424   9.152   1.00 8.48  ? 2653 U   A "C3'"  1 
ATOM   247  O "O3'"  . U   A 1 7  ? -2.364  0.914   10.444  1.00 10.27 ? 2653 U   A "O3'"  1 
ATOM   248  C "C2'"  . U   A 1 7  ? -3.223  0.397   8.199   1.00 8.79  ? 2653 U   A "C2'"  1 
ATOM   249  O "O2'"  . U   A 1 7  ? -4.209  -0.378  8.861   1.00 9.24  ? 2653 U   A "O2'"  1 
ATOM   250  C "C1'"  . U   A 1 7  ? -3.921  1.302   7.186   1.00 8.55  ? 2653 U   A "C1'"  1 
ATOM   251  N N1     . U   A 1 7  ? -3.091  1.542   5.989   1.00 9.20  ? 2653 U   A N1     1 
ATOM   252  C C2     . U   A 1 7  ? -3.318  0.727   4.886   1.00 9.07  ? 2653 U   A C2     1 
ATOM   253  O O2     . U   A 1 7  ? -4.154  -0.166  4.912   1.00 10.64 ? 2653 U   A O2     1 
ATOM   254  N N3     . U   A 1 7  ? -2.527  0.994   3.789   1.00 8.17  ? 2653 U   A N3     1 
ATOM   255  C C4     . U   A 1 7  ? -1.561  1.984   3.702   1.00 9.36  ? 2653 U   A C4     1 
ATOM   256  O O4     . U   A 1 7  ? -0.931  2.113   2.657   1.00 10.44 ? 2653 U   A O4     1 
ATOM   257  C C5     . U   A 1 7  ? -1.386  2.792   4.881   1.00 10.13 ? 2653 U   A C5     1 
ATOM   258  C C6     . U   A 1 7  ? -2.148  2.551   5.962   1.00 9.85  ? 2653 U   A C6     1 
ATOM   259  H H3     . U   A 1 7  ? -2.659  0.432   2.998   1.00 9.81  ? 2653 U   A H3     1 
ATOM   260  H H5     . U   A 1 7  ? -0.724  3.514   4.892   1.00 12.16 ? 2653 U   A H5     1 
ATOM   261  H H6     . U   A 1 7  ? -2.025  3.105   6.760   1.00 11.82 ? 2653 U   A H6     1 
ATOM   262  P P      . A   A 1 8  ? -0.959  0.224   10.796  1.00 11.32 ? 2654 A   A P      1 
ATOM   263  O OP1    . A   A 1 8  ? -0.765  -0.890  9.847   1.00 11.71 ? 2654 A   A OP1    1 
ATOM   264  O OP2    . A   A 1 8  ? -0.986  -0.078  12.260  1.00 13.76 ? 2654 A   A OP2    1 
ATOM   265  O "O5'"  . A   A 1 8  ? 0.092   1.389   10.493  1.00 10.90 ? 2654 A   A "O5'"  1 
ATOM   266  C "C5'"  . A   A 1 8  ? 1.458   1.263   10.881  1.00 10.33 ? 2654 A   A "C5'"  1 
ATOM   267  C "C4'"  . A   A 1 8  ? 2.396   1.749   9.804   1.00 10.59 ? 2654 A   A "C4'"  1 
ATOM   268  O "O4'"  . A   A 1 8  ? 2.365   0.814   8.682   1.00 9.56  ? 2654 A   A "O4'"  1 
ATOM   269  C "C3'"  . A   A 1 8  ? 2.059   3.123   9.217   1.00 13.46 ? 2654 A   A "C3'"  1 
ATOM   270  O "O3'"  A A   A 1 8  ? 3.262   3.793   8.843   0.03 14.06 ? 2654 A   A "O3'"  1 
ATOM   271  O "O3'"  B A   A 1 8  ? 3.262   3.792   8.845   0.97 14.96 ? 2654 A   A "O3'"  1 
ATOM   272  C "C2'"  . A   A 1 8  ? 1.284   2.753   7.959   1.00 11.03 ? 2654 A   A "C2'"  1 
ATOM   273  O "O2'"  . A   A 1 8  ? 1.258   3.758   6.966   1.00 10.99 ? 2654 A   A "O2'"  1 
ATOM   274  C "C1'"  . A   A 1 8  ? 2.060   1.524   7.499   1.00 10.28 ? 2654 A   A "C1'"  1 
ATOM   275  N N9     . A   A 1 8  ? 1.304   0.650   6.605   1.00 9.50  ? 2654 A   A N9     1 
ATOM   276  C C8     . A   A 1 8  ? 0.257   -0.167  6.923   1.00 9.25  ? 2654 A   A C8     1 
ATOM   277  N N7     . A   A 1 8  ? -0.232  -0.805  5.890   1.00 9.67  ? 2654 A   A N7     1 
ATOM   278  C C5     . A   A 1 8  ? 0.536   -0.372  4.810   1.00 9.54  ? 2654 A   A C5     1 
ATOM   279  C C6     . A   A 1 8  ? 0.512   -0.683  3.425   1.00 10.11 ? 2654 A   A C6     1 
ATOM   280  N N6     . A   A 1 8  ? -0.352  -1.539  2.861   1.00 9.50  ? 2654 A   A N6     1 
ATOM   281  N N1     . A   A 1 8  ? 1.423   -0.071  2.629   1.00 9.99  ? 2654 A   A N1     1 
ATOM   282  C C2     . A   A 1 8  ? 2.289   0.789   3.192   1.00 10.39 ? 2654 A   A C2     1 
ATOM   283  N N3     . A   A 1 8  ? 2.414   1.154   4.473   1.00 10.26 ? 2654 A   A N3     1 
ATOM   284  C C4     . A   A 1 8  ? 1.494   0.530   5.243   1.00 9.88  ? 2654 A   A C4     1 
ATOM   285  H "H5'"  . A   A 1 8  ? 1.650   0.321   11.070  1.00 12.40 ? 2654 A   A "H5'"  1 
ATOM   286  H "H5''" . A   A 1 8  ? 1.607   1.789   11.695  1.00 12.40 ? 2654 A   A "H5''" 1 
ATOM   287  H "H4'"  . A   A 1 8  ? 3.306   1.775   10.168  1.00 12.71 ? 2654 A   A "H4'"  1 
ATOM   288  H "H3'"  . A   A 1 8  ? 1.516   3.657   9.834   1.00 16.15 ? 2654 A   A "H3'"  1 
ATOM   289  H "H2'"  . A   A 1 8  ? 0.369   2.497   8.197   1.00 13.24 ? 2654 A   A "H2'"  1 
ATOM   290  H "HO2'" . A   A 1 8  ? 0.752   4.526   7.303   1.00 13.19 ? 2654 A   A "HO2'" 1 
ATOM   291  H "H1'"  . A   A 1 8  ? 2.890   1.804   7.061   1.00 12.33 ? 2654 A   A "H1'"  1 
ATOM   292  H H8     . A   A 1 8  ? -0.090  -0.269  7.835   1.00 11.10 ? 2654 A   A H8     1 
ATOM   293  H H61    . A   A 1 8  ? -0.314  -1.708  1.896   1.00 11.40 ? 2654 A   A H61    1 
ATOM   294  H H62    . A   A 1 8  ? -1.021  -1.994  3.413   1.00 11.40 ? 2654 A   A H62    1 
ATOM   295  H H2     . A   A 1 8  ? 2.929   1.204   2.576   1.00 12.47 ? 2654 A   A H2     1 
ATOM   296  P P      . G   A 1 9  ? 4.075   4.695   9.899   1.00 14.57 ? 2655 G   A P      1 
ATOM   297  O OP1    . G   A 1 9  ? 4.057   3.989   11.207  1.00 18.20 ? 2655 G   A OP1    1 
ATOM   298  O OP2    . G   A 1 9  ? 3.527   6.069   9.832   1.00 17.79 ? 2655 G   A OP2    1 
ATOM   299  O "O5'"  . G   A 1 9  ? 5.551   4.693   9.280   1.00 19.30 ? 2655 G   A "O5'"  1 
ATOM   300  C "C5'"  . G   A 1 9  ? 6.538   3.749   9.678   1.00 20.00 ? 2655 G   A "C5'"  1 
ATOM   301  C "C4'"  . G   A 1 9  ? 6.390   2.398   9.003   1.00 17.58 ? 2655 G   A "C4'"  1 
ATOM   302  O "O4'"  . G   A 1 9  ? 6.571   2.514   7.541   1.00 16.40 ? 2655 G   A "O4'"  1 
ATOM   303  C "C3'"  . G   A 1 9  ? 7.438   1.384   9.436   1.00 15.99 ? 2655 G   A "C3'"  1 
ATOM   304  O "O3'"  . G   A 1 9  ? 6.909   0.077   9.254   1.00 13.78 ? 2655 G   A "O3'"  1 
ATOM   305  C "C2'"  . G   A 1 9  ? 8.526   1.630   8.404   1.00 16.32 ? 2655 G   A "C2'"  1 
ATOM   306  O "O2'"  . G   A 1 9  ? 9.532   0.645   8.339   1.00 17.21 ? 2655 G   A "O2'"  1 
ATOM   307  C "C1'"  . G   A 1 9  ? 7.652   1.659   7.168   1.00 15.67 ? 2655 G   A "C1'"  1 
ATOM   308  N N9     . G   A 1 9  ? 8.301   2.148   5.945   1.00 13.23 ? 2655 G   A N9     1 
ATOM   309  C C8     . G   A 1 9  ? 9.350   3.019   5.764   1.00 13.77 ? 2655 G   A C8     1 
ATOM   310  N N7     . G   A 1 9  ? 9.670   3.183   4.502   1.00 13.88 ? 2655 G   A N7     1 
ATOM   311  C C5     . G   A 1 9  ? 8.795   2.356   3.808   1.00 13.62 ? 2655 G   A C5     1 
ATOM   312  C C6     . G   A 1 9  ? 8.643   2.102   2.417   1.00 14.36 ? 2655 G   A C6     1 
ATOM   313  O O6     . G   A 1 9  ? 9.276   2.581   1.479   1.00 16.06 ? 2655 G   A O6     1 
ATOM   314  N N1     . G   A 1 9  ? 7.625   1.188   2.145   1.00 12.75 ? 2655 G   A N1     1 
ATOM   315  C C2     . G   A 1 9  ? 6.843   0.589   3.095   1.00 11.67 ? 2655 G   A C2     1 
ATOM   316  N N2     . G   A 1 9  ? 5.907   -0.267  2.645   1.00 11.78 ? 2655 G   A N2     1 
ATOM   317  N N3     . G   A 1 9  ? 6.974   0.823   4.390   1.00 10.42 ? 2655 G   A N3     1 
ATOM   318  C C4     . G   A 1 9  ? 7.959   1.705   4.681   1.00 12.69 ? 2655 G   A C4     1 
ATOM   319  H "H5'"  . G   A 1 9  ? 6.478   3.622   10.648  1.00 24.00 ? 2655 G   A "H5'"  1 
ATOM   320  H "H5''" . G   A 1 9  ? 7.424   4.110   9.464   1.00 24.00 ? 2655 G   A "H5''" 1 
ATOM   321  H "H4'"  . G   A 1 9  ? 5.496   2.039   9.190   1.00 21.10 ? 2655 G   A "H4'"  1 
ATOM   322  H "H3'"  . G   A 1 9  ? 7.751   1.542   10.352  1.00 19.18 ? 2655 G   A "H3'"  1 
ATOM   323  H "H2'"  . G   A 1 9  ? 8.929   2.511   8.547   1.00 19.58 ? 2655 G   A "H2'"  1 
ATOM   324  H "HO2'" . G   A 1 9  ? 9.139   -0.191  8.013   1.00 20.65 ? 2655 G   A "HO2'" 1 
ATOM   325  H "H1'"  . G   A 1 9  ? 7.303   0.758   7.004   1.00 18.80 ? 2655 G   A "H1'"  1 
ATOM   326  H H8     . G   A 1 9  ? 9.800   3.485   6.501   1.00 16.52 ? 2655 G   A H8     1 
ATOM   327  H H1     . G   A 1 9  ? 7.459   0.960   1.206   1.00 15.30 ? 2655 G   A H1     1 
ATOM   328  H H21    . G   A 1 9  ? 5.023   -0.292  3.066   1.00 14.13 ? 2655 G   A H21    1 
ATOM   329  P P      . U   A 1 10 ? 7.620   -1.175  9.937   1.00 13.75 ? 2656 U   A P      1 
ATOM   330  O OP1    . U   A 1 10 ? 8.418   -0.652  11.087  1.00 14.83 ? 2656 U   A OP1    1 
ATOM   331  O OP2    . U   A 1 10 ? 8.324   -1.930  8.865   1.00 14.32 ? 2656 U   A OP2    1 
ATOM   332  O "O5'"  . U   A 1 10 ? 6.384   -2.030  10.461  1.00 14.67 ? 2656 U   A "O5'"  1 
ATOM   333  C "C5'"  . U   A 1 10 ? 5.512   -1.540  11.468  1.00 13.35 ? 2656 U   A "C5'"  1 
ATOM   334  C "C4'"  . U   A 1 10 ? 4.144   -2.145  11.324  1.00 13.05 ? 2656 U   A "C4'"  1 
ATOM   335  O "O4'"  . U   A 1 10 ? 3.399   -1.401  10.334  1.00 13.23 ? 2656 U   A "O4'"  1 
ATOM   336  C "C3'"  . U   A 1 10 ? 4.113   -3.586  10.830  1.00 12.57 ? 2656 U   A "C3'"  1 
ATOM   337  O "O3'"  . U   A 1 10 ? 4.248   -4.520  11.887  1.00 13.46 ? 2656 U   A "O3'"  1 
ATOM   338  C "C2'"  . U   A 1 10 ? 2.773   -3.676  10.111  1.00 12.25 ? 2656 U   A "C2'"  1 
ATOM   339  O "O2'"  . U   A 1 10 ? 1.718   -3.881  11.041  1.00 12.82 ? 2656 U   A "O2'"  1 
ATOM   340  C "C1'"  . U   A 1 10 ? 2.634   -2.270  9.540   1.00 12.54 ? 2656 U   A "C1'"  1 
ATOM   341  N N1     . U   A 1 10 ? 3.115   -2.164  8.147   1.00 12.18 ? 2656 U   A N1     1 
ATOM   342  C C2     . U   A 1 10 ? 2.438   -2.870  7.171   1.00 11.76 ? 2656 U   A C2     1 
ATOM   343  O O2     . U   A 1 10 ? 1.498   -3.606  7.416   1.00 10.22 ? 2656 U   A O2     1 
ATOM   344  N N3     . U   A 1 10 ? 2.924   -2.678  5.902   1.00 10.29 ? 2656 U   A N3     1 
ATOM   345  C C4     . U   A 1 10 ? 3.972   -1.865  5.522   1.00 11.67 ? 2656 U   A C4     1 
ATOM   346  O O4     . U   A 1 10 ? 4.284   -1.811  4.332   1.00 13.25 ? 2656 U   A O4     1 
ATOM   347  C C5     . U   A 1 10 ? 4.610   -1.144  6.584   1.00 11.46 ? 2656 U   A C5     1 
ATOM   348  C C6     . U   A 1 10 ? 4.161   -1.317  7.829   1.00 11.47 ? 2656 U   A C6     1 
ATOM   349  H H3     . U   A 1 10 ? 2.477   -3.176  5.185   1.00 12.35 ? 2656 U   A H3     1 
ATOM   350  H H5     . U   A 1 10 ? 5.369   -0.550  6.401   1.00 13.75 ? 2656 U   A H5     1 
ATOM   351  H H6     . U   A 1 10 ? 4.597   -0.822  8.554   1.00 13.76 ? 2656 U   A H6     1 
ATOM   352  P P      . A   A 1 11 ? 5.112   -5.872  11.709  1.00 14.28 ? 2657 A   A P      1 
ATOM   353  O OP1    . A   A 1 11 ? 5.059   -6.591  13.009  1.00 15.70 ? 2657 A   A OP1    1 
ATOM   354  O OP2    . A   A 1 11 ? 6.431   -5.495  11.150  1.00 13.67 ? 2657 A   A OP2    1 
ATOM   355  O "O5'"  . A   A 1 11 ? 4.297   -6.685  10.627  1.00 12.09 ? 2657 A   A "O5'"  1 
ATOM   356  C "C5'"  . A   A 1 11 ? 3.062   -7.285  10.954  1.00 11.51 ? 2657 A   A "C5'"  1 
ATOM   357  C "C4'"  . A   A 1 11 ? 2.477   -7.956  9.755   1.00 10.95 ? 2657 A   A "C4'"  1 
ATOM   358  O "O4'"  . A   A 1 11 ? 2.240   -6.977  8.712   1.00 10.32 ? 2657 A   A "O4'"  1 
ATOM   359  C "C3'"  . A   A 1 11 ? 3.364   -8.975  9.075   1.00 11.27 ? 2657 A   A "C3'"  1 
ATOM   360  O "O3'"  . A   A 1 11 ? 3.409   -10.209 9.760   1.00 11.77 ? 2657 A   A "O3'"  1 
ATOM   361  C "C2'"  . A   A 1 11 ? 2.734   -9.064  7.699   1.00 11.01 ? 2657 A   A "C2'"  1 
ATOM   362  O "O2'"  . A   A 1 11 ? 1.533   -9.822  7.756   1.00 11.55 ? 2657 A   A "O2'"  1 
ATOM   363  C "C1'"  . A   A 1 11 ? 2.377   -7.598  7.451   1.00 10.76 ? 2657 A   A "C1'"  1 
ATOM   364  N N9     . A   A 1 11 ? 3.409   -6.878  6.675   1.00 11.09 ? 2657 A   A N9     1 
ATOM   365  C C8     . A   A 1 11 ? 4.241   -5.858  7.074   1.00 11.69 ? 2657 A   A C8     1 
ATOM   366  N N7     . A   A 1 11 ? 5.022   -5.405  6.117   1.00 11.21 ? 2657 A   A N7     1 
ATOM   367  C C5     . A   A 1 11 ? 4.679   -6.162  5.002   1.00 10.92 ? 2657 A   A C5     1 
ATOM   368  C C6     . A   A 1 11 ? 5.138   -6.181  3.658   1.00 10.60 ? 2657 A   A C6     1 
ATOM   369  N N6     . A   A 1 11 ? 6.082   -5.376  3.175   1.00 10.57 ? 2657 A   A N6     1 
ATOM   370  N N1     . A   A 1 11 ? 4.579   -7.076  2.810   1.00 10.17 ? 2657 A   A N1     1 
ATOM   371  C C2     . A   A 1 11 ? 3.625   -7.892  3.280   1.00 11.14 ? 2657 A   A C2     1 
ATOM   372  N N3     . A   A 1 11 ? 3.116   -7.971  4.509   1.00 11.35 ? 2657 A   A N3     1 
ATOM   373  C C4     . A   A 1 11 ? 3.683   -7.068  5.336   1.00 11.00 ? 2657 A   A C4     1 
ATOM   374  H "H5'"  . A   A 1 11 ? 2.443   -6.596  11.274  1.00 13.81 ? 2657 A   A "H5'"  1 
ATOM   375  H "H5''" . A   A 1 11 ? 3.202   -7.948  11.661  1.00 13.81 ? 2657 A   A "H5''" 1 
ATOM   376  H "H4'"  . A   A 1 11 ? 1.627   -8.378  10.002  1.00 13.14 ? 2657 A   A "H4'"  1 
ATOM   377  H "H3'"  . A   A 1 11 ? 4.271   -8.615  8.995   1.00 13.53 ? 2657 A   A "H3'"  1 
ATOM   378  H "H2'"  . A   A 1 11 ? 3.361   -9.408  7.028   1.00 13.21 ? 2657 A   A "H2'"  1 
ATOM   379  H "HO2'" . A   A 1 11 ? 0.771   -9.221  7.623   1.00 13.86 ? 2657 A   A "HO2'" 1 
ATOM   380  H "H1'"  . A   A 1 11 ? 1.522   -7.551  6.974   1.00 12.91 ? 2657 A   A "H1'"  1 
ATOM   381  H H8     . A   A 1 11 ? 4.251   -5.502  7.987   1.00 14.03 ? 2657 A   A H8     1 
ATOM   382  H H61    . A   A 1 11 ? 6.350   -5.446  2.235   1.00 12.69 ? 2657 A   A H61    1 
ATOM   383  H H62    . A   A 1 11 ? 6.511   -4.716  3.759   1.00 12.69 ? 2657 A   A H62    1 
ATOM   384  H H2     . A   A 1 11 ? 3.248   -8.518  2.627   1.00 13.37 ? 2657 A   A H2     1 
ATOM   385  P P      . C   A 1 12 ? 4.809   -10.964 9.964   1.00 12.87 ? 2658 C   A P      1 
ATOM   386  O OP1    . C   A 1 12 ? 4.495   -12.317 10.500  1.00 12.98 ? 2658 C   A OP1    1 
ATOM   387  O OP2    . C   A 1 12 ? 5.694   -10.056 10.758  1.00 12.97 ? 2658 C   A OP2    1 
ATOM   388  O "O5'"  . C   A 1 12 ? 5.366   -11.084 8.483   1.00 10.68 ? 2658 C   A "O5'"  1 
ATOM   389  C "C5'"  . C   A 1 12 ? 4.725   -11.892 7.520   1.00 10.54 ? 2658 C   A "C5'"  1 
ATOM   390  C "C4'"  . C   A 1 12 ? 5.353   -11.705 6.170   1.00 10.47 ? 2658 C   A "C4'"  1 
ATOM   391  O "O4'"  . C   A 1 12 ? 5.201   -10.325 5.740   1.00 9.75  ? 2658 C   A "O4'"  1 
ATOM   392  C "C3'"  . C   A 1 12 ? 6.854   -11.929 6.099   1.00 8.65  ? 2658 C   A "C3'"  1 
ATOM   393  O "O3'"  . C   A 1 12 ? 7.211   -13.298 6.084   1.00 10.69 ? 2658 C   A "O3'"  1 
ATOM   394  C "C2'"  . C   A 1 12 ? 7.222   -11.185 4.826   1.00 9.52  ? 2658 C   A "C2'"  1 
ATOM   395  O "O2'"  . C   A 1 12 ? 6.842   -11.927 3.673   1.00 9.42  ? 2658 C   A "O2'"  1 
ATOM   396  C "C1'"  . C   A 1 12 ? 6.314   -9.956  4.943   1.00 9.99  ? 2658 C   A "C1'"  1 
ATOM   397  N N1     . C   A 1 12 ? 7.016   -8.825  5.591   1.00 10.11 ? 2658 C   A N1     1 
ATOM   398  C C2     . C   A 1 12 ? 7.882   -8.085  4.777   1.00 10.22 ? 2658 C   A C2     1 
ATOM   399  O O2     . C   A 1 12 ? 7.986   -8.415  3.582   1.00 10.29 ? 2658 C   A O2     1 
ATOM   400  N N3     . C   A 1 12 ? 8.570   -7.043  5.303   1.00 10.33 ? 2658 C   A N3     1 
ATOM   401  C C4     . C   A 1 12 ? 8.419   -6.739  6.591   1.00 9.94  ? 2658 C   A C4     1 
ATOM   402  N N4     . C   A 1 12 ? 9.123   -5.705  7.061   1.00 9.54  ? 2658 C   A N4     1 
ATOM   403  C C5     . C   A 1 12 ? 7.544   -7.481  7.450   1.00 9.91  ? 2658 C   A C5     1 
ATOM   404  C C6     . C   A 1 12 ? 6.868   -8.513  6.916   1.00 9.75  ? 2658 C   A C6     1 
ATOM   405  H "H5'"  . C   A 1 12 ? 3.777   -11.646 7.472   1.00 12.65 ? 2658 C   A "H5'"  1 
ATOM   406  H "H5''" . C   A 1 12 ? 4.801   -12.833 7.785   1.00 12.65 ? 2658 C   A "H5''" 1 
ATOM   407  H "H4'"  . C   A 1 12 ? 4.909   -12.293 5.524   1.00 12.56 ? 2658 C   A "H4'"  1 
ATOM   408  H "H3'"  . C   A 1 12 ? 7.283   -11.493 6.864   1.00 10.38 ? 2658 C   A "H3'"  1 
ATOM   409  H "H2'"  . C   A 1 12 ? 8.170   -10.936 4.810   1.00 11.43 ? 2658 C   A "H2'"  1 
ATOM   410  H "HO2'" . C   A 1 12 ? 6.093   -11.473 3.233   1.00 11.31 ? 2658 C   A "HO2'" 1 
ATOM   411  H "H1'"  . C   A 1 12 ? 6.007   -9.687  4.052   1.00 11.99 ? 2658 C   A "H1'"  1 
ATOM   412  H H41    . C   A 1 12 ? 9.044   -5.447  8.003   1.00 11.45 ? 2658 C   A H41    1 
ATOM   413  H H42    . C   A 1 12 ? 9.719   -5.205  6.464   1.00 11.45 ? 2658 C   A H42    1 
ATOM   414  H H5     . C   A 1 12 ? 7.443   -7.246  8.396   1.00 11.90 ? 2658 C   A H5     1 
ATOM   415  H H6     . C   A 1 12 ? 6.263   -9.041  7.476   1.00 11.70 ? 2658 C   A H6     1 
ATOM   416  P P      . G   A 1 13 ? 8.592   -13.789 6.764   1.00 10.41 ? 2659 G   A P      1 
ATOM   417  O OP1    . G   A 1 13 ? 8.650   -15.274 6.597   1.00 11.22 ? 2659 G   A OP1    1 
ATOM   418  O OP2    . G   A 1 13 ? 8.641   -13.223 8.132   1.00 11.18 ? 2659 G   A OP2    1 
ATOM   419  O "O5'"  . G   A 1 13 ? 9.703   -13.089 5.867   1.00 9.59  ? 2659 G   A "O5'"  1 
ATOM   420  C "C5'"  . G   A 1 13 ? 9.898   -13.458 4.508   1.00 10.02 ? 2659 G   A "C5'"  1 
ATOM   421  C "C4'"  . G   A 1 13 ? 10.985  -12.628 3.881   1.00 9.63  ? 2659 G   A "C4'"  1 
ATOM   422  O "O4'"  . G   A 1 13 ? 10.541  -11.248 3.765   1.00 9.29  ? 2659 G   A "O4'"  1 
ATOM   423  C "C3'"  . G   A 1 13 ? 12.276  -12.522 4.682   1.00 11.90 ? 2659 G   A "C3'"  1 
ATOM   424  O "O3'"  . G   A 1 13 ? 13.103  -13.673 4.580   1.00 11.73 ? 2659 G   A "O3'"  1 
ATOM   425  C "C2'"  . G   A 1 13 ? 12.897  -11.244 4.127   1.00 11.82 ? 2659 G   A "C2'"  1 
ATOM   426  O "O2'"  . G   A 1 13 ? 13.519  -11.473 2.869   1.00 10.30 ? 2659 G   A "O2'"  1 
ATOM   427  C "C1'"  . G   A 1 13 ? 11.641  -10.371 3.934   1.00 9.92  ? 2659 G   A "C1'"  1 
ATOM   428  N N9     . G   A 1 13 ? 11.413  -9.544  5.131   1.00 10.40 ? 2659 G   A N9     1 
ATOM   429  C C8     . G   A 1 13 ? 10.611  -9.727  6.235   1.00 9.75  ? 2659 G   A C8     1 
ATOM   430  N N7     . G   A 1 13 ? 10.798  -8.791  7.138   1.00 9.99  ? 2659 G   A N7     1 
ATOM   431  C C5     . G   A 1 13 ? 11.798  -7.975  6.615   1.00 9.24  ? 2659 G   A C5     1 
ATOM   432  C C6     . G   A 1 13 ? 12.452  -6.815  7.111   1.00 9.75  ? 2659 G   A C6     1 
ATOM   433  O O6     . G   A 1 13 ? 12.274  -6.213  8.170   1.00 10.89 ? 2659 G   A O6     1 
ATOM   434  N N1     . G   A 1 13 ? 13.417  -6.341  6.228   1.00 9.54  ? 2659 G   A N1     1 
ATOM   435  C C2     . G   A 1 13 ? 13.725  -6.895  5.010   1.00 9.87  ? 2659 G   A C2     1 
ATOM   436  N N2     . G   A 1 13 ? 14.687  -6.310  4.276   1.00 8.55  ? 2659 G   A N2     1 
ATOM   437  N N3     . G   A 1 13 ? 13.124  -7.965  4.541   1.00 10.26 ? 2659 G   A N3     1 
ATOM   438  C C4     . G   A 1 13 ? 12.189  -8.441  5.388   1.00 9.94  ? 2659 G   A C4     1 
ATOM   439  H "H5'"  . G   A 1 13 ? 9.063   -13.322 4.014   1.00 12.02 ? 2659 G   A "H5'"  1 
ATOM   440  H "H5''" . G   A 1 13 ? 10.149  -14.405 4.463   1.00 12.02 ? 2659 G   A "H5''" 1 
ATOM   441  H "H4'"  . G   A 1 13 ? 11.187  -12.979 2.988   1.00 11.55 ? 2659 G   A "H4'"  1 
ATOM   442  H "H3'"  . G   A 1 13 ? 12.050  -12.379 5.625   1.00 14.28 ? 2659 G   A "H3'"  1 
ATOM   443  H "H2'"  . G   A 1 13 ? 13.517  -10.839 4.769   1.00 14.18 ? 2659 G   A "H2'"  1 
ATOM   444  H "HO2'" . G   A 1 13 ? 13.833  -10.617 2.509   1.00 12.36 ? 2659 G   A "HO2'" 1 
ATOM   445  H "H1'"  . G   A 1 13 ? 11.744  -9.802  3.144   1.00 11.90 ? 2659 G   A "H1'"  1 
ATOM   446  H H8     . G   A 1 13 ? 9.957   -10.452 6.324   1.00 11.70 ? 2659 G   A H8     1 
ATOM   447  H H1     . G   A 1 13 ? 13.902  -5.529  6.485   1.00 11.45 ? 2659 G   A H1     1 
ATOM   448  H H21    . G   A 1 13 ? 14.639  -6.332  3.297   1.00 10.26 ? 2659 G   A H21    1 
ATOM   449  P P      . A   A 1 14 ? 13.744  -14.327 5.906   1.00 12.04 ? 2660 A   A P      1 
ATOM   450  O OP1    . A   A 1 14 ? 14.603  -15.455 5.460   1.00 12.40 ? 2660 A   A OP1    1 
ATOM   451  O OP2    . A   A 1 14 ? 12.633  -14.604 6.854   1.00 13.24 ? 2660 A   A OP2    1 
ATOM   452  O "O5'"  . A   A 1 14 ? 14.641  -13.143 6.464   1.00 10.94 ? 2660 A   A "O5'"  1 
ATOM   453  C "C5'"  . A   A 1 14 ? 15.115  -13.160 7.798   1.00 11.14 ? 2660 A   A "C5'"  1 
ATOM   454  C "C4'"  . A   A 1 14 ? 16.569  -12.789 7.865   1.00 10.65 ? 2660 A   A "C4'"  1 
ATOM   455  O "O4'"  . A   A 1 14 ? 17.341  -13.699 7.041   1.00 11.33 ? 2660 A   A "O4'"  1 
ATOM   456  C "C3'"  . A   A 1 14 ? 16.933  -11.410 7.336   1.00 10.79 ? 2660 A   A "C3'"  1 
ATOM   457  O "O3'"  . A   A 1 14 ? 16.708  -10.382 8.281   1.00 11.59 ? 2660 A   A "O3'"  1 
ATOM   458  C "C2'"  . A   A 1 14 ? 18.400  -11.580 6.976   1.00 12.60 ? 2660 A   A "C2'"  1 
ATOM   459  O "O2'"  . A   A 1 14 ? 19.209  -11.524 8.144   1.00 13.84 ? 2660 A   A "O2'"  1 
ATOM   460  C "C1'"  . A   A 1 14 ? 18.418  -13.007 6.447   1.00 11.74 ? 2660 A   A "C1'"  1 
ATOM   461  N N9     . A   A 1 14 ? 18.272  -13.077 4.980   1.00 12.39 ? 2660 A   A N9     1 
ATOM   462  C C8     . A   A 1 14 ? 17.200  -13.548 4.265   1.00 12.09 ? 2660 A   A C8     1 
ATOM   463  N N7     . A   A 1 14 ? 17.391  -13.536 2.973   1.00 13.71 ? 2660 A   A N7     1 
ATOM   464  C C5     . A   A 1 14 ? 18.681  -13.031 2.827   1.00 13.16 ? 2660 A   A C5     1 
ATOM   465  C C6     . A   A 1 14 ? 19.485  -12.780 1.700   1.00 13.98 ? 2660 A   A C6     1 
ATOM   466  N N6     . A   A 1 14 ? 19.085  -13.007 0.451   1.00 13.13 ? 2660 A   A N6     1 
ATOM   467  N N1     . A   A 1 14 ? 20.720  -12.275 1.898   1.00 14.67 ? 2660 A   A N1     1 
ATOM   468  C C2     . A   A 1 14 ? 21.117  -12.056 3.154   1.00 14.55 ? 2660 A   A C2     1 
ATOM   469  N N3     . A   A 1 14 ? 20.460  -12.258 4.293   1.00 14.53 ? 2660 A   A N3     1 
ATOM   470  C C4     . A   A 1 14 ? 19.236  -12.756 4.056   1.00 13.66 ? 2660 A   A C4     1 
ATOM   471  H "H5'"  . A   A 1 14 ? 14.996  -14.060 8.168   1.00 13.37 ? 2660 A   A "H5'"  1 
ATOM   472  H "H5''" . A   A 1 14 ? 14.595  -12.523 8.330   1.00 13.37 ? 2660 A   A "H5''" 1 
ATOM   473  H "H4'"  . A   A 1 14 ? 16.874  -12.863 8.793   1.00 12.78 ? 2660 A   A "H4'"  1 
ATOM   474  H "H3'"  . A   A 1 14 ? 16.418  -11.226 6.523   1.00 12.95 ? 2660 A   A "H3'"  1 
ATOM   475  H "H2'"  . A   A 1 14 ? 18.688  -10.935 6.296   1.00 15.12 ? 2660 A   A "H2'"  1 
ATOM   476  H "HO2'" . A   A 1 14 ? 19.205  -10.609 8.492   1.00 16.61 ? 2660 A   A "HO2'" 1 
ATOM   477  H "H1'"  . A   A 1 14 ? 19.259  -13.437 6.708   1.00 14.08 ? 2660 A   A "H1'"  1 
ATOM   478  H H8     . A   A 1 14 ? 16.371  -13.863 4.682   1.00 14.50 ? 2660 A   A H8     1 
ATOM   479  H H61    . A   A 1 14 ? 19.683  -12.808 -0.299  1.00 15.76 ? 2660 A   A H61    1 
ATOM   480  H H62    . A   A 1 14 ? 18.191  -13.373 0.282   1.00 15.76 ? 2660 A   A H62    1 
ATOM   481  H H2     . A   A 1 14 ? 22.024  -11.697 3.251   1.00 17.46 ? 2660 A   A H2     1 
ATOM   482  P P      . G   A 1 15 ? 15.673  -9.184  7.968   1.00 11.81 ? 2661 G   A P      1 
ATOM   483  O OP1    . G   A 1 15 ? 15.448  -8.469  9.252   1.00 12.27 ? 2661 G   A OP1    1 
ATOM   484  O OP2    . G   A 1 15 ? 14.504  -9.777  7.262   1.00 10.86 ? 2661 G   A OP2    1 
ATOM   485  O "O5'"  . G   A 1 15 ? 16.490  -8.251  6.970   1.00 10.54 ? 2661 G   A "O5'"  1 
ATOM   486  C "C5'"  . G   A 1 15 ? 17.664  -7.592  7.397   1.00 10.63 ? 2661 G   A "C5'"  1 
ATOM   487  C "C4'"  . G   A 1 15 ? 18.686  -7.520  6.298   1.00 9.04  ? 2661 G   A "C4'"  1 
ATOM   488  O "O4'"  . G   A 1 15 ? 18.813  -8.808  5.658   1.00 9.11  ? 2661 G   A "O4'"  1 
ATOM   489  C "C3'"  . G   A 1 15 ? 18.374  -6.569  5.159   1.00 9.69  ? 2661 G   A "C3'"  1 
ATOM   490  O "O3'"  . G   A 1 15 ? 18.710  -5.235  5.478   1.00 10.42 ? 2661 G   A "O3'"  1 
ATOM   491  C "C2'"  . G   A 1 15 ? 19.208  -7.142  4.026   1.00 10.12 ? 2661 G   A "C2'"  1 
ATOM   492  O "O2'"  . G   A 1 15 ? 20.580  -6.793  4.191   1.00 9.15  ? 2661 G   A "O2'"  1 
ATOM   493  C "C1'"  . G   A 1 15 ? 19.061  -8.634  4.280   1.00 9.83  ? 2661 G   A "C1'"  1 
ATOM   494  N N9     . G   A 1 15 ? 17.948  -9.246  3.518   1.00 9.47  ? 2661 G   A N9     1 
ATOM   495  C C8     . G   A 1 15 ? 16.722  -9.667  3.992   1.00 9.80  ? 2661 G   A C8     1 
ATOM   496  N N7     . G   A 1 15 ? 15.979  -10.235 3.078   1.00 10.08 ? 2661 G   A N7     1 
ATOM   497  C C5     . G   A 1 15 ? 16.766  -10.207 1.933   1.00 9.00  ? 2661 G   A C5     1 
ATOM   498  C C6     . G   A 1 15 ? 16.516  -10.674 0.619   1.00 9.52  ? 2661 G   A C6     1 
ATOM   499  O O6     . G   A 1 15 ? 15.507  -11.246 0.182   1.00 10.37 ? 2661 G   A O6     1 
ATOM   500  N N1     . G   A 1 15 ? 17.593  -10.439 -0.232  1.00 8.98  ? 2661 G   A N1     1 
ATOM   501  C C2     . G   A 1 15 ? 18.767  -9.827  0.122   1.00 9.38  ? 2661 G   A C2     1 
ATOM   502  N N2     . G   A 1 15 ? 19.690  -9.680  -0.835  1.00 10.02 ? 2661 G   A N2     1 
ATOM   503  N N3     . G   A 1 15 ? 19.023  -9.397  1.343   1.00 9.14  ? 2661 G   A N3     1 
ATOM   504  C C4     . G   A 1 15 ? 17.984  -9.610  2.191   1.00 9.59  ? 2661 G   A C4     1 
ATOM   505  H "H5'"  . G   A 1 15 ? 18.046  -8.077  8.158   1.00 12.75 ? 2661 G   A "H5'"  1 
ATOM   506  H "H5''" . G   A 1 15 ? 17.434  -6.682  7.681   1.00 12.75 ? 2661 G   A "H5''" 1 
ATOM   507  H "H4'"  . G   A 1 15 ? 19.552  -7.274  6.687   1.00 10.84 ? 2661 G   A "H4'"  1 
ATOM   508  H "H3'"  . G   A 1 15 ? 17.423  -6.627  4.931   1.00 11.63 ? 2661 G   A "H3'"  1 
ATOM   509  H "H2'"  . G   A 1 15 ? 18.861  -6.884  3.146   1.00 12.15 ? 2661 G   A "H2'"  1 
ATOM   510  H "HO2'" . G   A 1 15 ? 21.108  -7.238  3.496   1.00 10.98 ? 2661 G   A "HO2'" 1 
ATOM   511  H "H1'"  . G   A 1 15 ? 19.898  -9.085  4.044   1.00 11.80 ? 2661 G   A "H1'"  1 
ATOM   512  H H8     . G   A 1 15 ? 16.436  -9.552  4.923   1.00 11.76 ? 2661 G   A H8     1 
ATOM   513  H H1     . G   A 1 15 ? 17.498  -10.725 -1.164  1.00 10.78 ? 2661 G   A H1     1 
ATOM   514  H H21    . G   A 1 15 ? 20.343  -8.951  -0.778  1.00 12.03 ? 2661 G   A H21    1 
ATOM   515  P P      . A   A 1 16 ? 17.946  -4.004  4.797   1.00 10.35 ? 2662 A   A P      1 
ATOM   516  O OP1    . A   A 1 16 ? 18.604  -2.769  5.291   1.00 10.46 ? 2662 A   A OP1    1 
ATOM   517  O OP2    . A   A 1 16 ? 16.497  -4.186  5.044   1.00 11.13 ? 2662 A   A OP2    1 
ATOM   518  O "O5'"  . A   A 1 16 ? 18.244  -4.206  3.246   1.00 10.85 ? 2662 A   A "O5'"  1 
ATOM   519  C "C5'"  . A   A 1 16 ? 19.553  -4.054  2.713   1.00 11.29 ? 2662 A   A "C5'"  1 
ATOM   520  C "C4'"  . A   A 1 16 ? 19.542  -4.277  1.229   1.00 10.00 ? 2662 A   A "C4'"  1 
ATOM   521  O "O4'"  . A   A 1 16 ? 19.280  -5.673  0.953   1.00 9.34  ? 2662 A   A "O4'"  1 
ATOM   522  C "C3'"  . A   A 1 16 ? 18.445  -3.539  0.478   1.00 10.40 ? 2662 A   A "C3'"  1 
ATOM   523  O "O3'"  . A   A 1 16 ? 18.786  -2.192  0.208   1.00 11.14 ? 2662 A   A "O3'"  1 
ATOM   524  C "C2'"  . A   A 1 16 ? 18.256  -4.393  -0.766  1.00 9.52  ? 2662 A   A "C2'"  1 
ATOM   525  O "O2'"  . A   A 1 16 ? 19.256  -4.116  -1.737  1.00 10.71 ? 2662 A   A "O2'"  1 
ATOM   526  C "C1'"  . A   A 1 16 ? 18.475  -5.797  -0.202  1.00 9.89  ? 2662 A   A "C1'"  1 
ATOM   527  N N9     . A   A 1 16 ? 17.199  -6.411  0.189   1.00 10.67 ? 2662 A   A N9     1 
ATOM   528  C C8     . A   A 1 16 ? 16.542  -6.217  1.379   1.00 9.46  ? 2662 A   A C8     1 
ATOM   529  N N7     . A   A 1 16 ? 15.406  -6.856  1.451   1.00 9.82  ? 2662 A   A N7     1 
ATOM   530  C C5     . A   A 1 16 ? 15.304  -7.492  0.220   1.00 9.88  ? 2662 A   A C5     1 
ATOM   531  C C6     . A   A 1 16 ? 14.311  -8.325  -0.317  1.00 10.91 ? 2662 A   A C6     1 
ATOM   532  N N6     . A   A 1 16 ? 13.204  -8.646  0.360   1.00 11.33 ? 2662 A   A N6     1 
ATOM   533  N N1     . A   A 1 16 ? 14.506  -8.802  -1.570  1.00 10.26 ? 2662 A   A N1     1 
ATOM   534  C C2     . A   A 1 16 ? 15.626  -8.456  -2.230  1.00 9.83  ? 2662 A   A C2     1 
ATOM   535  N N3     . A   A 1 16 ? 16.627  -7.682  -1.831  1.00 9.42  ? 2662 A   A N3     1 
ATOM   536  C C4     . A   A 1 16 ? 16.398  -7.224  -0.582  1.00 9.94  ? 2662 A   A C4     1 
ATOM   537  H "H5'"  . A   A 1 16 ? 20.152  -4.706  3.133   1.00 13.55 ? 2662 A   A "H5'"  1 
ATOM   538  H "H5''" . A   A 1 16 ? 19.877  -3.149  2.902   1.00 13.55 ? 2662 A   A "H5''" 1 
ATOM   539  H "H4'"  . A   A 1 16 ? 20.414  -4.029  0.857   1.00 12.00 ? 2662 A   A "H4'"  1 
ATOM   540  H "H3'"  . A   A 1 16 ? 17.622  -3.561  1.010   1.00 12.48 ? 2662 A   A "H3'"  1 
ATOM   541  H "H2'"  . A   A 1 16 ? 17.354  -4.292  -1.136  1.00 11.42 ? 2662 A   A "H2'"  1 
ATOM   542  H "HO2'" . A   A 1 16 ? 19.112  -3.217  -2.095  1.00 12.86 ? 2662 A   A "HO2'" 1 
ATOM   543  H "H1'"  . A   A 1 16 ? 18.927  -6.358  -0.865  1.00 11.86 ? 2662 A   A "H1'"  1 
ATOM   544  H H8     . A   A 1 16 ? 16.896  -5.665  2.107   1.00 11.35 ? 2662 A   A H8     1 
ATOM   545  H H61    . A   A 1 16 ? 12.532  -9.229  -0.051  1.00 13.60 ? 2662 A   A H61    1 
ATOM   546  H H62    . A   A 1 16 ? 13.067  -8.300  1.266   1.00 13.60 ? 2662 A   A H62    1 
ATOM   547  H H2     . A   A 1 16 ? 15.714  -8.827  -3.132  1.00 11.79 ? 2662 A   A H2     1 
ATOM   548  P P      . G   A 1 17 ? 17.668  -1.039  0.264   1.00 11.20 ? 2663 G   A P      1 
ATOM   549  O OP1    . G   A 1 17 ? 18.355  0.236   -0.065  1.00 13.14 ? 2663 G   A OP1    1 
ATOM   550  O OP2    . G   A 1 17 ? 16.960  -1.150  1.570   1.00 13.09 ? 2663 G   A OP2    1 
ATOM   551  O "O5'"  . G   A 1 17 ? 16.691  -1.454  -0.922  1.00 10.30 ? 2663 G   A "O5'"  1 
ATOM   552  C "C5'"  . G   A 1 17 ? 15.296  -1.236  -0.828  1.00 10.20 ? 2663 G   A "C5'"  1 
ATOM   553  C "C4'"  . G   A 1 17 ? 14.525  -2.470  -1.198  1.00 10.87 ? 2663 G   A "C4'"  1 
ATOM   554  O "O4'"  . G   A 1 17 ? 14.860  -3.560  -0.292  1.00 9.95  ? 2663 G   A "O4'"  1 
ATOM   555  C "C3'"  . G   A 1 17 ? 13.016  -2.359  -1.088  1.00 10.81 ? 2663 G   A "C3'"  1 
ATOM   556  O "O3'"  . G   A 1 17 ? 12.428  -1.685  -2.186  1.00 11.49 ? 2663 G   A "O3'"  1 
ATOM   557  C "C2'"  . G   A 1 17 ? 12.599  -3.818  -0.954  1.00 10.55 ? 2663 G   A "C2'"  1 
ATOM   558  O "O2'"  . G   A 1 17 ? 12.671  -4.491  -2.198  1.00 10.48 ? 2663 G   A "O2'"  1 
ATOM   559  C "C1'"  . G   A 1 17 ? 13.703  -4.342  -0.032  1.00 10.32 ? 2663 G   A "C1'"  1 
ATOM   560  N N9     . G   A 1 17 ? 13.320  -4.147  1.375   1.00 10.70 ? 2663 G   A N9     1 
ATOM   561  C C8     . G   A 1 17 ? 13.789  -3.197  2.255   1.00 11.22 ? 2663 G   A C8     1 
ATOM   562  N N7     . G   A 1 17 ? 13.176  -3.235  3.405   1.00 11.30 ? 2663 G   A N7     1 
ATOM   563  C C5     . G   A 1 17 ? 12.224  -4.253  3.258   1.00 10.11 ? 2663 G   A C5     1 
ATOM   564  C C6     . G   A 1 17 ? 11.261  -4.761  4.169   1.00 9.52  ? 2663 G   A C6     1 
ATOM   565  O O6     . G   A 1 17 ? 11.035  -4.395  5.331   1.00 10.22 ? 2663 G   A O6     1 
ATOM   566  N N1     . G   A 1 17 ? 10.511  -5.787  3.610   1.00 8.60  ? 2663 G   A N1     1 
ATOM   567  C C2     . G   A 1 17 ? 10.667  -6.273  2.336   1.00 8.86  ? 2663 G   A C2     1 
ATOM   568  N N2     . G   A 1 17 ? 9.852   -7.272  1.968   1.00 9.24  ? 2663 G   A N2     1 
ATOM   569  N N3     . G   A 1 17 ? 11.554  -5.808  1.477   1.00 9.17  ? 2663 G   A N3     1 
ATOM   570  C C4     . G   A 1 17 ? 12.294  -4.812  2.004   1.00 9.58  ? 2663 G   A C4     1 
ATOM   571  H "H5'"  . G   A 1 17 ? 15.044  -0.507  -1.432  1.00 12.24 ? 2663 G   A "H5'"  1 
ATOM   572  H "H5''" . G   A 1 17 ? 15.072  -0.982  0.092   1.00 12.24 ? 2663 G   A "H5''" 1 
ATOM   573  H "H4'"  . G   A 1 17 ? 14.760  -2.730  -2.113  1.00 13.05 ? 2663 G   A "H4'"  1 
ATOM   574  H "H3'"  . G   A 1 17 ? 12.790  -1.883  -0.262  1.00 12.97 ? 2663 G   A "H3'"  1 
ATOM   575  H "H2'"  . G   A 1 17 ? 11.713  -3.905  -0.542  1.00 12.66 ? 2663 G   A "H2'"  1 
ATOM   576  H "HO2'" . G   A 1 17 ? 11.772  -4.785  -2.456  1.00 12.57 ? 2663 G   A "HO2'" 1 
ATOM   577  H "H1'"  . G   A 1 17 ? 13.881  -5.288  -0.212  1.00 12.38 ? 2663 G   A "H1'"  1 
ATOM   578  H H8     . G   A 1 17 ? 14.511  -2.570  2.043   1.00 13.46 ? 2663 G   A H8     1 
ATOM   579  H H1     . G   A 1 17 ? 9.823   -6.202  4.171   1.00 10.32 ? 2663 G   A H1     1 
ATOM   580  H H21    . G   A 1 17 ? 9.889   -7.622  1.054   1.00 11.09 ? 2663 G   A H21    1 
ATOM   581  P P      . G   A 1 18 ? 11.299  -0.561  -1.945  1.00 11.99 ? 2664 G   A P      1 
ATOM   582  O OP1    . G   A 1 18 ? 10.889  -0.069  -3.279  1.00 11.39 ? 2664 G   A OP1    1 
ATOM   583  O OP2    . G   A 1 18 ? 11.843  0.415   -0.960  1.00 13.67 ? 2664 G   A OP2    1 
ATOM   584  O "O5'"  . G   A 1 18 ? 10.113  -1.390  -1.276  1.00 11.46 ? 2664 G   A "O5'"  1 
ATOM   585  C "C5'"  . G   A 1 18 ? 9.540   -2.518  -1.919  1.00 10.40 ? 2664 G   A "C5'"  1 
ATOM   586  C "C4'"  . G   A 1 18 ? 8.559   -3.216  -1.015  1.00 10.01 ? 2664 G   A "C4'"  1 
ATOM   587  O "O4'"  . G   A 1 18 ? 9.261   -3.789  0.124   1.00 10.46 ? 2664 G   A "O4'"  1 
ATOM   588  C "C3'"  . G   A 1 18 ? 7.501   -2.328  -0.372  1.00 10.13 ? 2664 G   A "C3'"  1 
ATOM   589  O "O3'"  . G   A 1 18 ? 6.425   -2.026  -1.240  1.00 10.07 ? 2664 G   A "O3'"  1 
ATOM   590  C "C2'"  . G   A 1 18 ? 7.105   -3.144  0.847   1.00 10.62 ? 2664 G   A "C2'"  1 
ATOM   591  O "O2'"  . G   A 1 18 ? 6.307   -4.255  0.470   1.00 9.52  ? 2664 G   A "O2'"  1 
ATOM   592  C "C1'"  . G   A 1 18 ? 8.468   -3.662  1.287   1.00 10.38 ? 2664 G   A "C1'"  1 
ATOM   593  N N9     . G   A 1 18 ? 9.138   -2.721  2.200   1.00 10.03 ? 2664 G   A N9     1 
ATOM   594  C C8     . G   A 1 18 ? 10.155  -1.844  1.889   1.00 10.08 ? 2664 G   A C8     1 
ATOM   595  N N7     . G   A 1 18 ? 10.539  -1.128  2.918   1.00 10.87 ? 2664 G   A N7     1 
ATOM   596  C C5     . G   A 1 18 ? 9.727   -1.557  3.969   1.00 11.90 ? 2664 G   A C5     1 
ATOM   597  C C6     . G   A 1 18 ? 9.679   -1.163  5.338   1.00 11.84 ? 2664 G   A C6     1 
ATOM   598  O O6     . G   A 1 18 ? 10.368  -0.321  5.921   1.00 12.61 ? 2664 G   A O6     1 
ATOM   599  N N1     . G   A 1 18 ? 8.698   -1.861  6.046   1.00 11.03 ? 2664 G   A N1     1 
ATOM   600  C C2     . G   A 1 18 ? 7.868   -2.824  5.529   1.00 11.66 ? 2664 G   A C2     1 
ATOM   601  N N2     . G   A 1 18 ? 6.990   -3.377  6.388   1.00 11.72 ? 2664 G   A N2     1 
ATOM   602  N N3     . G   A 1 18 ? 7.902   -3.211  4.259   1.00 10.98 ? 2664 G   A N3     1 
ATOM   603  C C4     . G   A 1 18 ? 8.852   -2.544  3.540   1.00 10.87 ? 2664 G   A C4     1 
ATOM   604  H "H5'"  . G   A 1 18 ? 10.253  -3.144  -2.165  1.00 12.48 ? 2664 G   A "H5'"  1 
ATOM   605  H "H5''" . G   A 1 18 ? 9.077   -2.224  -2.732  1.00 12.48 ? 2664 G   A "H5''" 1 
ATOM   606  H "H4'"  . G   A 1 18 ? 8.116   -3.934  -1.514  1.00 12.01 ? 2664 G   A "H4'"  1 
ATOM   607  H "H3'"  . G   A 1 18 ? 7.920   -1.493  -0.077  1.00 12.15 ? 2664 G   A "H3'"  1 
ATOM   608  H "H2'"  . G   A 1 18 ? 6.679   -2.594  1.537   1.00 12.75 ? 2664 G   A "H2'"  1 
ATOM   609  H "HO2'" . G   A 1 18 ? 5.401   -4.130  0.823   1.00 11.42 ? 2664 G   A "HO2'" 1 
ATOM   610  H "H1'"  . G   A 1 18 ? 8.369   -4.535  1.721   1.00 12.45 ? 2664 G   A "H1'"  1 
ATOM   611  H H8     . G   A 1 18 ? 10.549  -1.765  0.995   1.00 12.10 ? 2664 G   A H8     1 
ATOM   612  H H1     . G   A 1 18 ? 8.595   -1.646  6.997   1.00 13.24 ? 2664 G   A H1     1 
ATOM   613  H H21    . G   A 1 18 ? 6.258   -3.933  6.051   1.00 14.07 ? 2664 G   A H21    1 
ATOM   614  P P      . A   A 1 19 ? 5.546   -0.692  -1.031  1.00 10.92 ? 2665 A   A P      1 
ATOM   615  O OP1    . A   A 1 19 ? 4.809   -0.470  -2.294  1.00 11.62 ? 2665 A   A OP1    1 
ATOM   616  O OP2    . A   A 1 19 ? 6.455   0.374   -0.541  1.00 13.13 ? 2665 A   A OP2    1 
ATOM   617  O "O5'"  . A   A 1 19 ? 4.546   -1.116  0.141   1.00 10.05 ? 2665 A   A "O5'"  1 
ATOM   618  C "C5'"  . A   A 1 19 ? 3.170   -1.326  -0.091  1.00 10.10 ? 2665 A   A "C5'"  1 
ATOM   619  C "C4'"  . A   A 1 19 ? 2.897   -2.704  -0.635  1.00 10.78 ? 2665 A   A "C4'"  1 
ATOM   620  O "O4'"  . A   A 1 19 ? 3.587   -3.720  0.160   1.00 10.88 ? 2665 A   A "O4'"  1 
ATOM   621  C "C3'"  . A   A 1 19 ? 1.449   -3.143  -0.589  1.00 10.95 ? 2665 A   A "C3'"  1 
ATOM   622  O "O3'"  . A   A 1 19 ? 0.660   -2.585  -1.622  1.00 10.46 ? 2665 A   A "O3'"  1 
ATOM   623  C "C2'"  . A   A 1 19 ? 1.576   -4.660  -0.629  1.00 11.13 ? 2665 A   A "C2'"  1 
ATOM   624  O "O2'"  . A   A 1 19 ? 1.983   -5.112  -1.913  1.00 12.67 ? 2665 A   A "O2'"  1 
ATOM   625  C "C1'"  . A   A 1 19 ? 2.735   -4.843  0.338   1.00 10.42 ? 2665 A   A "C1'"  1 
ATOM   626  N N9     . A   A 1 19 ? 2.255   -4.835  1.732   1.00 9.59  ? 2665 A   A N9     1 
ATOM   627  C C8     . A   A 1 19 ? 2.488   -3.867  2.680   1.00 10.24 ? 2665 A   A C8     1 
ATOM   628  N N7     . A   A 1 19 ? 1.897   -4.096  3.825   1.00 10.21 ? 2665 A   A N7     1 
ATOM   629  C C5     . A   A 1 19 ? 1.207   -5.286  3.616   1.00 10.54 ? 2665 A   A C5     1 
ATOM   630  C C6     . A   A 1 19 ? 0.380   -6.062  4.467   1.00 12.04 ? 2665 A   A C6     1 
ATOM   631  N N6     . A   A 1 19 ? 0.100   -5.729  5.740   1.00 10.76 ? 2665 A   A N6     1 
ATOM   632  N N1     . A   A 1 19 ? -0.146  -7.210  3.955   1.00 13.28 ? 2665 A   A N1     1 
ATOM   633  C C2     . A   A 1 19 ? 0.144   -7.535  2.678   1.00 12.77 ? 2665 A   A C2     1 
ATOM   634  N N3     . A   A 1 19 ? 0.904   -6.881  1.790   1.00 12.23 ? 2665 A   A N3     1 
ATOM   635  C C4     . A   A 1 19 ? 1.417   -5.755  2.327   1.00 10.84 ? 2665 A   A C4     1 
ATOM   636  H "H5'"  . A   A 1 19 ? 2.849   -0.659  -0.735  1.00 12.12 ? 2665 A   A "H5'"  1 
ATOM   637  H "H5''" . A   A 1 19 ? 2.683   -1.214  0.752   1.00 12.12 ? 2665 A   A "H5''" 1 
ATOM   638  H "H4'"  . A   A 1 19 ? 3.216   -2.751  -1.561  1.00 12.93 ? 2665 A   A "H4'"  1 
ATOM   639  H "H3'"  . A   A 1 19 ? 1.067   -2.881  0.275   1.00 13.14 ? 2665 A   A "H3'"  1 
ATOM   640  H "H2'"  . A   A 1 19 ? 0.763   -5.107  -0.315  1.00 13.36 ? 2665 A   A "H2'"  1 
ATOM   641  H "HO2'" . A   A 1 19 ? 1.240   -4.996  -2.542  1.00 15.21 ? 2665 A   A "HO2'" 1 
ATOM   642  H "H1'"  . A   A 1 19 ? 3.218   -5.674  0.145   1.00 12.50 ? 2665 A   A "H1'"  1 
ATOM   643  H H8     . A   A 1 19 ? 3.048   -3.080  2.515   1.00 12.29 ? 2665 A   A H8     1 
ATOM   644  H H61    . A   A 1 19 ? -0.474  -6.309  6.284   1.00 12.92 ? 2665 A   A H61    1 
ATOM   645  H H62    . A   A 1 19 ? 0.470   -4.907  6.124   1.00 12.92 ? 2665 A   A H62    1 
ATOM   646  H H2     . A   A 1 19 ? -0.265  -8.364  2.352   1.00 15.33 ? 2665 A   A H2     1 
ATOM   647  P P      . C   A 1 20 ? -0.878  -2.210  -1.339  1.00 11.19 ? 2666 C   A P      1 
ATOM   648  O OP1    . C   A 1 20 ? -1.317  -1.354  -2.463  1.00 12.70 ? 2666 C   A OP1    1 
ATOM   649  O OP2    . C   A 1 20 ? -0.963  -1.671  0.047   1.00 11.09 ? 2666 C   A OP2    1 
ATOM   650  O "O5'"  . C   A 1 20 ? -1.603  -3.620  -1.414  1.00 11.90 ? 2666 C   A "O5'"  1 
ATOM   651  C "C5'"  . C   A 1 20 ? -1.504  -4.440  -2.573  1.00 11.63 ? 2666 C   A "C5'"  1 
ATOM   652  C "C4'"  . C   A 1 20 ? -2.028  -5.831  -2.308  1.00 13.62 ? 2666 C   A "C4'"  1 
ATOM   653  O "O4'"  . C   A 1 20 ? -1.372  -6.395  -1.139  1.00 13.82 ? 2666 C   A "O4'"  1 
ATOM   654  C "C3'"  . C   A 1 20 ? -3.513  -5.937  -1.981  1.00 13.97 ? 2666 C   A "C3'"  1 
ATOM   655  O "O3'"  . C   A 1 20 ? -4.341  -5.906  -3.134  1.00 16.17 ? 2666 C   A "O3'"  1 
ATOM   656  C "C2'"  . C   A 1 20 ? -3.585  -7.252  -1.212  1.00 14.37 ? 2666 C   A "C2'"  1 
ATOM   657  O "O2'"  . C   A 1 20 ? -3.542  -8.368  -2.093  1.00 15.84 ? 2666 C   A "O2'"  1 
ATOM   658  C "C1'"  . C   A 1 20 ? -2.281  -7.205  -0.420  1.00 13.51 ? 2666 C   A "C1'"  1 
ATOM   659  N N1     . C   A 1 20 ? -2.480  -6.616  0.927   1.00 13.03 ? 2666 C   A N1     1 
ATOM   660  C C2     . C   A 1 20 ? -3.191  -7.401  1.851   1.00 13.61 ? 2666 C   A C2     1 
ATOM   661  O O2     . C   A 1 20 ? -3.607  -8.522  1.479   1.00 13.88 ? 2666 C   A O2     1 
ATOM   662  N N3     . C   A 1 20 ? -3.409  -6.914  3.099   1.00 11.91 ? 2666 C   A N3     1 
ATOM   663  C C4     . C   A 1 20 ? -2.939  -5.709  3.437   1.00 11.49 ? 2666 C   A C4     1 
ATOM   664  N N4     . C   A 1 20 ? -3.169  -5.280  4.689   1.00 11.58 ? 2666 C   A N4     1 
ATOM   665  C C5     . C   A 1 20 ? -2.208  -4.893  2.512   1.00 10.29 ? 2666 C   A C5     1 
ATOM   666  C C6     . C   A 1 20 ? -1.999  -5.375  1.280   1.00 10.49 ? 2666 C   A C6     1 
ATOM   667  H "H5'"  . C   A 1 20 ? -0.565  -4.498  -2.845  1.00 13.95 ? 2666 C   A "H5'"  1 
ATOM   668  H "H5''" . C   A 1 20 ? -2.024  -4.034  -3.297  1.00 13.95 ? 2666 C   A "H5''" 1 
ATOM   669  H "H4'"  . C   A 1 20 ? -1.834  -6.396  -3.085  1.00 16.34 ? 2666 C   A "H4'"  1 
ATOM   670  H "H3'"  . C   A 1 20 ? -3.764  -5.201  -1.384  1.00 16.76 ? 2666 C   A "H3'"  1 
ATOM   671  H "H2'"  . C   A 1 20 ? -4.366  -7.283  -0.621  1.00 17.25 ? 2666 C   A "H2'"  1 
ATOM   672  H "HO2'" . C   A 1 20 ? -2.687  -8.834  -1.977  1.00 19.01 ? 2666 C   A "HO2'" 1 
ATOM   673  H "H1'"  . C   A 1 20 ? -1.917  -8.110  -0.332  1.00 16.21 ? 2666 C   A "H1'"  1 
ATOM   674  H H41    . C   A 1 20 ? -2.840  -4.402  4.975   1.00 13.90 ? 2666 C   A H41    1 
ATOM   675  H H42    . C   A 1 20 ? -3.665  -5.845  5.317   1.00 13.90 ? 2666 C   A H42    1 
ATOM   676  H H5     . C   A 1 20 ? -1.869  -4.011  2.773   1.00 12.35 ? 2666 C   A H5     1 
ATOM   677  H H6     . C   A 1 20 ? -1.504  -4.841  0.625   1.00 12.59 ? 2666 C   A H6     1 
ATOM   678  P P      . C   A 1 21 ? -5.541  -4.835  -3.259  1.00 14.85 ? 2667 C   A P      1 
ATOM   679  O OP1    . C   A 1 21 ? -6.027  -4.893  -4.664  1.00 18.07 ? 2667 C   A OP1    1 
ATOM   680  O OP2    . C   A 1 21 ? -5.036  -3.543  -2.735  1.00 14.47 ? 2667 C   A OP2    1 
ATOM   681  O "O5'"  . C   A 1 21 ? -6.661  -5.408  -2.277  1.00 14.58 ? 2667 C   A "O5'"  1 
ATOM   682  C "C5'"  . C   A 1 21 ? -7.171  -6.731  -2.404  1.00 15.47 ? 2667 C   A "C5'"  1 
ATOM   683  C "C4'"  . C   A 1 21 ? -7.768  -7.208  -1.095  1.00 16.16 ? 2667 C   A "C4'"  1 
ATOM   684  O "O4'"  . C   A 1 21 ? -6.729  -7.267  -0.078  1.00 15.41 ? 2667 C   A "O4'"  1 
ATOM   685  C "C3'"  . C   A 1 21 ? -8.835  -6.310  -0.477  1.00 15.89 ? 2667 C   A "C3'"  1 
ATOM   686  O "O3'"  . C   A 1 21 ? -10.120 -6.507  -1.039  1.00 16.64 ? 2667 C   A "O3'"  1 
ATOM   687  C "C2'"  . C   A 1 21 ? -8.756  -6.660  1.003   1.00 15.83 ? 2667 C   A "C2'"  1 
ATOM   688  O "O2'"  . C   A 1 21 ? -9.438  -7.874  1.284   1.00 17.36 ? 2667 C   A "O2'"  1 
ATOM   689  C "C1'"  . C   A 1 21 ? -7.257  -6.887  1.178   1.00 14.55 ? 2667 C   A "C1'"  1 
ATOM   690  N N1     . C   A 1 21 ? -6.564  -5.662  1.631   1.00 13.38 ? 2667 C   A N1     1 
ATOM   691  C C2     . C   A 1 21 ? -6.731  -5.300  2.982   1.00 15.07 ? 2667 C   A C2     1 
ATOM   692  O O2     . C   A 1 21 ? -7.437  -6.023  3.708   1.00 16.68 ? 2667 C   A O2     1 
ATOM   693  N N3     . C   A 1 21 ? -6.123  -4.183  3.459   1.00 13.25 ? 2667 C   A N3     1 
ATOM   694  C C4     . C   A 1 21 ? -5.369  -3.441  2.647   1.00 12.95 ? 2667 C   A C4     1 
ATOM   695  N N4     . C   A 1 21 ? -4.795  -2.357  3.180   1.00 13.87 ? 2667 C   A N4     1 
ATOM   696  C C5     . C   A 1 21 ? -5.181  -3.784  1.261   1.00 12.48 ? 2667 C   A C5     1 
ATOM   697  C C6     . C   A 1 21 ? -5.789  -4.896  0.798   1.00 12.09 ? 2667 C   A C6     1 
ATOM   698  H "H5'"  . C   A 1 21 ? -6.444  -7.333  -2.665  1.00 18.56 ? 2667 C   A "H5'"  1 
ATOM   699  H "H5''" . C   A 1 21 ? -7.864  -6.743  -3.097  1.00 18.56 ? 2667 C   A "H5''" 1 
ATOM   700  H "H4'"  . C   A 1 21 ? -8.141  -8.106  -1.223  1.00 19.39 ? 2667 C   A "H4'"  1 
ATOM   701  H "H3'"  . C   A 1 21 ? -8.575  -5.373  -0.599  1.00 19.07 ? 2667 C   A "H3'"  1 
ATOM   702  H "H2'"  . C   A 1 21 ? -9.076  -5.924  1.566   1.00 19.00 ? 2667 C   A "H2'"  1 
ATOM   703  H "HO2'" . C   A 1 21 ? -10.401 -7.733  1.173   1.00 20.84 ? 2667 C   A "HO2'" 1 
ATOM   704  H "H1'"  . C   A 1 21 ? -7.108  -7.606  1.827   1.00 17.47 ? 2667 C   A "H1'"  1 
ATOM   705  H H41    . C   A 1 21 ? -4.231  -1.779  2.624   1.00 16.65 ? 2667 C   A H41    1 
ATOM   706  H H42    . C   A 1 21 ? -4.938  -2.141  4.124   1.00 16.65 ? 2667 C   A H42    1 
ATOM   707  H H5     . C   A 1 21 ? -4.626  -3.230  0.674   1.00 14.98 ? 2667 C   A H5     1 
ATOM   708  H H6     . C   A 1 21 ? -5.680  -5.154  -0.142  1.00 14.50 ? 2667 C   A H6     1 
ATOM   709  P P      . G   A 1 22 ? -11.130 -5.267  -1.234  1.00 16.69 ? 2668 G   A P      1 
ATOM   710  O OP1    . G   A 1 22 ? -12.465 -5.854  -1.583  1.00 17.99 ? 2668 G   A OP1    1 
ATOM   711  O OP2    . G   A 1 22 ? -10.489 -4.317  -2.186  1.00 17.75 ? 2668 G   A OP2    1 
ATOM   712  O "O5'"  . G   A 1 22 ? -11.182 -4.607  0.220   1.00 15.80 ? 2668 G   A "O5'"  1 
ATOM   713  C "C5'"  . G   A 1 22 ? -12.057 -5.091  1.227   1.00 13.20 ? 2668 G   A "C5'"  1 
ATOM   714  C "C4'"  . G   A 1 22 ? -11.895 -4.307  2.505   1.00 13.72 ? 2668 G   A "C4'"  1 
ATOM   715  O "O4'"  . G   A 1 22 ? -10.497 -4.318  2.929   1.00 13.56 ? 2668 G   A "O4'"  1 
ATOM   716  C "C3'"  . G   A 1 22 ? -12.207 -2.822  2.424   1.00 13.90 ? 2668 G   A "C3'"  1 
ATOM   717  O "O3'"  . G   A 1 22 ? -13.589 -2.524  2.401   1.00 15.60 ? 2668 G   A "O3'"  1 
ATOM   718  C "C2'"  . G   A 1 22 ? -11.472 -2.283  3.643   1.00 13.42 ? 2668 G   A "C2'"  1 
ATOM   719  O "O2'"  . G   A 1 22 ? -12.134 -2.655  4.842   1.00 14.63 ? 2668 G   A "O2'"  1 
ATOM   720  C "C1'"  . G   A 1 22 ? -10.177 -3.075  3.545   1.00 12.59 ? 2668 G   A "C1'"  1 
ATOM   721  N N9     . G   A 1 22 ? -9.180  -2.371  2.712   1.00 11.00 ? 2668 G   A N9     1 
ATOM   722  C C8     . G   A 1 22 ? -8.795  -2.694  1.430   1.00 10.20 ? 2668 G   A C8     1 
ATOM   723  N N7     . G   A 1 22 ? -7.901  -1.872  0.942   1.00 10.09 ? 2668 G   A N7     1 
ATOM   724  C C5     . G   A 1 22 ? -7.677  -0.953  1.967   1.00 10.00 ? 2668 G   A C5     1 
ATOM   725  C C6     . G   A 1 22 ? -6.813  0.173   2.018   1.00 9.34  ? 2668 G   A C6     1 
ATOM   726  O O6     . G   A 1 22 ? -6.041  0.582   1.139   1.00 9.93  ? 2668 G   A O6     1 
ATOM   727  N N1     . G   A 1 22 ? -6.895  0.846   3.235   1.00 9.50  ? 2668 G   A N1     1 
ATOM   728  C C2     . G   A 1 22 ? -7.712  0.495   4.283   1.00 9.32  ? 2668 G   A C2     1 
ATOM   729  N N2     . G   A 1 22 ? -7.646  1.285   5.368   1.00 8.33  ? 2668 G   A N2     1 
ATOM   730  N N3     . G   A 1 22 ? -8.527  -0.557  4.248   1.00 8.85  ? 2668 G   A N3     1 
ATOM   731  C C4     . G   A 1 22 ? -8.460  -1.232  3.067   1.00 10.90 ? 2668 G   A C4     1 
ATOM   732  H "H5'"  . G   A 1 22 ? -11.856 -6.035  1.401   1.00 15.85 ? 2668 G   A "H5'"  1 
ATOM   733  H "H5''" . G   A 1 22 ? -12.982 -5.012  0.915   1.00 15.85 ? 2668 G   A "H5''" 1 
ATOM   734  H "H4'"  . G   A 1 22 ? -12.447 -4.713  3.206   1.00 16.46 ? 2668 G   A "H4'"  1 
ATOM   735  H "H3'"  . G   A 1 22 ? -11.791 -2.454  1.617   1.00 16.68 ? 2668 G   A "H3'"  1 
ATOM   736  H "H2'"  . G   A 1 22 ? -11.318 -1.318  3.585   1.00 16.11 ? 2668 G   A "H2'"  1 
ATOM   737  H "HO2'" . G   A 1 22 ? -13.029 -2.989  4.623   1.00 17.56 ? 2668 G   A "HO2'" 1 
ATOM   738  H "H1'"  . G   A 1 22 ? -9.812  -3.230  4.442   1.00 15.11 ? 2668 G   A "H1'"  1 
ATOM   739  H H8     . G   A 1 22 ? -9.151  -3.462  0.936   1.00 12.24 ? 2668 G   A H8     1 
ATOM   740  H H1     . G   A 1 22 ? -6.329  1.639   3.352   1.00 11.40 ? 2668 G   A H1     1 
ATOM   741  H H21    . G   A 1 22 ? -7.972  0.958   6.232   1.00 10.00 ? 2668 G   A H21    1 
ATOM   742  P P      . G   A 1 23 ? -14.114 -1.262  1.551   1.00 16.52 ? 2669 G   A P      1 
ATOM   743  O OP1    . G   A 1 23 ? -15.598 -1.334  1.542   1.00 19.29 ? 2669 G   A OP1    1 
ATOM   744  O OP2    . G   A 1 23 ? -13.384 -1.272  0.254   1.00 18.21 ? 2669 G   A OP2    1 
ATOM   745  O "O5'"  . G   A 1 23 ? -13.636 -0.016  2.418   1.00 13.83 ? 2669 G   A "O5'"  1 
ATOM   746  C "C5'"  . G   A 1 23 ? -13.958 0.089   3.787   1.00 13.34 ? 2669 G   A "C5'"  1 
ATOM   747  C "C4'"  . G   A 1 23 ? -13.146 1.169   4.431   1.00 11.86 ? 2669 G   A "C4'"  1 
ATOM   748  O "O4'"  . G   A 1 23 ? -11.743 0.913   4.188   1.00 11.54 ? 2669 G   A "O4'"  1 
ATOM   749  C "C3'"  . G   A 1 23 ? -13.355 2.569   3.878   1.00 12.26 ? 2669 G   A "C3'"  1 
ATOM   750  O "O3'"  . G   A 1 23 ? -14.515 3.197   4.399   1.00 15.47 ? 2669 G   A "O3'"  1 
ATOM   751  C "C2'"  . G   A 1 23 ? -12.046 3.271   4.239   1.00 11.34 ? 2669 G   A "C2'"  1 
ATOM   752  O "O2'"  . G   A 1 23 ? -12.030 3.653   5.610   1.00 9.15  ? 2669 G   A "O2'"  1 
ATOM   753  C "C1'"  . G   A 1 23 ? -11.044 2.137   4.059   1.00 11.87 ? 2669 G   A "C1'"  1 
ATOM   754  N N9     . G   A 1 23 ? -10.349 2.157   2.755   1.00 10.23 ? 2669 G   A N9     1 
ATOM   755  C C8     . G   A 1 23 ? -10.436 1.203   1.761   1.00 9.94  ? 2669 G   A C8     1 
ATOM   756  N N7     . G   A 1 23 ? -9.650  1.432   0.745   1.00 10.28 ? 2669 G   A N7     1 
ATOM   757  C C5     . G   A 1 23 ? -8.969  2.587   1.107   1.00 10.33 ? 2669 G   A C5     1 
ATOM   758  C C6     . G   A 1 23 ? -7.969  3.320   0.417   1.00 10.97 ? 2669 G   A C6     1 
ATOM   759  O O6     . G   A 1 23 ? -7.475  3.063   -0.686  1.00 11.22 ? 2669 G   A O6     1 
ATOM   760  N N1     . G   A 1 23 ? -7.545  4.448   1.140   1.00 9.33  ? 2669 G   A N1     1 
ATOM   761  C C2     . G   A 1 23 ? -8.019  4.819   2.370   1.00 8.69  ? 2669 G   A C2     1 
ATOM   762  N N2     . G   A 1 23 ? -7.490  5.932   2.888   1.00 9.05  ? 2669 G   A N2     1 
ATOM   763  N N3     . G   A 1 23 ? -8.943  4.134   3.029   1.00 9.20  ? 2669 G   A N3     1 
ATOM   764  C C4     . G   A 1 23 ? -9.375  3.042   2.350   1.00 9.50  ? 2669 G   A C4     1 
ATOM   765  H "H5'"  . G   A 1 23 ? -13.773 -0.764  4.230   1.00 16.01 ? 2669 G   A "H5'"  1 
ATOM   766  H "H5''" . G   A 1 23 ? -14.911 0.301   3.879   1.00 16.01 ? 2669 G   A "H5''" 1 
ATOM   767  H "H4'"  . G   A 1 23 ? -13.313 1.172   5.397   1.00 14.23 ? 2669 G   A "H4'"  1 
ATOM   768  H "H3'"  . G   A 1 23 ? -13.431 2.519   2.902   1.00 14.71 ? 2669 G   A "H3'"  1 
ATOM   769  H "H2'"  . G   A 1 23 ? -11.855 4.025   3.642   1.00 13.61 ? 2669 G   A "H2'"  1 
ATOM   770  H "HO2'" . G   A 1 23 ? -12.936 3.912   5.879   1.00 10.99 ? 2669 G   A "HO2'" 1 
ATOM   771  H "H1'"  . G   A 1 23 ? -10.375 2.193   4.772   1.00 14.24 ? 2669 G   A "H1'"  1 
ATOM   772  H H8     . G   A 1 23 ? -11.044 0.436   1.806   1.00 11.92 ? 2669 G   A H8     1 
ATOM   773  H H1     . G   A 1 23 ? -6.862  5.017   0.728   1.00 11.19 ? 2669 G   A H1     1 
ATOM   774  H H21    . G   A 1 23 ? -7.775  6.244   3.773   1.00 10.85 ? 2669 G   A H21    1 
ATOM   775  P P      . A   A 1 24 ? -15.528 3.993   3.425   1.00 15.85 ? 2670 A   A P      1 
ATOM   776  O OP1    . A   A 1 24 ? -16.794 4.175   4.175   1.00 17.74 ? 2670 A   A OP1    1 
ATOM   777  O OP2    . A   A 1 24 ? -15.566 3.268   2.136   1.00 17.81 ? 2670 A   A OP2    1 
ATOM   778  O "O5'"  . A   A 1 24 ? -14.794 5.401   3.238   1.00 13.33 ? 2670 A   A "O5'"  1 
ATOM   779  C "C5'"  . A   A 1 24 ? -14.488 6.206   4.364   1.00 11.77 ? 2670 A   A "C5'"  1 
ATOM   780  C "C4'"  . A   A 1 24 ? -13.513 7.299   4.023   1.00 11.77 ? 2670 A   A "C4'"  1 
ATOM   781  O "O4'"  . A   A 1 24 ? -12.193 6.744   3.786   1.00 11.40 ? 2670 A   A "O4'"  1 
ATOM   782  C "C3'"  . A   A 1 24 ? -13.800 8.083   2.759   1.00 12.76 ? 2670 A   A "C3'"  1 
ATOM   783  O "O3'"  . A   A 1 24 ? -14.851 9.025   2.925   1.00 16.14 ? 2670 A   A "O3'"  1 
ATOM   784  C "C2'"  . A   A 1 24 ? -12.433 8.697   2.465   1.00 11.24 ? 2670 A   A "C2'"  1 
ATOM   785  O "O2'"  . A   A 1 24 ? -12.149 9.767   3.357   1.00 11.82 ? 2670 A   A "O2'"  1 
ATOM   786  C "C1'"  . A   A 1 24 ? -11.519 7.525   2.818   1.00 10.96 ? 2670 A   A "C1'"  1 
ATOM   787  N N9     . A   A 1 24 ? -11.233 6.679   1.643   1.00 10.35 ? 2670 A   A N9     1 
ATOM   788  C C8     . A   A 1 24 ? -11.887 5.545   1.219   1.00 11.34 ? 2670 A   A C8     1 
ATOM   789  N N7     . A   A 1 24 ? -11.383 5.021   0.126   1.00 10.84 ? 2670 A   A N7     1 
ATOM   790  C C5     . A   A 1 24 ? -10.328 5.875   -0.201  1.00 10.65 ? 2670 A   A C5     1 
ATOM   791  C C6     . A   A 1 24 ? -9.385  5.875   -1.246  1.00 9.85  ? 2670 A   A C6     1 
ATOM   792  N N6     . A   A 1 24 ? -9.350  4.961   -2.215  1.00 9.48  ? 2670 A   A N6     1 
ATOM   793  N N1     . A   A 1 24 ? -8.475  6.872   -1.269  1.00 9.90  ? 2670 A   A N1     1 
ATOM   794  C C2     . A   A 1 24 ? -8.503  7.802   -0.306  1.00 9.70  ? 2670 A   A C2     1 
ATOM   795  N N3     . A   A 1 24 ? -9.328  7.902   0.729   1.00 10.01 ? 2670 A   A N3     1 
ATOM   796  C C4     . A   A 1 24 ? -10.226 6.898   0.727   1.00 10.26 ? 2670 A   A C4     1 
ATOM   797  H "H5'"  . A   A 1 24 ? -14.100 5.640   5.064   1.00 14.12 ? 2670 A   A "H5'"  1 
ATOM   798  H "H5''" . A   A 1 24 ? -15.315 6.609   4.702   1.00 14.12 ? 2670 A   A "H5''" 1 
ATOM   799  H "H4'"  . A   A 1 24 ? -13.462 7.924   4.777   1.00 14.13 ? 2670 A   A "H4'"  1 
ATOM   800  H "H3'"  . A   A 1 24 ? -14.036 7.460   2.040   1.00 15.31 ? 2670 A   A "H3'"  1 
ATOM   801  H "H2'"  . A   A 1 24 ? -12.343 8.962   1.525   1.00 13.49 ? 2670 A   A "H2'"  1 
ATOM   802  H "HO2'" . A   A 1 24 ? -12.730 10.526  3.141   1.00 14.19 ? 2670 A   A "HO2'" 1 
ATOM   803  H "H1'"  . A   A 1 24 ? -10.679 7.863   3.193   1.00 13.15 ? 2670 A   A "H1'"  1 
ATOM   804  H H8     . A   A 1 24 ? -12.652 5.158   1.695   1.00 13.60 ? 2670 A   A H8     1 
ATOM   805  H H61    . A   A 1 24 ? -8.674  5.023   -2.922  1.00 11.38 ? 2670 A   A H61    1 
ATOM   806  H H62    . A   A 1 24 ? -9.999  4.228   -2.219  1.00 11.38 ? 2670 A   A H62    1 
ATOM   807  H H2     . A   A 1 24 ? -7.816  8.498   -0.368  1.00 11.64 ? 2670 A   A H2     1 
ATOM   808  P P      . G   A 1 25 ? -15.489 9.784   1.655   1.00 18.90 ? 2671 G   A P      1 
ATOM   809  O OP1    . G   A 1 25 ? -16.581 10.640  2.166   1.00 21.98 ? 2671 G   A OP1    1 
ATOM   810  O OP2    . G   A 1 25 ? -15.801 8.763   0.621   1.00 17.33 ? 2671 G   A OP2    1 
ATOM   811  O "O5'"  . G   A 1 25 ? -14.280 10.683  1.193   1.00 16.93 ? 2671 G   A "O5'"  1 
ATOM   812  C "C5'"  . G   A 1 25 ? -14.234 11.215  -0.094  1.00 17.37 ? 2671 G   A "C5'"  1 
ATOM   813  C "C4'"  . G   A 1 25 ? -12.866 11.720  -0.402  1.00 16.40 ? 2671 G   A "C4'"  1 
ATOM   814  O "O4'"  . G   A 1 25 ? -11.898 10.657  -0.209  1.00 15.29 ? 2671 G   A "O4'"  1 
ATOM   815  C "C3'"  . G   A 1 25 ? -12.669 12.180  -1.822  1.00 15.57 ? 2671 G   A "C3'"  1 
ATOM   816  O "O3'"  . G   A 1 25 ? -13.098 13.512  -2.005  1.00 17.10 ? 2671 G   A "O3'"  1 
ATOM   817  C "C2'"  . G   A 1 25 ? -11.180 11.970  -2.044  1.00 14.68 ? 2671 G   A "C2'"  1 
ATOM   818  O "O2'"  . G   A 1 25 ? -10.434 13.035  -1.474  1.00 13.99 ? 2671 G   A "O2'"  1 
ATOM   819  C "C1'"  . G   A 1 25 ? -10.937 10.694  -1.231  1.00 14.55 ? 2671 G   A "C1'"  1 
ATOM   820  N N9     . G   A 1 25 ? -11.088 9.465   -2.040  1.00 14.52 ? 2671 G   A N9     1 
ATOM   821  C C8     . G   A 1 25 ? -12.048 8.472   -1.910  1.00 14.19 ? 2671 G   A C8     1 
ATOM   822  N N7     . G   A 1 25 ? -11.901 7.490   -2.769  1.00 13.63 ? 2671 G   A N7     1 
ATOM   823  C C5     . G   A 1 25 ? -10.770 7.854   -3.500  1.00 13.03 ? 2671 G   A C5     1 
ATOM   824  C C6     . G   A 1 25 ? -10.101 7.201   -4.572  1.00 12.79 ? 2671 G   A C6     1 
ATOM   825  O O6     . G   A 1 25 ? -10.383 6.119   -5.118  1.00 13.33 ? 2671 G   A O6     1 
ATOM   826  N N1     . G   A 1 25 ? -8.994  7.946   -5.001  1.00 12.66 ? 2671 G   A N1     1 
ATOM   827  C C2     . G   A 1 25 ? -8.582  9.155   -4.482  1.00 12.37 ? 2671 G   A C2     1 
ATOM   828  N N2     . G   A 1 25 ? -7.499  9.721   -5.036  1.00 12.07 ? 2671 G   A N2     1 
ATOM   829  N N3     . G   A 1 25 ? -9.194  9.770   -3.489  1.00 11.81 ? 2671 G   A N3     1 
ATOM   830  C C4     . G   A 1 25 ? -10.259 9.065   -3.057  1.00 12.84 ? 2671 G   A C4     1 
ATOM   831  H "H5'"  . G   A 1 25 ? -14.874 11.955  -0.161  1.00 20.84 ? 2671 G   A "H5'"  1 
ATOM   832  H "H5''" . G   A 1 25 ? -14.475 10.520  -0.741  1.00 20.84 ? 2671 G   A "H5''" 1 
ATOM   833  H "H4'"  . G   A 1 25 ? -12.655 12.459  0.206   1.00 19.68 ? 2671 G   A "H4'"  1 
ATOM   834  H "H3'"  . G   A 1 25 ? -13.171 11.592  -2.425  1.00 18.68 ? 2671 G   A "H3'"  1 
ATOM   835  H "H2'"  . G   A 1 25 ? -10.970 11.841  -2.993  1.00 17.61 ? 2671 G   A "H2'"  1 
ATOM   836  H "HO2'" . G   A 1 25 ? -10.221 13.687  -2.174  1.00 16.78 ? 2671 G   A "HO2'" 1 
ATOM   837  H "H1'"  . G   A 1 25 ? -10.040 10.721  -0.837  1.00 17.46 ? 2671 G   A "H1'"  1 
ATOM   838  H H8     . G   A 1 25 ? -12.767 8.502   -1.244  1.00 17.03 ? 2671 G   A H8     1 
ATOM   839  H H1     . G   A 1 25 ? -8.472  7.579   -5.744  1.00 15.19 ? 2671 G   A H1     1 
ATOM   840  H H21    . G   A 1 25 ? -6.960  10.358  -4.521  1.00 14.48 ? 2671 G   A H21    1 
ATOM   841  P P      . U   A 1 26 ? -14.037 13.896  -3.246  1.00 15.80 ? 2672 U   A P      1 
ATOM   842  O OP1    . U   A 1 26 ? -14.480 15.288  -3.028  1.00 15.43 ? 2672 U   A OP1    1 
ATOM   843  O OP2    . U   A 1 26 ? -15.053 12.828  -3.381  1.00 16.54 ? 2672 U   A OP2    1 
ATOM   844  O "O5'"  . U   A 1 26 ? -13.032 13.839  -4.467  1.00 13.57 ? 2672 U   A "O5'"  1 
ATOM   845  C "C5'"  . U   A 1 26 ? -11.833 14.596  -4.455  1.00 12.74 ? 2672 U   A "C5'"  1 
ATOM   846  C "C4'"  . U   A 1 26 ? -10.901 14.123  -5.525  1.00 13.84 ? 2672 U   A "C4'"  1 
ATOM   847  O "O4'"  . U   A 1 26 ? -10.379 12.813  -5.171  1.00 13.78 ? 2672 U   A "O4'"  1 
ATOM   848  C "C3'"  . U   A 1 26 ? -11.536 13.899  -6.889  1.00 14.12 ? 2672 U   A "C3'"  1 
ATOM   849  O "O3'"  . U   A 1 26 ? -11.721 15.102  -7.618  1.00 15.21 ? 2672 U   A "O3'"  1 
ATOM   850  C "C2'"  . U   A 1 26 ? -10.568 12.915  -7.535  1.00 13.89 ? 2672 U   A "C2'"  1 
ATOM   851  O "O2'"  . U   A 1 26 ? -9.375  13.579  -7.944  1.00 13.66 ? 2672 U   A "O2'"  1 
ATOM   852  C "C1'"  . U   A 1 26 ? -10.229 12.028  -6.336  1.00 14.25 ? 2672 U   A "C1'"  1 
ATOM   853  N N1     . U   A 1 26 ? -11.124 10.849  -6.227  1.00 13.20 ? 2672 U   A N1     1 
ATOM   854  C C2     . U   A 1 26 ? -10.792 9.769   -7.014  1.00 13.52 ? 2672 U   A C2     1 
ATOM   855  O O2     . U   A 1 26 ? -9.842  9.800   -7.772  1.00 12.75 ? 2672 U   A O2     1 
ATOM   856  N N3     . U   A 1 26 ? -11.611 8.672   -6.884  1.00 13.38 ? 2672 U   A N3     1 
ATOM   857  C C4     . U   A 1 26 ? -12.709 8.544   -6.056  1.00 12.68 ? 2672 U   A C4     1 
ATOM   858  O O4     . U   A 1 26 ? -13.334 7.482   -6.061  1.00 13.13 ? 2672 U   A O4     1 
ATOM   859  C C5     . U   A 1 26 ? -12.995 9.709   -5.263  1.00 13.52 ? 2672 U   A C5     1 
ATOM   860  C C6     . U   A 1 26 ? -12.205 10.791  -5.370  1.00 12.93 ? 2672 U   A C6     1 
ATOM   861  H H3     . U   A 1 26 ? -11.393 7.897   -7.442  1.00 16.05 ? 2672 U   A H3     1 
ATOM   862  H H5     . U   A 1 26 ? -13.753 9.709   -4.641  1.00 16.22 ? 2672 U   A H5     1 
ATOM   863  H H6     . U   A 1 26 ? -12.407 11.575  -4.817  1.00 15.52 ? 2672 U   A H6     1 
ATOM   864  P P      . G   A 1 27 ? -12.938 15.244  -8.665  1.00 14.64 ? 2673 G   A P      1 
ATOM   865  O OP1    . G   A 1 27 ? -12.979 16.669  -9.077  1.00 14.28 ? 2673 G   A OP1    1 
ATOM   866  O OP2    . G   A 1 27 ? -14.150 14.641  -8.037  1.00 14.39 ? 2673 G   A OP2    1 
ATOM   867  O "O5'"  . G   A 1 27 ? -12.460 14.339  -9.881  1.00 15.44 ? 2673 G   A "O5'"  1 
ATOM   868  C "C5'"  . G   A 1 27 ? -11.373 14.733  -10.696 1.00 12.80 ? 2673 G   A "C5'"  1 
ATOM   869  C "C4'"  . G   A 1 27 ? -11.038 13.675  -11.713 1.00 13.84 ? 2673 G   A "C4'"  1 
ATOM   870  O "O4'"  . G   A 1 27 ? -10.555 12.478  -11.050 1.00 14.23 ? 2673 G   A "O4'"  1 
ATOM   871  C "C3'"  . G   A 1 27 ? -12.189 13.157  -12.559 1.00 14.52 ? 2673 G   A "C3'"  1 
ATOM   872  O "O3'"  . G   A 1 27 ? -12.585 14.058  -13.581 1.00 15.90 ? 2673 G   A "O3'"  1 
ATOM   873  C "C2'"  . G   A 1 27 ? -11.617 11.844  -13.080 1.00 14.53 ? 2673 G   A "C2'"  1 
ATOM   874  O "O2'"  . G   A 1 27 ? -10.680 12.073  -14.127 1.00 14.31 ? 2673 G   A "O2'"  1 
ATOM   875  C "C1'"  . G   A 1 27 ? -10.855 11.349  -11.850 1.00 14.54 ? 2673 G   A "C1'"  1 
ATOM   876  N N9     . G   A 1 27 ? -11.658 10.401  -11.062 1.00 13.45 ? 2673 G   A N9     1 
ATOM   877  C C8     . G   A 1 27 ? -12.528 10.648  -10.025 1.00 11.95 ? 2673 G   A C8     1 
ATOM   878  N N7     . G   A 1 27 ? -13.087 9.551   -9.574  1.00 11.80 ? 2673 G   A N7     1 
ATOM   879  C C5     . G   A 1 27 ? -12.548 8.536   -10.371 1.00 11.62 ? 2673 G   A C5     1 
ATOM   880  C C6     . G   A 1 27 ? -12.775 7.131   -10.370 1.00 11.86 ? 2673 G   A C6     1 
ATOM   881  O O6     . G   A 1 27 ? -13.522 6.487   -9.619  1.00 12.67 ? 2673 G   A O6     1 
ATOM   882  N N1     . G   A 1 27 ? -12.030 6.474   -11.356 1.00 12.54 ? 2673 G   A N1     1 
ATOM   883  C C2     . G   A 1 27 ? -11.167 7.087   -12.247 1.00 12.74 ? 2673 G   A C2     1 
ATOM   884  N N2     . G   A 1 27 ? -10.533 6.292   -13.136 1.00 11.40 ? 2673 G   A N2     1 
ATOM   885  N N3     . G   A 1 27 ? -10.949 8.401   -12.253 1.00 11.98 ? 2673 G   A N3     1 
ATOM   886  C C4     . G   A 1 27 ? -11.670 9.050   -11.300 1.00 12.87 ? 2673 G   A C4     1 
ATOM   887  H "H5'"  . G   A 1 27 ? -10.589 14.893  -10.129 1.00 15.36 ? 2673 G   A "H5'"  1 
ATOM   888  H "H5''" . G   A 1 27 ? -11.606 15.563  -11.161 1.00 15.36 ? 2673 G   A "H5''" 1 
ATOM   889  H "H4'"  . G   A 1 27 ? -10.336 14.015  -12.306 1.00 16.61 ? 2673 G   A "H4'"  1 
ATOM   890  H "H3'"  . G   A 1 27 ? -12.956 12.967  -11.981 1.00 17.42 ? 2673 G   A "H3'"  1 
ATOM   891  H "HO3'" . G   A 1 27 ? -12.541 13.784  -14.521 1.00 19.08 ? 2673 G   A "HO3'" 1 
ATOM   892  H "H2'"  . G   A 1 27 ? -12.322 11.219  -13.348 1.00 17.43 ? 2673 G   A "H2'"  1 
ATOM   893  H "HO2'" . G   A 1 27 ? -10.535 13.038  -14.219 1.00 17.17 ? 2673 G   A "HO2'" 1 
ATOM   894  H "H1'"  . G   A 1 27 ? -10.021 10.917  -12.132 1.00 17.44 ? 2673 G   A "H1'"  1 
ATOM   895  H H8     . G   A 1 27 ? -12.700 11.539  -9.658  1.00 14.33 ? 2673 G   A H8     1 
ATOM   896  H H1     . G   A 1 27 ? -12.126 5.500   -11.419 1.00 15.04 ? 2673 G   A H1     1 
ATOM   897  H H21    . G   A 1 27 ? -9.937  6.685   -13.806 1.00 13.69 ? 2673 G   A H21    1 
HETATM 898  O O      . HOH B 2 .  ? 17.278  -4.141  -3.735  1.00 9.30  ? 1    HOH A O      1 
HETATM 899  O O      . HOH B 2 .  ? 21.624  -8.565  2.424   1.00 9.12  ? 2    HOH A O      1 
HETATM 900  O O      . HOH B 2 .  ? -3.189  -0.538  1.505   1.00 12.44 ? 3    HOH A O      1 
HETATM 901  O O      . HOH B 2 .  ? 15.055  -4.299  7.265   1.00 12.14 ? 4    HOH A O      1 
HETATM 902  O O      . HOH B 2 .  ? 6.378   -16.360 5.442   1.00 10.74 ? 5    HOH A O      1 
HETATM 903  O O      . HOH B 2 .  ? 17.892  -11.038 -2.863  1.00 11.37 ? 6    HOH A O      1 
HETATM 904  O O      . HOH B 2 .  ? -2.190  -2.592  5.206   1.00 13.11 ? 7    HOH A O      1 
HETATM 905  O O      . HOH B 2 .  ? -8.503  7.454   5.359   1.00 9.68  ? 8    HOH A O      1 
HETATM 906  O O      . HOH B 2 .  ? 8.417   -4.546  9.516   1.00 15.08 ? 9    HOH A O      1 
HETATM 907  O O      . HOH B 2 .  ? 4.570   2.806   4.948   1.00 18.54 ? 10   HOH A O      1 
HETATM 908  O O      . HOH B 2 .  ? 12.594  -2.828  6.981   1.00 17.10 ? 11   HOH A O      1 
HETATM 909  O O      . HOH B 2 .  ? 11.377  -12.971 8.597   1.00 13.31 ? 12   HOH A O      1 
HETATM 910  O O      . HOH B 2 .  ? -1.593  2.967   -0.269  1.00 22.77 ? 13   HOH A O      1 
HETATM 911  O O      . HOH B 2 .  ? 12.727  -10.533 9.229   1.00 14.35 ? 14   HOH A O      1 
HETATM 912  O O      . HOH B 2 .  ? -7.106  -1.669  -1.737  1.00 15.33 ? 15   HOH A O      1 
HETATM 913  O O      . HOH B 2 .  ? -3.411  0.639   -1.219  1.00 17.14 ? 16   HOH A O      1 
HETATM 914  O O      . HOH B 2 .  ? -8.262  10.244  1.899   1.00 12.40 ? 17   HOH A O      1 
HETATM 915  O O      . HOH B 2 .  ? -11.489 -9.158  -0.757  1.00 20.14 ? 18   HOH A O      1 
HETATM 916  O O      . HOH B 2 .  ? -6.179  0.941   -2.203  1.00 23.73 ? 19   HOH A O      1 
HETATM 917  O O      . HOH B 2 .  ? -6.467  2.502   -4.265  1.00 13.22 ? 20   HOH A O      1 
HETATM 918  O O      . HOH B 2 .  ? -11.994 3.838   -12.035 1.00 13.01 ? 21   HOH A O      1 
HETATM 919  O O      . HOH B 2 .  ? 7.589   -8.227  10.915  1.00 16.72 ? 22   HOH A O      1 
HETATM 920  O O      . HOH B 2 .  ? -1.404  -7.483  7.618   1.00 23.80 ? 23   HOH A O      1 
HETATM 921  O O      . HOH B 2 .  ? 0.170   0.850   0.128   1.00 16.78 ? 24   HOH A O      1 
HETATM 922  O O      . HOH B 2 .  ? -9.626  0.349   -1.907  1.00 14.76 ? 25   HOH A O      1 
HETATM 923  O O      . HOH B 2 .  ? -3.748  -1.470  -3.757  1.00 18.98 ? 26   HOH A O      1 
HETATM 924  O O      . HOH B 2 .  ? -5.265  8.629   9.330   1.00 22.32 ? 27   HOH A O      1 
HETATM 925  O O      . HOH B 2 .  ? 14.643  -13.926 1.539   1.00 19.91 ? 28   HOH A O      1 
HETATM 926  O O      . HOH B 2 .  ? 5.283   -15.071 9.775   1.00 29.60 ? 29   HOH A O      1 
HETATM 927  O O      . HOH B 2 .  ? 1.101   3.853   2.083   1.00 21.74 ? 30   HOH A O      1 
HETATM 928  O O      . HOH B 2 .  ? 10.198  -8.573  9.764   1.00 21.82 ? 31   HOH A O      1 
HETATM 929  O O      . HOH B 2 .  ? -10.337 -7.979  3.683   1.00 19.39 ? 32   HOH A O      1 
HETATM 930  O O      . HOH B 2 .  ? 12.569  0.587   1.803   1.00 16.98 ? 33   HOH A O      1 
HETATM 931  O O      . HOH B 2 .  ? 4.808   1.741   12.327  1.00 19.18 ? 34   HOH A O      1 
HETATM 932  O O      . HOH B 2 .  ? 8.516   -17.536 7.859   1.00 18.21 ? 35   HOH A O      1 
HETATM 933  O O      . HOH B 2 .  ? -7.713  11.987  -9.271  1.00 13.73 ? 36   HOH A O      1 
HETATM 934  O O      . HOH B 2 .  ? 2.063   12.798  -2.018  1.00 16.61 ? 37   HOH A O      1 
HETATM 935  O O      . HOH B 2 .  ? 8.593   -10.963 9.575   1.00 30.50 ? 38   HOH A O      1 
HETATM 936  O O      . HOH B 2 .  ? -0.485  5.827   1.116   0.93 23.87 ? 39   HOH A O      1 
HETATM 937  O O      . HOH B 2 .  ? 4.896   -7.692  0.094   1.00 26.35 ? 40   HOH A O      1 
HETATM 938  O O      . HOH B 2 .  ? -2.012  2.745   13.224  1.00 25.76 ? 41   HOH A O      1 
HETATM 939  O O      . HOH B 2 .  ? 8.054   -14.681 10.292  1.00 19.98 ? 42   HOH A O      1 
HETATM 940  O O      . HOH B 2 .  ? 2.496   -3.632  -4.309  1.00 25.33 ? 43   HOH A O      1 
HETATM 941  O O      . HOH B 2 .  ? -13.673 -2.129  7.333   1.00 22.67 ? 44   HOH A O      1 
HETATM 942  O O      . HOH B 2 .  ? -5.262  -2.410  6.560   0.93 44.07 ? 45   HOH A O      1 
HETATM 943  O O      . HOH B 2 .  ? -15.031 12.150  -6.618  1.00 24.75 ? 46   HOH A O      1 
HETATM 944  O O      . HOH B 2 .  ? 3.392   5.395   6.011   0.96 20.51 ? 47   HOH A O      1 
HETATM 945  O O      . HOH B 2 .  ? -3.180  7.077   11.839  1.00 23.18 ? 48   HOH A O      1 
HETATM 946  O O      . HOH B 2 .  ? 1.140   7.805   7.926   1.00 22.87 ? 49   HOH A O      1 
HETATM 947  O O      . HOH B 2 .  ? 8.777   -0.151  -4.812  0.94 27.70 ? 50   HOH A O      1 
HETATM 948  O O      . HOH B 2 .  ? 11.385  -1.636  8.924   1.00 33.06 ? 51   HOH A O      1 
HETATM 949  O O      . HOH B 2 .  ? 15.222  0.708   2.512   1.00 20.61 ? 52   HOH A O      1 
HETATM 950  O O      . HOH B 2 .  ? -17.011 -0.726  -12.401 1.00 30.98 ? 53   HOH A O      1 
HETATM 951  O O      . HOH B 2 .  ? -9.631  -6.169  5.750   1.00 25.16 ? 54   HOH A O      1 
HETATM 952  O O      . HOH B 2 .  ? 12.756  0.858   5.241   1.00 25.21 ? 55   HOH A O      1 
HETATM 953  O O      . HOH B 2 .  ? -12.311 4.726   -7.259  1.00 20.26 ? 56   HOH A O      1 
HETATM 954  O O      . HOH B 2 .  ? -2.938  9.546   9.528   1.00 19.42 ? 57   HOH A O      1 
HETATM 955  O O      . HOH B 2 .  ? 3.791   2.358   0.580   1.00 47.38 ? 58   HOH A O      1 
HETATM 956  O O      . HOH B 2 .  ? -0.632  -9.212  -2.852  1.00 20.01 ? 59   HOH A O      1 
HETATM 957  O O      . HOH B 2 .  ? -11.302 -1.509  -1.839  1.00 23.93 ? 60   HOH A O      1 
HETATM 958  O O      . HOH B 2 .  ? -3.359  3.071   -3.751  1.00 21.71 ? 61   HOH A O      1 
HETATM 959  O O      . HOH B 2 .  ? 18.102  -1.923  7.842   1.00 27.41 ? 62   HOH A O      1 
HETATM 960  O O      . HOH B 2 .  ? -1.034  5.746   -3.632  1.00 19.96 ? 63   HOH A O      1 
HETATM 961  O O      . HOH B 2 .  ? 10.654  2.602   -0.771  0.70 40.25 ? 64   HOH A O      1 
HETATM 962  O O      . HOH B 2 .  ? 2.569   -0.284  -3.966  1.00 33.91 ? 65   HOH A O      1 
HETATM 963  O O      . HOH B 2 .  ? 12.261  -11.762 0.358   1.00 18.74 ? 66   HOH A O      1 
HETATM 964  O O      . HOH B 2 .  ? -12.187 -8.173  -3.123  1.00 28.12 ? 67   HOH A O      1 
HETATM 965  O O      . HOH B 2 .  ? 15.662  -16.145 2.925   1.00 27.73 ? 68   HOH A O      1 
HETATM 966  O O      . HOH B 2 .  ? 16.306  -5.032  9.200   1.00 38.23 ? 69   HOH A O      1 
HETATM 967  O O      . HOH B 2 .  ? 8.078   -10.780 1.654   0.98 17.54 ? 70   HOH A O      1 
HETATM 968  O O      . HOH B 2 .  ? 16.772  -14.532 -0.513  1.00 25.13 ? 71   HOH A O      1 
HETATM 969  O O      . HOH B 2 .  ? -3.013  4.079   -6.166  1.00 20.29 ? 72   HOH A O      1 
HETATM 970  O O      . HOH B 2 .  ? 10.835  -5.574  10.460  1.00 36.61 ? 73   HOH A O      1 
HETATM 971  O O      . HOH B 2 .  ? 18.102  2.674   0.338   1.00 24.59 ? 74   HOH A O      1 
HETATM 972  O O      . HOH B 2 .  ? -4.695  0.747   -5.116  1.00 39.94 ? 75   HOH A O      1 
HETATM 973  O O      . HOH B 2 .  ? -10.722 2.730   -8.135  1.00 27.91 ? 76   HOH A O      1 
HETATM 974  O O      . HOH B 2 .  ? 14.402  -1.397  5.278   1.00 22.10 ? 77   HOH A O      1 
HETATM 975  O O      . HOH B 2 .  ? 15.520  -12.557 -2.221  1.00 35.17 ? 78   HOH A O      1 
HETATM 976  O O      . HOH B 2 .  ? -5.356  -5.240  -15.690 1.00 31.65 ? 79   HOH A O      1 
HETATM 977  O O      . HOH B 2 .  ? -9.467  4.353   -15.263 1.00 19.71 ? 80   HOH A O      1 
HETATM 978  O O      . HOH B 2 .  ? -14.812 -4.486  -1.501  1.00 28.21 ? 81   HOH A O      1 
HETATM 979  O O      . HOH B 2 .  ? 6.505   -9.675  -0.433  1.00 19.69 ? 82   HOH A O      1 
HETATM 980  O O      . HOH B 2 .  ? -6.297  1.195   -9.014  1.00 17.67 ? 83   HOH A O      1 
HETATM 981  O O      . HOH B 2 .  ? 5.504   3.843   2.603   1.00 39.65 ? 84   HOH A O      1 
HETATM 982  O O      . HOH B 2 .  ? 1.122   -7.012  -3.553  0.77 15.78 ? 85   HOH A O      1 
HETATM 983  O O      . HOH B 2 .  ? -15.357 9.860   -8.000  1.00 13.97 ? 86   HOH A O      1 
HETATM 984  O O      . HOH B 2 .  ? -6.335  -2.751  -15.056 1.00 29.87 ? 87   HOH A O      1 
HETATM 985  O O      . HOH B 2 .  ? 7.733   1.924   -2.427  0.79 40.78 ? 88   HOH A O      1 
HETATM 986  O O      . HOH B 2 .  ? 14.545  1.991   -1.851  1.00 34.86 ? 89   HOH A O      1 
HETATM 987  O O      . HOH B 2 .  ? -8.197  1.634   -6.810  1.00 27.03 ? 90   HOH A O      1 
HETATM 988  O O      . HOH B 2 .  ? 1.115   3.191   -10.138 1.00 46.45 ? 91   HOH A O      1 
HETATM 989  O O      . HOH B 2 .  ? 10.505  -9.003  -0.128  1.00 29.98 ? 92   HOH A O      1 
HETATM 990  O O      . HOH B 2 .  ? 14.797  -10.685 11.666  1.00 38.91 ? 93   HOH A O      1 
HETATM 991  O O      . HOH B 2 .  ? -9.028  -2.248  -3.747  1.00 32.86 ? 94   HOH A O      1 
HETATM 992  O O      . HOH B 2 .  ? -14.491 17.521  -4.865  0.94 41.29 ? 95   HOH A O      1 
HETATM 993  O O      . HOH B 2 .  ? 12.513  3.129   2.989   1.00 35.68 ? 96   HOH A O      1 
HETATM 994  O O      . HOH B 2 .  ? -0.515  0.884   -12.829 0.76 34.81 ? 97   HOH A O      1 
HETATM 995  O O      . HOH B 2 .  ? -1.233  0.835   -6.096  1.00 34.58 ? 98   HOH A O      1 
HETATM 996  O O      . HOH B 2 .  ? -3.156  -2.294  -6.209  1.00 39.54 ? 99   HOH A O      1 
HETATM 997  O O      . HOH B 2 .  ? -6.291  -7.407  -5.952  0.75 48.01 ? 100  HOH A O      1 
HETATM 998  O O      . HOH B 2 .  ? -15.980 6.686   -7.564  1.00 38.91 ? 101  HOH A O      1 
HETATM 999  O O      . HOH B 2 .  ? 0.788   5.421   12.087  1.00 44.50 ? 102  HOH A O      1 
HETATM 1000 O O      . HOH B 2 .  ? 13.361  -7.388  10.138  1.00 49.29 ? 103  HOH A O      1 
HETATM 1001 O O      . HOH B 2 .  ? 10.052  -10.815 12.296  0.99 37.12 ? 104  HOH A O      1 
HETATM 1002 O O      . HOH B 2 .  ? 7.825   -18.523 9.349   1.00 46.28 ? 105  HOH A O      1 
HETATM 1003 O O      . HOH B 2 .  ? -7.223  -4.178  6.297   1.00 38.63 ? 106  HOH A O      1 
HETATM 1004 O O      . HOH B 2 .  ? -6.764  12.433  -4.662  1.00 22.18 ? 107  HOH A O      1 
HETATM 1005 O O      . HOH B 2 .  ? 0.222   3.262   -6.570  1.00 52.62 ? 108  HOH A O      1 
HETATM 1006 O O      . HOH B 2 .  ? -3.683  -2.849  9.766   1.00 19.99 ? 109  HOH A O      1 
HETATM 1007 O O      . HOH B 2 .  ? -0.815  -3.541  9.687   1.00 28.92 ? 110  HOH A O      1 
HETATM 1008 O O      . HOH B 2 .  ? -4.294  8.557   -13.258 1.00 51.81 ? 111  HOH A O      1 
HETATM 1009 O O      . HOH B 2 .  ? -18.078 6.713   1.527   0.66 33.32 ? 112  HOH A O      1 
HETATM 1010 O O      . HOH B 2 .  ? 10.160  -11.424 0.235   1.00 39.35 ? 113  HOH A O      1 
HETATM 1011 O O      . HOH B 2 .  ? 8.153   -2.445  -5.626  0.62 20.56 ? 114  HOH A O      1 
HETATM 1012 O O      . HOH B 2 .  ? -12.521 12.136  3.420   0.91 33.69 ? 115  HOH A O      1 
HETATM 1013 O O      . HOH B 2 .  ? -6.873  8.130   -13.849 1.00 33.94 ? 116  HOH A O      1 
HETATM 1014 O O      . HOH B 2 .  ? -4.999  -4.491  8.114   1.00 24.32 ? 117  HOH A O      1 
HETATM 1015 O O      . HOH B 2 .  ? -1.130  3.342   -2.158  1.00 58.81 ? 118  HOH A O      1 
HETATM 1016 O O      . HOH B 2 .  ? -4.120  1.952   -7.084  0.97 43.18 ? 119  HOH A O      1 
HETATM 1017 O O      . HOH B 2 .  ? 0.721   5.827   -0.599  0.74 26.75 ? 120  HOH A O      1 
HETATM 1018 O O      . HOH B 2 .  ? 16.916  -17.262 -0.707  1.00 35.37 ? 121  HOH A O      1 
HETATM 1019 O O      . HOH B 2 .  ? 20.101  -0.105  5.049   0.71 41.16 ? 122  HOH A O      1 
HETATM 1020 O O      . HOH B 2 .  ? 0.243   4.008   13.904  1.00 35.40 ? 123  HOH A O      1 
HETATM 1021 O O      . HOH B 2 .  ? 14.222  -18.238 4.114   1.00 45.80 ? 124  HOH A O      1 
HETATM 1022 O O      . HOH B 2 .  ? -1.125  -11.635 -3.531  0.86 20.58 ? 125  HOH A O      1 
HETATM 1023 O O      . HOH B 2 .  ? -15.826 9.709   -3.304  1.00 43.99 ? 126  HOH A O      1 
HETATM 1024 O O      . HOH B 2 .  ? -6.872  12.616  -11.883 1.00 39.30 ? 127  HOH A O      1 
HETATM 1025 O O      . HOH B 2 .  ? -0.276  -5.859  -5.792  0.88 44.52 ? 128  HOH A O      1 
HETATM 1026 O O      . HOH B 2 .  ? -11.271 2.066   -10.229 1.00 51.30 ? 129  HOH A O      1 
HETATM 1027 O O      . HOH B 2 .  ? -17.285 9.558   -1.513  0.81 43.87 ? 130  HOH A O      1 
HETATM 1028 O O      . HOH B 2 .  ? -15.082 4.614   -0.214  0.78 43.56 ? 131  HOH A O      1 
HETATM 1029 O O      . HOH B 2 .  ? 5.490   -3.036  -4.057  0.83 36.16 ? 132  HOH A O      1 
HETATM 1030 O O      . HOH B 2 .  ? -15.688 17.030  -10.779 1.00 49.41 ? 133  HOH A O      1 
HETATM 1031 O O      . HOH B 2 .  ? -12.945 4.892   -3.463  1.00 29.65 ? 134  HOH A O      1 
HETATM 1032 O O      . HOH B 2 .  ? 4.950   -6.522  -3.039  1.00 60.29 ? 135  HOH A O      1 
HETATM 1033 O O      . HOH B 2 .  ? 6.085   -14.217 11.336  1.00 55.59 ? 136  HOH A O      1 
HETATM 1034 O O      . HOH B 2 .  ? 19.435  1.481   2.747   1.00 29.41 ? 137  HOH A O      1 
HETATM 1035 O O      . HOH B 2 .  ? -6.778  11.138  -0.208  1.00 11.96 ? 138  HOH A O      1 
HETATM 1036 O O      . HOH B 2 .  ? -7.824  13.047  -1.915  1.00 13.33 ? 139  HOH A O      1 
HETATM 1037 O O      . HOH B 2 .  ? -0.548  -9.499  5.785   1.00 22.63 ? 140  HOH A O      1 
HETATM 1038 O O      . HOH B 2 .  ? -14.804 6.765   -0.850  1.00 24.76 ? 141  HOH A O      1 
HETATM 1039 O O      . HOH B 2 .  ? 11.262  -3.709  14.018  1.00 83.14 ? 142  HOH A O      1 
HETATM 1040 O O      . HOH B 2 .  ? 17.925  -0.369  3.640   1.00 43.95 ? 143  HOH A O      1 
HETATM 1041 O O      . HOH B 2 .  ? -2.449  -9.495  6.281   1.00 55.75 ? 144  HOH A O      1 
HETATM 1042 O O      . HOH B 2 .  ? 7.749   -4.104  13.499  1.00 47.58 ? 145  HOH A O      1 
HETATM 1043 O O      . HOH B 2 .  ? 15.527  3.087   0.594   1.00 33.76 ? 146  HOH A O      1 
HETATM 1044 O O      . HOH B 2 .  ? -6.322  -8.494  4.900   1.00 36.73 ? 147  HOH A O      1 
HETATM 1045 O O      . HOH B 2 .  ? 19.755  -14.135 9.643   1.00 28.37 ? 148  HOH A O      1 
HETATM 1046 O O      . HOH B 2 .  ? 3.350   5.854   1.881   1.00 62.26 ? 149  HOH A O      1 
HETATM 1047 O O      . HOH B 2 .  ? -17.285 0.939   1.896   0.95 39.73 ? 150  HOH A O      1 
HETATM 1048 O O      . HOH B 2 .  ? 0.210   0.908   -2.979  1.00 54.17 ? 151  HOH A O      1 
HETATM 1049 O O      . HOH B 2 .  ? -10.768 2.442   -3.053  1.00 33.49 ? 152  HOH A O      1 
HETATM 1050 O O      . HOH B 2 .  ? -12.836 2.473   -1.262  1.00 40.65 ? 153  HOH A O      1 
HETATM 1051 O O      . HOH B 2 .  ? 9.244   -7.470  -3.567  1.00 69.31 ? 154  HOH A O      1 
HETATM 1052 O O      . HOH B 2 .  ? -2.839  -11.839 -4.549  0.85 45.31 ? 155  HOH A O      1 
HETATM 1053 O O      . HOH B 2 .  ? 4.780   -8.885  13.357  1.00 44.17 ? 156  HOH A O      1 
HETATM 1054 O O      . HOH B 2 .  ? 3.004   9.388   5.298   1.00 55.83 ? 157  HOH A O      1 
HETATM 1055 O O      . HOH B 2 .  ? 15.579  2.048   5.025   1.00 43.98 ? 158  HOH A O      1 
HETATM 1056 O O      . HOH B 2 .  ? 7.042   5.830   5.921   0.94 50.84 ? 159  HOH A O      1 
HETATM 1057 O O      . HOH B 2 .  ? -8.106  -2.542  -17.138 1.00 41.29 ? 160  HOH A O      1 
HETATM 1058 O O      . HOH B 2 .  ? 4.389   -6.335  -5.717  0.62 46.69 ? 161  HOH A O      1 
HETATM 1059 O O      . HOH B 2 .  ? -11.205 -0.393  -6.051  1.00 59.62 ? 162  HOH A O      1 
HETATM 1060 O O      . HOH B 2 .  ? -13.033 1.408   -5.683  1.00 53.03 ? 163  HOH A O      1 
HETATM 1061 O O      . HOH B 2 .  ? -16.276 -1.368  6.462   1.00 37.11 ? 164  HOH A O      1 
HETATM 1062 O O      . HOH B 2 .  ? -12.374 -6.606  6.069   1.00 31.58 ? 165  HOH A O      1 
HETATM 1063 O O      . HOH B 2 .  ? 13.295  3.470   7.150   1.00 53.98 ? 166  HOH A O      1 
HETATM 1064 O O      . HOH B 2 .  ? 16.918  6.193   4.178   1.00 61.79 ? 167  HOH A O      1 
HETATM 1065 O O      . HOH B 2 .  ? 2.212   5.737   3.988   0.91 39.58 ? 168  HOH A O      1 
HETATM 1066 O O      . HOH B 2 .  ? 1.102   4.995   5.467   0.36 71.59 ? 169  HOH A O      1 
HETATM 1067 O O      . HOH B 2 .  ? -14.378 3.798   -6.023  1.00 58.18 ? 170  HOH A O      1 
HETATM 1068 O O      . HOH B 2 .  ? 5.215   7.564   3.651   0.87 47.82 ? 171  HOH A O      1 
HETATM 1069 O O      . HOH B 2 .  ? 13.803  -6.097  12.687  1.00 57.31 ? 172  HOH A O      1 
HETATM 1070 O O      . HOH B 2 .  ? 15.581  -0.814  8.099   1.00 47.30 ? 173  HOH A O      1 
HETATM 1071 O O      . HOH B 2 .  ? -4.335  -6.048  8.968   1.00 61.75 ? 174  HOH A O      1 
HETATM 1072 O O      . HOH B 2 .  ? -10.591 2.329   -5.088  1.00 35.37 ? 175  HOH A O      1 
HETATM 1073 O O      . HOH B 2 .  ? -16.105 15.846  -6.691  1.00 36.53 ? 176  HOH A O      1 
HETATM 1074 O O      . HOH B 2 .  ? 7.562   5.880   3.285   0.96 49.13 ? 178  HOH A O      1 
HETATM 1075 O O      . HOH B 2 .  ? -5.085  -6.160  -13.962 0.98 72.80 ? 179  HOH A O      1 
HETATM 1076 O O      . HOH B 2 .  ? -15.730 6.737   -4.655  1.00 56.36 ? 180  HOH A O      1 
HETATM 1077 O O      . HOH B 2 .  ? 16.852  3.693   3.726   1.00 57.32 ? 181  HOH A O      1 
HETATM 1078 O O      . HOH B 2 .  ? -11.119 -0.052  -10.098 1.00 44.23 ? 182  HOH A O      1 
HETATM 1079 O O      . HOH B 2 .  ? -6.680  -12.447 -4.468  0.80 41.23 ? 183  HOH A O      1 
HETATM 1080 O O      . HOH B 2 .  ? 10.948  -6.195  -1.557  1.00 23.53 ? 184  HOH A O      1 
HETATM 1081 O O      . HOH B 2 .  ? -0.283  8.603   -13.099 1.00 64.88 ? 185  HOH A O      1 
HETATM 1082 O O      . HOH B 2 .  ? 12.244  -9.050  10.980  0.77 43.19 ? 186  HOH A O      1 
HETATM 1083 O O      . HOH B 2 .  ? 10.673  -8.075  -2.308  1.00 51.44 ? 187  HOH A O      1 
HETATM 1084 O O      . HOH B 2 .  ? 2.869   8.023   -11.469 1.00 36.51 ? 188  HOH A O      1 
HETATM 1085 O O      . HOH B 2 .  ? -4.250  -13.946 -5.775  0.97 43.10 ? 189  HOH A O      1 
HETATM 1086 O O      . HOH B 2 .  ? 0.940   7.069   -12.426 1.00 47.27 ? 190  HOH A O      1 
HETATM 1087 O O      . HOH B 2 .  ? -3.068  -14.384 -8.436  0.71 60.69 ? 191  HOH A O      1 
HETATM 1088 O O      . HOH B 2 .  ? 8.801   -6.727  -1.414  1.00 64.58 ? 192  HOH A O      1 
HETATM 1089 O O      . HOH B 2 .  ? 7.157   -5.748  -5.625  1.00 49.75 ? 193  HOH A O      1 
HETATM 1090 O O      . HOH B 2 .  ? -2.016  -4.103  8.402   1.00 43.73 ? 194  HOH A O      1 
HETATM 1091 O O      . HOH B 2 .  ? -4.679  -10.223 3.796   1.00 33.02 ? 195  HOH A O      1 
HETATM 1092 O O      . HOH B 2 .  ? -4.265  -11.711 5.440   1.00 37.27 ? 196  HOH A O      1 
HETATM 1093 O O      . HOH B 2 .  ? -5.181  -7.331  7.683   1.00 32.17 ? 197  HOH A O      1 
HETATM 1094 O O      . HOH B 2 .  ? -3.910  -9.183  9.937   1.00 35.28 ? 198  HOH A O      1 
HETATM 1095 O O      . HOH B 2 .  ? -16.179 3.217   -5.786  1.00 35.94 ? 199  HOH A O      1 
# 
loop_
_atom_site_anisotrop.id 
_atom_site_anisotrop.type_symbol 
_atom_site_anisotrop.pdbx_label_atom_id 
_atom_site_anisotrop.pdbx_label_alt_id 
_atom_site_anisotrop.pdbx_label_comp_id 
_atom_site_anisotrop.pdbx_label_asym_id 
_atom_site_anisotrop.pdbx_label_seq_id 
_atom_site_anisotrop.pdbx_PDB_ins_code 
_atom_site_anisotrop.U[1][1] 
_atom_site_anisotrop.U[2][2] 
_atom_site_anisotrop.U[3][3] 
_atom_site_anisotrop.U[1][2] 
_atom_site_anisotrop.U[1][3] 
_atom_site_anisotrop.U[2][3] 
_atom_site_anisotrop.pdbx_auth_seq_id 
_atom_site_anisotrop.pdbx_auth_comp_id 
_atom_site_anisotrop.pdbx_auth_asym_id 
_atom_site_anisotrop.pdbx_auth_atom_id 
1    O "O5'" . U   A 1  ? 0.5494 0.3790 0.4774 -0.0753 -0.1626 -0.0650 2647 U   A "O5'" 
2    C "C5'" . U   A 1  ? 0.5078 0.3584 0.4990 -0.0617 -0.1798 -0.0426 2647 U   A "C5'" 
3    C "C4'" . U   A 1  ? 0.4017 0.3322 0.4399 -0.0414 -0.1723 -0.0141 2647 U   A "C4'" 
4    O "O4'" . U   A 1  ? 0.3307 0.2928 0.4556 -0.0013 -0.1570 0.0041  2647 U   A "O4'" 
5    C "C3'" . U   A 1  ? 0.3560 0.3286 0.4102 -0.0470 -0.1467 -0.0256 2647 U   A "C3'" 
6    O "O3'" A U   A 1  ? 0.3550 0.3430 0.3981 -0.0441 -0.1309 -0.0300 2647 U   A "O3'" 
7    O "O3'" B U   A 1  ? 0.3759 0.3022 0.3775 -0.0604 -0.1025 -0.0407 2647 U   A "O3'" 
8    C "C2'" . U   A 1  ? 0.3606 0.3044 0.4311 -0.0246 -0.1355 -0.0163 2647 U   A "C2'" 
9    O "O2'" . U   A 1  ? 0.3901 0.2961 0.4204 -0.0344 -0.0963 -0.0189 2647 U   A "O2'" 
10   C "C1'" . U   A 1  ? 0.3216 0.2707 0.4653 0.0239  -0.1562 -0.0123 2647 U   A "C1'" 
11   N N1    . U   A 1  ? 0.2986 0.2190 0.5233 0.0744  -0.1732 -0.0310 2647 U   A N1    
12   C C2    . U   A 1  ? 0.2976 0.2082 0.5230 0.0833  -0.1441 -0.0355 2647 U   A C2    
13   O O2    . U   A 1  ? 0.3039 0.2051 0.5456 0.0836  -0.1316 -0.0358 2647 U   A O2    
14   N N3    . U   A 1  ? 0.2943 0.2070 0.5278 0.0820  -0.1431 -0.0408 2647 U   A N3    
15   C C4    . U   A 1  ? 0.3154 0.2068 0.5334 0.0798  -0.1671 -0.0537 2647 U   A C4    
16   O O4    . U   A 1  ? 0.3512 0.2072 0.5751 0.0804  -0.1671 -0.0654 2647 U   A O4    
17   C C5    . U   A 1  ? 0.3125 0.2127 0.5334 0.0728  -0.1830 -0.0413 2647 U   A C5    
18   C C6    . U   A 1  ? 0.3119 0.2167 0.5261 0.0736  -0.1822 -0.0329 2647 U   A C6    
22   P P     A G   A 2  ? 0.3516 0.3396 0.3745 -0.0426 -0.1241 -0.0267 2648 G   A P     
23   P P     B G   A 2  ? 0.3881 0.2645 0.3400 -0.0721 -0.0653 -0.0489 2648 G   A P     
24   O OP1   A G   A 2  ? 0.3662 0.3444 0.3899 -0.0435 -0.1272 -0.0290 2648 G   A OP1   
25   O OP1   B G   A 2  ? 0.4372 0.2629 0.3680 -0.0674 -0.0690 -0.0567 2648 G   A OP1   
26   O OP2   A G   A 2  ? 0.3478 0.3407 0.3901 -0.0435 -0.1234 -0.0237 2648 G   A OP2   
27   O OP2   B G   A 2  ? 0.4274 0.2603 0.3907 -0.0819 -0.0361 -0.0330 2648 G   A OP2   
28   O "O5'" A G   A 2  ? 0.3237 0.3212 0.3214 -0.0400 -0.1030 -0.0258 2648 G   A "O5'" 
29   O "O5'" B G   A 2  ? 0.2905 0.2473 0.2920 -0.0794 -0.0714 -0.0426 2648 G   A "O5'" 
30   C "C5'" A G   A 2  ? 0.2770 0.3062 0.2655 -0.0335 -0.0784 -0.0259 2648 G   A "C5'" 
31   C "C5'" B G   A 2  ? 0.2088 0.2396 0.2497 -0.0600 -0.0257 -0.0575 2648 G   A "C5'" 
32   C "C4'" A G   A 2  ? 0.2378 0.2921 0.2143 -0.0264 -0.0617 -0.0257 2648 G   A "C4'" 
33   C "C4'" B G   A 2  ? 0.1547 0.2363 0.2094 -0.0355 -0.0070 -0.0569 2648 G   A "C4'" 
34   O "O4'" A G   A 2  ? 0.2295 0.2907 0.1933 -0.0265 -0.0484 -0.0307 2648 G   A "O4'" 
35   O "O4'" B G   A 2  ? 0.1893 0.2390 0.1784 -0.0340 0.0185  -0.0509 2648 G   A "O4'" 
36   C "C3'" A G   A 2  ? 0.2229 0.2786 0.1895 -0.0198 -0.0587 -0.0230 2648 G   A "C3'" 
37   C "C3'" B G   A 2  ? 0.1546 0.2163 0.1996 -0.0074 -0.0218 -0.0627 2648 G   A "C3'" 
38   O "O3'" A G   A 2  ? 0.2114 0.2596 0.1927 -0.0149 -0.0587 -0.0125 2648 G   A "O3'" 
39   O "O3'" B G   A 2  ? 0.1919 0.1952 0.2343 0.0149  -0.0198 -0.0725 2648 G   A "O3'" 
40   C "C2'" A G   A 2  ? 0.2210 0.2847 0.1608 -0.0226 -0.0466 -0.0308 2648 G   A "C2'" 
41   C "C2'" B G   A 2  ? 0.1749 0.2096 0.1485 0.0031  -0.0134 -0.0476 2648 G   A "C2'" 
42   O "O2'" A G   A 2  ? 0.2298 0.2861 0.1394 -0.0222 -0.0417 -0.0330 2648 G   A "O2'" 
43   O "O2'" B G   A 2  ? 0.2589 0.2072 0.1021 -0.0101 -0.0103 -0.0384 2648 G   A "O2'" 
44   C "C1'" A G   A 2  ? 0.2136 0.2892 0.1711 -0.0252 -0.0468 -0.0340 2648 G   A "C1'" 
45   C "C1'" B G   A 2  ? 0.1820 0.2260 0.1500 -0.0171 0.0089  -0.0454 2648 G   A "C1'" 
46   N N9    A G   A 2  ? 0.1969 0.2886 0.1657 -0.0227 -0.0547 -0.0416 2648 G   A N9    
47   N N9    B G   A 2  ? 0.1963 0.2155 0.1525 -0.0011 -0.0131 -0.0348 2648 G   A N9    
48   C C8    A G   A 2  ? 0.1929 0.2846 0.1521 -0.0214 -0.0537 -0.0404 2648 G   A C8    
49   C C8    B G   A 2  ? 0.1989 0.1992 0.1133 0.0015  -0.0022 -0.0132 2648 G   A C8    
50   N N7    A G   A 2  ? 0.1791 0.2828 0.1509 -0.0190 -0.0690 -0.0374 2648 G   A N7    
51   N N7    B G   A 2  ? 0.1883 0.1925 0.1400 0.0058  -0.0473 0.0062  2648 G   A N7    
52   C C5    A G   A 2  ? 0.1682 0.2799 0.1480 -0.0186 -0.0769 -0.0377 2648 G   A C5    
53   C C5    B G   A 2  ? 0.1796 0.2060 0.1284 0.0036  -0.0663 -0.0022 2648 G   A C5    
54   C C6    A G   A 2  ? 0.1470 0.2593 0.1535 -0.0153 -0.0789 -0.0278 2648 G   A C6    
55   C C6    B G   A 2  ? 0.1499 0.2111 0.1237 -0.0021 -0.0757 0.0064  2648 G   A C6    
56   O O6    A G   A 2  ? 0.1144 0.2436 0.1711 -0.0152 -0.0712 -0.0226 2648 G   A O6    
57   O O6    B G   A 2  ? 0.0867 0.2156 0.1513 -0.0022 -0.0512 0.0027  2648 G   A O6    
58   N N1    A G   A 2  ? 0.1523 0.2649 0.1449 -0.0146 -0.0768 -0.0255 2648 G   A N1    
59   N N1    B G   A 2  ? 0.1736 0.2019 0.1227 -0.0035 -0.0758 0.0199  2648 G   A N1    
60   C C2    A G   A 2  ? 0.1609 0.2783 0.1480 -0.0172 -0.0696 -0.0334 2648 G   A C2    
61   C C2    B G   A 2  ? 0.1864 0.1949 0.1442 0.0070  -0.0571 0.0165  2648 G   A C2    
62   N N2    A G   A 2  ? 0.1694 0.2750 0.1481 -0.0202 -0.0545 -0.0348 2648 G   A N2    
63   N N2    B G   A 2  ? 0.2113 0.1989 0.1506 -0.0027 -0.0286 0.0078  2648 G   A N2    
64   N N3    A G   A 2  ? 0.1634 0.2814 0.1503 -0.0168 -0.0714 -0.0381 2648 G   A N3    
65   N N3    B G   A 2  ? 0.1712 0.1988 0.1416 0.0085  -0.0491 -0.0085 2648 G   A N3    
66   C C4    A G   A 2  ? 0.1707 0.2863 0.1551 -0.0201 -0.0702 -0.0414 2648 G   A C4    
67   C C4    B G   A 2  ? 0.1677 0.2107 0.1397 0.0055  -0.0519 -0.0223 2648 G   A C4    
88   P P     A C   A 3  ? 0.1900 0.2418 0.2354 -0.0101 -0.0594 -0.0029 2649 C   A P     
89   P P     B C   A 3  ? 0.1808 0.2004 0.2420 0.0041  -0.0214 -0.0678 2649 C   A P     
90   O OP1   A C   A 3  ? 0.1899 0.2426 0.2163 -0.0176 -0.0520 -0.0021 2649 C   A OP1   
91   O OP1   B C   A 3  ? 0.1868 0.2128 0.2572 0.0052  -0.0558 -0.0809 2649 C   A OP1   
92   O OP2   A C   A 3  ? 0.1866 0.2427 0.2385 -0.0101 -0.0642 0.0008  2649 C   A OP2   
93   O OP2   B C   A 3  ? 0.1918 0.2105 0.2714 0.0019  -0.0021 -0.0480 2649 C   A OP2   
94   O "O5'" A C   A 3  ? 0.1834 0.2230 0.2366 -0.0039 -0.0586 0.0062  2649 C   A "O5'" 
95   O "O5'" B C   A 3  ? 0.1691 0.1978 0.2143 -0.0179 -0.0190 -0.0731 2649 C   A "O5'" 
96   C "C5'" A C   A 3  ? 0.1776 0.2088 0.2177 0.0047  -0.0511 0.0053  2649 C   A "C5'" 
97   C "C5'" B C   A 3  ? 0.1848 0.1836 0.1872 -0.0206 -0.0086 -0.0669 2649 C   A "C5'" 
98   C "C4'" A C   A 3  ? 0.1717 0.1939 0.1837 0.0145  -0.0391 -0.0009 2649 C   A "C4'" 
99   C "C4'" B C   A 3  ? 0.1681 0.1870 0.1696 -0.0311 0.0076  -0.0630 2649 C   A "C4'" 
100  O "O4'" A C   A 3  ? 0.1669 0.1950 0.1530 0.0121  -0.0235 -0.0035 2649 C   A "O4'" 
101  O "O4'" B C   A 3  ? 0.1820 0.1904 0.1337 -0.0468 0.0212  -0.0461 2649 C   A "O4'" 
102  C "C3'" A C   A 3  ? 0.1785 0.1784 0.1885 0.0237  -0.0382 -0.0033 2649 C   A "C3'" 
103  C "C3'" B C   A 3  ? 0.1313 0.1835 0.1853 -0.0265 0.0069  -0.0582 2649 C   A "C3'" 
104  O "O3'" A C   A 3  ? 0.1934 0.1667 0.2413 0.0290  -0.0383 -0.0164 2649 C   A "O3'" 
105  O "O3'" B C   A 3  ? 0.1250 0.1662 0.1994 -0.0146 0.0163  -0.0718 2649 C   A "O3'" 
106  C "C2'" A C   A 3  ? 0.1667 0.1797 0.1376 0.0243  -0.0315 0.0029  2649 C   A "C2'" 
107  C "C2'" B C   A 3  ? 0.1487 0.1765 0.1624 -0.0349 -0.0006 -0.0330 2649 C   A "C2'" 
108  O "O2'" A C   A 3  ? 0.1615 0.1695 0.0975 0.0358  -0.0404 0.0115  2649 C   A "O2'" 
109  O "O2'" B C   A 3  ? 0.1940 0.1751 0.1838 -0.0422 -0.0173 -0.0127 2649 C   A "O2'" 
110  C "C1'" A C   A 3  ? 0.1572 0.1926 0.1419 0.0149  -0.0185 -0.0019 2649 C   A "C1'" 
111  C "C1'" B C   A 3  ? 0.1562 0.1903 0.1501 -0.0440 -0.0020 -0.0247 2649 C   A "C1'" 
112  N N1    A C   A 3  ? 0.1206 0.2048 0.1353 0.0123  -0.0145 -0.0036 2649 C   A N1    
113  N N1    B C   A 3  ? 0.1421 0.1800 0.1069 -0.0291 -0.0289 -0.0058 2649 C   A N1    
114  C C2    A C   A 3  ? 0.0968 0.2069 0.1197 0.0171  -0.0192 -0.0049 2649 C   A C2    
115  C C2    B C   A 3  ? 0.1231 0.1668 0.0954 -0.0101 -0.0275 -0.0055 2649 C   A C2    
116  O O2    A C   A 3  ? 0.0781 0.2147 0.1190 0.0148  -0.0177 -0.0121 2649 C   A O2    
117  O O2    B C   A 3  ? 0.1331 0.1463 0.1125 -0.0101 0.0019  -0.0180 2649 C   A O2    
118  N N3    A C   A 3  ? 0.1059 0.2071 0.1102 0.0168  -0.0290 0.0062  2649 C   A N3    
119  N N3    B C   A 3  ? 0.1141 0.1692 0.0737 0.0025  -0.0418 -0.0035 2649 C   A N3    
120  C C4    A C   A 3  ? 0.1126 0.2083 0.1283 0.0149  -0.0361 0.0150  2649 C   A C4    
121  C C4    B C   A 3  ? 0.1551 0.1682 0.0991 -0.0122 -0.0500 0.0068  2649 C   A C4    
122  N N4    A C   A 3  ? 0.1142 0.2058 0.1324 0.0157  -0.0394 0.0222  2649 C   A N4    
123  N N4    B C   A 3  ? 0.1200 0.1686 0.1427 -0.0255 -0.0502 0.0091  2649 C   A N4    
124  C C5    A C   A 3  ? 0.1201 0.2105 0.1344 0.0095  -0.0255 0.0095  2649 C   A C5    
125  C C5    B C   A 3  ? 0.1758 0.1622 0.1103 -0.0116 -0.0381 0.0014  2649 C   A C5    
126  C C6    A C   A 3  ? 0.1171 0.2090 0.1404 0.0107  -0.0204 0.0027  2649 C   A C6    
127  C C6    B C   A 3  ? 0.1563 0.1670 0.1221 -0.0173 -0.0299 -0.0073 2649 C   A C6    
150  P P     A UZR A 4  ? 0.1983 0.1550 0.3135 0.0337  -0.0525 -0.0191 2650 UZR A P     
151  P P     B UZR A 4  ? 0.1065 0.1298 0.2014 -0.0033 0.0169  -0.0171 2650 UZR A P     
152  N N1    . UZR A 4  ? 0.1179 0.1342 0.1227 -0.0115 -0.0150 0.0041  2650 UZR A N1    
153  C C2    . UZR A 4  ? 0.1313 0.1216 0.1256 -0.0013 -0.0223 0.0050  2650 UZR A C2    
154  O O2    . UZR A 4  ? 0.1269 0.1218 0.1640 -0.0097 -0.0072 -0.0128 2650 UZR A O2    
155  N N3    . UZR A 4  ? 0.1278 0.1179 0.1262 0.0080  -0.0222 0.0094  2650 UZR A N3    
156  C C4    . UZR A 4  ? 0.1364 0.1211 0.0948 0.0088  -0.0235 0.0209  2650 UZR A C4    
157  O O4    . UZR A 4  ? 0.1348 0.1346 0.0891 0.0009  -0.0126 -0.0030 2650 UZR A O4    
158  C C5    . UZR A 4  ? 0.1277 0.1279 0.1000 0.0171  -0.0354 -0.0057 2650 UZR A C5    
159  C C6    . UZR A 4  ? 0.1325 0.1201 0.1292 0.0037  -0.0181 0.0106  2650 UZR A C6    
160  C "C1'" . UZR A 4  ? 0.1534 0.1368 0.1328 -0.0184 -0.0225 -0.0009 2650 UZR A "C1'" 
161  C "C2'" . UZR A 4  ? 0.1520 0.1340 0.1146 0.0000  -0.0098 -0.0171 2650 UZR A "C2'" 
162  C "C3'" . UZR A 4  ? 0.1526 0.1644 0.1195 -0.0212 -0.0124 -0.0327 2650 UZR A "C3'" 
163  N "N3'" . UZR A 4  ? 0.1477 0.1361 0.2045 0.0185  0.0089  0.0061  2650 UZR A "N3'" 
164  O "O3'" . UZR A 4  ? 0.1676 0.1766 0.1521 -0.0212 0.0305  -0.0418 2650 UZR A "O3'" 
165  C "C4'" . UZR A 4  ? 0.1574 0.1559 0.1465 -0.0140 -0.0125 -0.0260 2650 UZR A "C4'" 
166  N "N4'" . UZR A 4  ? 0.1831 0.1683 0.2543 -0.0171 0.0124  -0.0019 2650 UZR A "N4'" 
167  O "O4'" . UZR A 4  ? 0.1729 0.1350 0.1362 -0.0133 -0.0251 -0.0060 2650 UZR A "O4'" 
168  C "C5'" A UZR A 4  ? 0.1897 0.1665 0.2073 -0.0068 -0.0195 -0.0309 2650 UZR A "C5'" 
169  C "C5'" B UZR A 4  ? 0.1562 0.1613 0.1431 -0.0288 0.0183  -0.0363 2650 UZR A "C5'" 
170  N "N5'" . UZR A 4  ? 0.1848 0.1656 0.2364 -0.0262 0.0214  -0.0162 2650 UZR A "N5'" 
171  O "O5'" A UZR A 4  ? 0.2120 0.1614 0.2716 0.0098  -0.0324 -0.0271 2650 UZR A "O5'" 
172  O "O5'" B UZR A 4  ? 0.1127 0.1200 0.1338 -0.0083 0.0240  -0.0201 2650 UZR A "O5'" 
173  O OP1   A UZR A 4  ? 0.1570 0.1305 0.3317 0.0463  -0.0610 0.0063  2650 UZR A OP1   
174  O OP1   B UZR A 4  ? 0.1301 0.1136 0.2169 0.0016  0.0271  -0.0077 2650 UZR A OP1   
175  O OP2   A UZR A 4  ? 0.1980 0.1531 0.3304 0.0417  -0.0698 -0.0238 2650 UZR A OP2   
176  O OP2   B UZR A 4  ? 0.1266 0.1320 0.1964 -0.0165 0.0297  -0.0143 2650 UZR A OP2   
177  P P     . C   A 5  ? 0.1170 0.1618 0.1731 0.0051  -0.0088 -0.0135 2651 C   A P     
178  O OP1   . C   A 5  ? 0.1065 0.1802 0.1651 -0.0001 -0.0071 0.0210  2651 C   A OP1   
179  O OP2   . C   A 5  ? 0.1363 0.1285 0.2153 0.0253  -0.0060 -0.0156 2651 C   A OP2   
180  O "O5'" . C   A 5  ? 0.1208 0.1514 0.1525 -0.0001 -0.0324 -0.0039 2651 C   A "O5'" 
181  C "C5'" . C   A 5  ? 0.1238 0.1476 0.1154 -0.0010 -0.0309 -0.0084 2651 C   A "C5'" 
182  C "C4'" . C   A 5  ? 0.1173 0.1468 0.1162 -0.0192 -0.0025 -0.0013 2651 C   A "C4'" 
183  O "O4'" . C   A 5  ? 0.1470 0.1296 0.1224 -0.0133 0.0036  -0.0006 2651 C   A "O4'" 
184  C "C3'" . C   A 5  ? 0.1147 0.1516 0.1024 -0.0298 0.0092  -0.0040 2651 C   A "C3'" 
185  O "O3'" . C   A 5  ? 0.1062 0.1584 0.1504 -0.0423 0.0303  -0.0161 2651 C   A "O3'" 
186  C "C2'" . C   A 5  ? 0.1147 0.1327 0.1199 -0.0148 -0.0188 -0.0100 2651 C   A "C2'" 
187  O "O2'" . C   A 5  ? 0.1226 0.1512 0.1216 -0.0143 -0.0196 -0.0081 2651 C   A "O2'" 
188  C "C1'" . C   A 5  ? 0.1266 0.1175 0.1296 -0.0161 0.0114  -0.0095 2651 C   A "C1'" 
189  N N1    . C   A 5  ? 0.1255 0.1148 0.1359 -0.0135 -0.0280 0.0088  2651 C   A N1    
190  C C2    . C   A 5  ? 0.1322 0.1059 0.1348 -0.0173 -0.0470 0.0203  2651 C   A C2    
191  O O2    . C   A 5  ? 0.1206 0.0978 0.1667 -0.0057 -0.0456 0.0065  2651 C   A O2    
192  N N3    . C   A 5  ? 0.1533 0.1166 0.1052 -0.0305 -0.0518 0.0277  2651 C   A N3    
193  C C4    . C   A 5  ? 0.1251 0.1151 0.1114 -0.0137 -0.0158 0.0225  2651 C   A C4    
194  N N4    . C   A 5  ? 0.1377 0.1187 0.1161 -0.0085 -0.0223 0.0205  2651 C   A N4    
195  C C5    . C   A 5  ? 0.1468 0.1186 0.1190 -0.0081 -0.0337 -0.0002 2651 C   A C5    
196  C C6    . C   A 5  ? 0.1416 0.1078 0.1142 0.0014  -0.0278 0.0045  2651 C   A C6    
208  P P     . C   A 6  ? 0.1140 0.1386 0.1546 -0.0172 -0.0049 0.0093  2652 C   A P     
209  O OP1   . C   A 6  ? 0.1273 0.1202 0.1134 -0.0277 0.0046  -0.0043 2652 C   A OP1   
210  O OP2   . C   A 6  ? 0.1243 0.1130 0.1502 0.0142  0.0141  0.0136  2652 C   A OP2   
211  O "O5'" . C   A 6  ? 0.1076 0.1240 0.1430 -0.0249 -0.0136 0.0242  2652 C   A "O5'" 
212  C "C5'" . C   A 6  ? 0.1087 0.1100 0.1290 -0.0154 0.0111  0.0201  2652 C   A "C5'" 
213  C "C4'" . C   A 6  ? 0.1204 0.1068 0.1215 -0.0110 0.0007  -0.0052 2652 C   A "C4'" 
214  O "O4'" . C   A 6  ? 0.1325 0.1010 0.1526 -0.0113 -0.0106 -0.0096 2652 C   A "O4'" 
215  C "C3'" . C   A 6  ? 0.1257 0.1161 0.1260 -0.0295 -0.0105 -0.0011 2652 C   A "C3'" 
216  O "O3'" . C   A 6  ? 0.1335 0.1125 0.1427 -0.0375 -0.0114 0.0004  2652 C   A "O3'" 
217  C "C2'" . C   A 6  ? 0.1317 0.1150 0.1178 -0.0310 0.0018  -0.0003 2652 C   A "C2'" 
218  O "O2'" . C   A 6  ? 0.1025 0.1319 0.1107 -0.0309 -0.0127 0.0126  2652 C   A "O2'" 
219  C "C1'" . C   A 6  ? 0.1249 0.1015 0.1269 -0.0198 -0.0088 -0.0080 2652 C   A "C1'" 
220  N N1    . C   A 6  ? 0.0924 0.0940 0.1565 -0.0043 -0.0130 0.0053  2652 C   A N1    
221  C C2    . C   A 6  ? 0.0966 0.0922 0.1483 0.0036  -0.0284 0.0002  2652 C   A C2    
222  O O2    . C   A 6  ? 0.0909 0.0990 0.1261 -0.0010 -0.0121 -0.0075 2652 C   A O2    
223  N N3    . C   A 6  ? 0.1110 0.1020 0.1398 -0.0005 -0.0385 0.0074  2652 C   A N3    
224  C C4    . C   A 6  ? 0.0851 0.0958 0.1625 0.0140  -0.0016 0.0041  2652 C   A C4    
225  N N4    . C   A 6  ? 0.0977 0.1171 0.1409 0.0062  0.0069  0.0052  2652 C   A N4    
226  C C5    . C   A 6  ? 0.0819 0.0960 0.1748 0.0134  -0.0133 -0.0063 2652 C   A C5    
227  C C6    . C   A 6  ? 0.1003 0.0936 0.1454 0.0022  0.0024  0.0047  2652 C   A C6    
239  P P     . U   A 7  ? 0.1366 0.1033 0.1525 -0.0163 -0.0298 -0.0034 2653 U   A P     
240  O OP1   . U   A 7  ? 0.1849 0.1127 0.1743 -0.0403 -0.0419 0.0038  2653 U   A OP1   
241  O OP2   . U   A 7  ? 0.1406 0.1129 0.1345 -0.0169 -0.0172 0.0001  2653 U   A OP2   
242  O "O5'" . U   A 7  ? 0.1373 0.0970 0.1438 -0.0176 -0.0370 0.0027  2653 U   A "O5'" 
243  C "C5'" . U   A 7  ? 0.1150 0.1059 0.1223 -0.0222 -0.0139 -0.0006 2653 U   A "C5'" 
244  C "C4'" . U   A 7  ? 0.1106 0.0936 0.1284 -0.0040 0.0015  0.0045  2653 U   A "C4'" 
245  O "O4'" . U   A 7  ? 0.0901 0.1031 0.1342 -0.0060 -0.0133 -0.0035 2653 U   A "O4'" 
246  C "C3'" . U   A 7  ? 0.1086 0.1089 0.1048 0.0061  -0.0169 -0.0011 2653 U   A "C3'" 
247  O "O3'" . U   A 7  ? 0.1304 0.1292 0.1308 0.0102  -0.0043 -0.0053 2653 U   A "O3'" 
248  C "C2'" . U   A 7  ? 0.1090 0.1063 0.1188 0.0022  -0.0026 -0.0137 2653 U   A "C2'" 
249  O "O2'" . U   A 7  ? 0.1098 0.0885 0.1526 0.0023  0.0027  -0.0124 2653 U   A "O2'" 
250  C "C1'" . U   A 7  ? 0.1098 0.0985 0.1163 0.0114  0.0094  0.0019  2653 U   A "C1'" 
251  N N1    . U   A 7  ? 0.0922 0.1065 0.1511 0.0071  -0.0142 0.0128  2653 U   A N1    
252  C C2    . U   A 7  ? 0.0874 0.1087 0.1486 0.0109  -0.0446 -0.0071 2653 U   A C2    
253  O O2    . U   A 7  ? 0.1220 0.1263 0.1558 -0.0016 -0.0367 -0.0324 2653 U   A O2    
254  N N3    . U   A 7  ? 0.0921 0.1174 0.1011 -0.0050 -0.0163 -0.0014 2653 U   A N3    
255  C C4    . U   A 7  ? 0.1095 0.1238 0.1222 0.0071  0.0008  -0.0064 2653 U   A C4    
256  O O4    . U   A 7  ? 0.1256 0.1357 0.1354 -0.0023 -0.0154 -0.0122 2653 U   A O4    
257  C C5    . U   A 7  ? 0.1013 0.1164 0.1674 0.0015  -0.0155 0.0122  2653 U   A C5    
258  C C6    . U   A 7  ? 0.1038 0.1047 0.1657 0.0140  -0.0210 0.0014  2653 U   A C6    
262  P P     . A   A 8  ? 0.1389 0.1446 0.1468 0.0183  -0.0126 0.0036  2654 A   A P     
263  O OP1   . A   A 8  ? 0.1355 0.1365 0.1731 0.0220  -0.0318 0.0161  2654 A   A OP1   
264  O OP2   . A   A 8  ? 0.1557 0.1570 0.2101 0.0169  -0.0117 0.0171  2654 A   A OP2   
265  O "O5'" . A   A 8  ? 0.1223 0.1439 0.1478 0.0003  0.0098  -0.0141 2654 A   A "O5'" 
266  C "C5'" . A   A 8  ? 0.1226 0.1360 0.1340 0.0039  -0.0126 -0.0082 2654 A   A "C5'" 
267  C "C4'" . A   A 8  ? 0.1126 0.1411 0.1487 -0.0118 -0.0336 -0.0087 2654 A   A "C4'" 
268  O "O4'" . A   A 8  ? 0.0978 0.1382 0.1273 0.0017  -0.0079 -0.0342 2654 A   A "O4'" 
269  C "C3'" . A   A 8  ? 0.1646 0.1642 0.1826 -0.0396 -0.0254 -0.0270 2654 A   A "C3'" 
270  O "O3'" A A   A 8  ? 0.1654 0.1676 0.2011 -0.0381 -0.0284 -0.0393 2654 A   A "O3'" 
271  O "O3'" B A   A 8  ? 0.1857 0.1878 0.1950 -0.0716 -0.0167 -0.0411 2654 A   A "O3'" 
272  C "C2'" . A   A 8  ? 0.1404 0.1419 0.1369 -0.0145 -0.0351 -0.0276 2654 A   A "C2'" 
273  O "O2'" . A   A 8  ? 0.1296 0.1486 0.1396 -0.0268 -0.0269 -0.0260 2654 A   A "O2'" 
274  C "C1'" . A   A 8  ? 0.1202 0.1393 0.1311 -0.0003 -0.0050 -0.0419 2654 A   A "C1'" 
275  N N9    . A   A 8  ? 0.1011 0.1186 0.1413 0.0142  -0.0150 -0.0267 2654 A   A N9    
276  C C8    . A   A 8  ? 0.0936 0.1301 0.1278 -0.0004 -0.0056 -0.0211 2654 A   A C8    
277  N N7    . A   A 8  ? 0.0992 0.1249 0.1433 -0.0019 0.0098  -0.0113 2654 A   A N7    
278  C C5    . A   A 8  ? 0.0969 0.1129 0.1528 0.0206  -0.0040 -0.0162 2654 A   A C5    
279  C C6    . A   A 8  ? 0.1105 0.1133 0.1603 0.0277  -0.0129 -0.0093 2654 A   A C6    
280  N N6    . A   A 8  ? 0.0930 0.1079 0.1600 0.0278  -0.0194 -0.0280 2654 A   A N6    
281  N N1    . A   A 8  ? 0.1123 0.1296 0.1377 0.0227  -0.0069 -0.0117 2654 A   A N1    
282  C C2    . A   A 8  ? 0.1222 0.1197 0.1530 0.0267  0.0218  0.0015  2654 A   A C2    
283  N N3    . A   A 8  ? 0.1186 0.1392 0.1322 0.0125  -0.0037 -0.0161 2654 A   A N3    
284  C C4    . A   A 8  ? 0.1006 0.1241 0.1508 0.0107  -0.0033 -0.0141 2654 A   A C4    
296  P P     . G   A 9  ? 0.1653 0.1664 0.2219 -0.0305 -0.0341 -0.0518 2655 G   A P     
297  O OP1   . G   A 9  ? 0.2473 0.2070 0.2373 -0.0828 -0.0364 -0.0675 2655 G   A OP1   
298  O OP2   . G   A 9  ? 0.2291 0.1546 0.2921 0.0032  -0.0577 -0.0613 2655 G   A OP2   
299  O "O5'" . G   A 9  ? 0.2214 0.1955 0.3165 -0.0221 -0.0759 -0.0506 2655 G   A "O5'" 
300  C "C5'" . G   A 9  ? 0.2746 0.1882 0.2970 -0.0323 0.0098  -0.0818 2655 G   A "C5'" 
301  C "C4'" . G   A 9  ? 0.2395 0.1691 0.2594 -0.0354 0.0417  -0.0646 2655 G   A "C4'" 
302  O "O4'" . G   A 9  ? 0.1996 0.1325 0.2911 -0.0017 0.0000  -0.0519 2655 G   A "O4'" 
303  C "C3'" . G   A 9  ? 0.1838 0.1921 0.2315 -0.0329 0.0481  -0.0745 2655 G   A "C3'" 
304  O "O3'" . G   A 9  ? 0.1330 0.2012 0.1896 -0.0224 0.0321  -0.0764 2655 G   A "O3'" 
305  C "C2'" . G   A 9  ? 0.1841 0.1876 0.2483 -0.0168 0.0077  -0.0687 2655 G   A "C2'" 
306  O "O2'" . G   A 9  ? 0.1310 0.2455 0.2774 -0.0286 0.0016  -0.0685 2655 G   A "O2'" 
307  C "C1'" . G   A 9  ? 0.2075 0.1426 0.2452 0.0010  -0.0140 -0.0517 2655 G   A "C1'" 
308  N N9    . G   A 9  ? 0.1500 0.1351 0.2174 0.0117  -0.0042 -0.0494 2655 G   A N9    
309  C C8    . G   A 9  ? 0.1347 0.1618 0.2265 0.0063  -0.0042 -0.0403 2655 G   A C8    
310  N N7    . G   A 9  ? 0.1465 0.1554 0.2255 0.0014  0.0164  -0.0202 2655 G   A N7    
311  C C5    . G   A 9  ? 0.1589 0.1374 0.2212 0.0184  0.0297  -0.0179 2655 G   A C5    
312  C C6    . G   A 9  ? 0.1507 0.1535 0.2415 0.0115  0.0389  -0.0082 2655 G   A C6    
313  O O6    . G   A 9  ? 0.1627 0.1862 0.2611 0.0028  0.0502  0.0001  2655 G   A O6    
314  N N1    . G   A 9  ? 0.1358 0.1394 0.2093 0.0105  0.0216  -0.0230 2655 G   A N1    
315  C C2    . G   A 9  ? 0.1099 0.1295 0.2042 0.0045  0.0171  -0.0120 2655 G   A C2    
316  N N2    . G   A 9  ? 0.1190 0.1418 0.1866 -0.0107 0.0249  -0.0299 2655 G   A N2    
317  N N3    . G   A 9  ? 0.1106 0.1207 0.1646 0.0057  0.0192  -0.0135 2655 G   A N3    
318  C C4    . G   A 9  ? 0.1424 0.1208 0.2188 0.0247  0.0374  -0.0206 2655 G   A C4    
329  P P     . U   A 10 ? 0.1610 0.2080 0.1532 0.0034  0.0000  -0.0572 2656 U   A P     
330  O OP1   . U   A 10 ? 0.1434 0.2125 0.2075 0.0163  0.0062  -0.0642 2656 U   A OP1   
331  O OP2   . U   A 10 ? 0.1911 0.2052 0.1477 0.0309  -0.0205 -0.0347 2656 U   A OP2   
332  O "O5'" . U   A 10 ? 0.1738 0.2002 0.1834 0.0165  -0.0166 -0.0644 2656 U   A "O5'" 
333  C "C5'" . U   A 10 ? 0.1318 0.1810 0.1943 0.0407  -0.0134 -0.0597 2656 U   A "C5'" 
334  C "C4'" . U   A 10 ? 0.1622 0.1582 0.1756 0.0417  0.0080  -0.0483 2656 U   A "C4'" 
335  O "O4'" . U   A 10 ? 0.1828 0.1564 0.1635 0.0330  -0.0007 -0.0530 2656 U   A "O4'" 
336  C "C3'" . U   A 10 ? 0.1640 0.1522 0.1613 0.0312  -0.0073 -0.0358 2656 U   A "C3'" 
337  O "O3'" . U   A 10 ? 0.1763 0.1777 0.1575 0.0174  -0.0325 -0.0619 2656 U   A "O3'" 
338  C "C2'" . U   A 10 ? 0.1530 0.1433 0.1692 0.0324  -0.0289 -0.0165 2656 U   A "C2'" 
339  O "O2'" . U   A 10 ? 0.1539 0.1538 0.1795 0.0280  -0.0348 -0.0330 2656 U   A "O2'" 
340  C "C1'" . U   A 10 ? 0.1737 0.1473 0.1555 0.0183  -0.0198 -0.0408 2656 U   A "C1'" 
341  N N1    . U   A 10 ? 0.1723 0.1291 0.1614 0.0210  -0.0258 -0.0414 2656 U   A N1    
342  C C2    . U   A 10 ? 0.1638 0.1103 0.1728 0.0201  -0.0191 -0.0334 2656 U   A C2    
343  O O2    . U   A 10 ? 0.1412 0.1036 0.1434 -0.0141 0.0041  -0.0203 2656 U   A O2    
344  N N3    . U   A 10 ? 0.1410 0.1063 0.1437 0.0255  -0.0043 -0.0262 2656 U   A N3    
345  C C4    . U   A 10 ? 0.1459 0.1289 0.1685 0.0295  -0.0151 -0.0373 2656 U   A C4    
346  O O4    . U   A 10 ? 0.1755 0.1299 0.1981 0.0241  -0.0598 -0.0338 2656 U   A O4    
347  C C5    . U   A 10 ? 0.1239 0.1469 0.1643 0.0215  0.0071  -0.0492 2656 U   A C5    
348  C C6    . U   A 10 ? 0.1353 0.1484 0.1518 0.0281  -0.0227 -0.0561 2656 U   A C6    
352  P P     . A   A 11 ? 0.1946 0.1580 0.1900 0.0320  -0.0600 -0.0430 2657 A   A P     
353  O OP1   . A   A 11 ? 0.2258 0.1658 0.2050 0.0384  -0.0859 -0.0458 2657 A   A OP1   
354  O OP2   . A   A 11 ? 0.1582 0.1471 0.2142 0.0171  -0.0441 -0.0535 2657 A   A OP2   
355  O "O5'" . A   A 11 ? 0.1569 0.1577 0.1448 0.0130  -0.0427 -0.0344 2657 A   A "O5'" 
356  C "C5'" . A   A 11 ? 0.1410 0.1608 0.1355 -0.0015 -0.0243 -0.0183 2657 A   A "C5'" 
357  C "C4'" . A   A 11 ? 0.1376 0.1556 0.1230 -0.0005 0.0001  -0.0110 2657 A   A "C4'" 
358  O "O4'" . A   A 11 ? 0.1312 0.1549 0.1061 -0.0032 0.0051  0.0028  2657 A   A "O4'" 
359  C "C3'" . A   A 11 ? 0.1453 0.1522 0.1310 0.0017  -0.0064 0.0169  2657 A   A "C3'" 
360  O "O3'" . A   A 11 ? 0.1657 0.1515 0.1298 -0.0002 -0.0032 0.0235  2657 A   A "O3'" 
361  C "C2'" . A   A 11 ? 0.1346 0.1635 0.1204 -0.0036 -0.0142 0.0196  2657 A   A "C2'" 
362  O "O2'" . A   A 11 ? 0.1197 0.1832 0.1358 -0.0023 -0.0151 0.0123  2657 A   A "O2'" 
363  C "C1'" . A   A 11 ? 0.1405 0.1586 0.1096 -0.0016 0.0150  -0.0033 2657 A   A "C1'" 
364  N N9    . A   A 11 ? 0.1772 0.1396 0.1045 0.0113  -0.0037 -0.0070 2657 A   A N9    
365  C C8    . A   A 11 ? 0.1731 0.1504 0.1208 0.0119  0.0052  -0.0251 2657 A   A C8    
366  N N7    . A   A 11 ? 0.1524 0.1431 0.1304 0.0300  -0.0165 -0.0315 2657 A   A N7    
367  C C5    . A   A 11 ? 0.1238 0.1359 0.1554 0.0421  -0.0147 -0.0096 2657 A   A C5    
368  C C6    . A   A 11 ? 0.1189 0.1491 0.1347 0.0395  -0.0160 0.0040  2657 A   A C6    
369  N N6    . A   A 11 ? 0.1095 0.1713 0.1208 0.0245  0.0075  0.0304  2657 A   A N6    
370  N N1    . A   A 11 ? 0.1307 0.1484 0.1075 0.0343  0.0064  0.0051  2657 A   A N1    
371  C C2    . A   A 11 ? 0.1541 0.1528 0.1163 0.0362  -0.0071 -0.0182 2657 A   A C2    
372  N N3    . A   A 11 ? 0.1525 0.1457 0.1329 0.0351  -0.0194 -0.0050 2657 A   A N3    
373  C C4    . A   A 11 ? 0.1436 0.1387 0.1357 0.0284  -0.0184 -0.0025 2657 A   A C4    
385  P P     . C   A 12 ? 0.1796 0.1523 0.1572 -0.0059 -0.0026 0.0129  2658 C   A P     
386  O OP1   . C   A 12 ? 0.2047 0.1256 0.1631 -0.0058 -0.0007 0.0343  2658 C   A OP1   
387  O OP2   . C   A 12 ? 0.1645 0.1471 0.1814 0.0142  -0.0142 0.0130  2658 C   A OP2   
388  O "O5'" . C   A 12 ? 0.1320 0.1322 0.1414 0.0069  -0.0041 0.0069  2658 C   A "O5'" 
389  C "C5'" . C   A 12 ? 0.1332 0.1282 0.1391 0.0054  0.0144  -0.0012 2658 C   A "C5'" 
390  C "C4'" . C   A 12 ? 0.1251 0.1155 0.1572 -0.0004 0.0032  0.0078  2658 C   A "C4'" 
391  O "O4'" . C   A 12 ? 0.1120 0.0975 0.1611 0.0006  -0.0026 0.0077  2658 C   A "O4'" 
392  C "C3'" . C   A 12 ? 0.0884 0.0967 0.1435 0.0045  -0.0018 0.0220  2658 C   A "C3'" 
393  O "O3'" . C   A 12 ? 0.1326 0.1134 0.1602 -0.0246 0.0028  0.0051  2658 C   A "O3'" 
394  C "C2'" . C   A 12 ? 0.1055 0.0860 0.1703 0.0026  0.0016  0.0015  2658 C   A "C2'" 
395  O "O2'" . C   A 12 ? 0.1324 0.0897 0.1358 -0.0048 -0.0123 0.0134  2658 C   A "O2'" 
396  C "C1'" . C   A 12 ? 0.0989 0.0940 0.1866 -0.0032 0.0066  0.0009  2658 C   A "C1'" 
397  N N1    . C   A 12 ? 0.1019 0.0858 0.1965 0.0042  -0.0023 -0.0009 2658 C   A N1    
398  C C2    . C   A 12 ? 0.1255 0.0930 0.1698 -0.0034 -0.0001 -0.0030 2658 C   A C2    
399  O O2    . C   A 12 ? 0.1233 0.0968 0.1711 -0.0112 -0.0302 0.0241  2658 C   A O2    
400  N N3    . C   A 12 ? 0.1279 0.0839 0.1806 -0.0156 0.0159  -0.0040 2658 C   A N3    
401  C C4    . C   A 12 ? 0.1185 0.0884 0.1708 0.0008  0.0096  -0.0063 2658 C   A C4    
402  N N4    . C   A 12 ? 0.0940 0.0910 0.1776 0.0001  0.0045  -0.0049 2658 C   A N4    
403  C C5    . C   A 12 ? 0.1152 0.1038 0.1578 -0.0060 -0.0031 -0.0047 2658 C   A C5    
404  C C6    . C   A 12 ? 0.1293 0.1030 0.1381 -0.0065 -0.0086 0.0059  2658 C   A C6    
416  P P     . G   A 13 ? 0.1296 0.1097 0.1562 -0.0049 -0.0043 0.0058  2659 G   A P     
417  O OP1   . G   A 13 ? 0.1620 0.0957 0.1684 -0.0183 0.0038  0.0160  2659 G   A OP1   
418  O OP2   . G   A 13 ? 0.1386 0.1332 0.1532 -0.0131 -0.0251 0.0129  2659 G   A OP2   
419  O "O5'" . G   A 13 ? 0.0976 0.1154 0.1512 -0.0049 -0.0054 0.0085  2659 G   A "O5'" 
420  C "C5'" . G   A 13 ? 0.0898 0.1302 0.1606 -0.0197 0.0203  -0.0101 2659 G   A "C5'" 
421  C "C4'" . G   A 13 ? 0.0863 0.1267 0.1528 -0.0128 -0.0121 -0.0089 2659 G   A "C4'" 
422  O "O4'" . G   A 13 ? 0.0939 0.1300 0.1290 -0.0094 -0.0142 -0.0111 2659 G   A "O4'" 
423  C "C3'" . G   A 13 ? 0.1336 0.1087 0.2099 -0.0090 -0.0106 -0.0082 2659 G   A "C3'" 
424  O "O3'" . G   A 13 ? 0.1193 0.1067 0.2196 -0.0110 -0.0013 -0.0070 2659 G   A "O3'" 
425  C "C2'" . G   A 13 ? 0.1443 0.1000 0.2047 -0.0093 -0.0026 -0.0016 2659 G   A "C2'" 
426  O "O2'" . G   A 13 ? 0.1204 0.0915 0.1794 0.0035  0.0427  -0.0122 2659 G   A "O2'" 
427  C "C1'" . G   A 13 ? 0.1062 0.0957 0.1750 0.0088  -0.0042 -0.0079 2659 G   A "C1'" 
428  N N9    . G   A 13 ? 0.1094 0.1152 0.1704 0.0018  -0.0141 -0.0066 2659 G   A N9    
429  C C8    . G   A 13 ? 0.1017 0.1229 0.1459 0.0088  -0.0015 -0.0160 2659 G   A C8    
430  N N7    . G   A 13 ? 0.1009 0.1254 0.1532 0.0086  -0.0133 -0.0144 2659 G   A N7    
431  C C5    . G   A 13 ? 0.0868 0.0929 0.1715 0.0304  -0.0070 -0.0118 2659 G   A C5    
432  C C6    . G   A 13 ? 0.1015 0.0959 0.1729 0.0248  -0.0083 -0.0076 2659 G   A C6    
433  O O6    . G   A 13 ? 0.1400 0.1324 0.1414 -0.0138 -0.0053 -0.0211 2659 G   A O6    
434  N N1    . G   A 13 ? 0.1195 0.0928 0.1502 0.0286  0.0003  -0.0242 2659 G   A N1    
435  C C2    . G   A 13 ? 0.1146 0.0782 0.1823 0.0344  -0.0240 -0.0086 2659 G   A C2    
436  N N2    . G   A 13 ? 0.0962 0.0836 0.1452 0.0186  0.0037  -0.0037 2659 G   A N2    
437  N N3    . G   A 13 ? 0.1384 0.0963 0.1550 0.0080  -0.0123 -0.0151 2659 G   A N3    
438  C C4    . G   A 13 ? 0.0993 0.1048 0.1737 0.0091  -0.0220 -0.0114 2659 G   A C4    
449  P P     . A   A 14 ? 0.1292 0.1180 0.2103 -0.0158 -0.0188 0.0081  2660 A   A P     
450  O OP1   . A   A 14 ? 0.1298 0.1164 0.2249 -0.0011 0.0098  -0.0106 2660 A   A OP1   
451  O OP2   . A   A 14 ? 0.1588 0.1106 0.2336 -0.0018 -0.0766 0.0329  2660 A   A OP2   
452  O "O5'" . A   A 14 ? 0.1247 0.1205 0.1706 -0.0159 -0.0298 -0.0081 2660 A   A "O5'" 
453  C "C5'" . A   A 14 ? 0.1238 0.1292 0.1704 -0.0098 -0.0239 0.0023  2660 A   A "C5'" 
454  C "C4'" . A   A 14 ? 0.1093 0.1322 0.1630 -0.0060 0.0113  0.0125  2660 A   A "C4'" 
455  O "O4'" . A   A 14 ? 0.1393 0.1392 0.1521 -0.0105 0.0082  0.0064  2660 A   A "O4'" 
456  C "C3'" . A   A 14 ? 0.1218 0.1239 0.1642 0.0054  0.0083  0.0078  2660 A   A "C3'" 
457  O "O3'" . A   A 14 ? 0.1297 0.1359 0.1748 -0.0044 0.0011  -0.0054 2660 A   A "O3'" 
458  C "C2'" . A   A 14 ? 0.1370 0.1360 0.2060 -0.0023 -0.0108 0.0021  2660 A   A "C2'" 
459  O "O2'" . A   A 14 ? 0.1631 0.1326 0.2301 0.0037  -0.0319 0.0103  2660 A   A "O2'" 
460  C "C1'" . A   A 14 ? 0.1344 0.1355 0.1759 -0.0126 0.0158  0.0087  2660 A   A "C1'" 
461  N N9    . A   A 14 ? 0.1431 0.1215 0.2063 0.0122  0.0059  -0.0070 2660 A   A N9    
462  C C8    . A   A 14 ? 0.1399 0.1178 0.2016 0.0267  -0.0156 0.0157  2660 A   A C8    
463  N N7    . A   A 14 ? 0.1539 0.1280 0.2392 0.0306  -0.0441 0.0224  2660 A   A N7    
464  C C5    . A   A 14 ? 0.1810 0.1104 0.2088 0.0349  -0.0361 0.0313  2660 A   A C5    
465  C C6    . A   A 14 ? 0.1878 0.1135 0.2296 0.0457  -0.0448 0.0404  2660 A   A C6    
466  N N6    . A   A 14 ? 0.2004 0.1252 0.1733 0.0595  -0.0035 0.0107  2660 A   A N6    
467  N N1    . A   A 14 ? 0.1814 0.1291 0.2467 0.0296  -0.0562 0.0401  2660 A   A N1    
468  C C2    . A   A 14 ? 0.1865 0.1210 0.2454 0.0216  -0.0475 0.0410  2660 A   A C2    
469  N N3    . A   A 14 ? 0.1926 0.1301 0.2293 -0.0043 -0.0144 0.0370  2660 A   A N3    
470  C C4    . A   A 14 ? 0.1839 0.1194 0.2157 0.0208  -0.0213 0.0218  2660 A   A C4    
482  P P     . G   A 15 ? 0.1513 0.1212 0.1762 0.0027  -0.0154 -0.0010 2661 G   A P     
483  O OP1   . G   A 15 ? 0.1761 0.1290 0.1611 -0.0139 0.0125  -0.0297 2661 G   A OP1   
484  O OP2   . G   A 15 ? 0.1237 0.1195 0.1694 0.0267  -0.0303 -0.0050 2661 G   A OP2   
485  O "O5'" . G   A 15 ? 0.1348 0.1187 0.1470 0.0052  -0.0297 -0.0077 2661 G   A "O5'" 
486  C "C5'" . G   A 15 ? 0.1311 0.1364 0.1362 -0.0220 -0.0165 -0.0110 2661 G   A "C5'" 
487  C "C4'" . G   A 15 ? 0.1037 0.1236 0.1161 -0.0087 -0.0176 -0.0048 2661 G   A "C4'" 
488  O "O4'" . G   A 15 ? 0.1005 0.1208 0.1247 -0.0115 -0.0301 0.0057  2661 G   A "O4'" 
489  C "C3'" . G   A 15 ? 0.1059 0.1263 0.1361 -0.0206 -0.0081 -0.0185 2661 G   A "C3'" 
490  O "O3'" . G   A 15 ? 0.1123 0.1262 0.1572 -0.0236 -0.0089 -0.0100 2661 G   A "O3'" 
491  C "C2'" . G   A 15 ? 0.1135 0.1119 0.1592 -0.0141 -0.0388 0.0001  2661 G   A "C2'" 
492  O "O2'" . G   A 15 ? 0.1141 0.0969 0.1366 -0.0020 -0.0306 0.0066  2661 G   A "O2'" 
493  C "C1'" . G   A 15 ? 0.1126 0.1062 0.1548 -0.0094 -0.0419 0.0092  2661 G   A "C1'" 
494  N N9    . G   A 15 ? 0.1200 0.1049 0.1348 -0.0099 -0.0095 0.0026  2661 G   A N9    
495  C C8    . G   A 15 ? 0.1177 0.1068 0.1477 0.0057  -0.0178 -0.0183 2661 G   A C8    
496  N N7    . G   A 15 ? 0.1164 0.1070 0.1597 0.0034  -0.0229 -0.0172 2661 G   A N7    
497  C C5    . G   A 15 ? 0.1049 0.1049 0.1321 -0.0032 -0.0165 0.0059  2661 G   A C5    
498  C C6    . G   A 15 ? 0.0990 0.0976 0.1650 0.0019  -0.0323 -0.0057 2661 G   A C6    
499  O O6    . G   A 15 ? 0.1161 0.1014 0.1766 -0.0127 -0.0101 -0.0206 2661 G   A O6    
500  N N1    . G   A 15 ? 0.1137 0.0893 0.1383 0.0097  -0.0189 -0.0151 2661 G   A N1    
501  C C2    . G   A 15 ? 0.1212 0.1008 0.1344 0.0034  -0.0076 -0.0039 2661 G   A C2    
502  N N2    . G   A 15 ? 0.1407 0.1043 0.1356 0.0065  -0.0086 0.0047  2661 G   A N2    
503  N N3    . G   A 15 ? 0.1130 0.0984 0.1357 -0.0136 0.0077  -0.0064 2661 G   A N3    
504  C C4    . G   A 15 ? 0.1218 0.0947 0.1481 -0.0013 -0.0187 0.0088  2661 G   A C4    
515  P P     . A   A 16 ? 0.1170 0.1198 0.1565 -0.0071 -0.0085 -0.0170 2662 A   A P     
516  O OP1   . A   A 16 ? 0.1184 0.1096 0.1692 -0.0069 -0.0170 -0.0301 2662 A   A OP1   
517  O OP2   . A   A 16 ? 0.1379 0.1370 0.1482 -0.0119 -0.0039 -0.0394 2662 A   A OP2   
518  O "O5'" . A   A 16 ? 0.1189 0.1117 0.1817 -0.0129 -0.0080 0.0002  2662 A   A "O5'" 
519  C "C5'" . A   A 16 ? 0.1619 0.1245 0.1428 -0.0256 0.0002  -0.0036 2662 A   A "C5'" 
520  C "C4'" . A   A 16 ? 0.1535 0.1109 0.1156 -0.0068 -0.0111 -0.0118 2662 A   A "C4'" 
521  O "O4'" . A   A 16 ? 0.1297 0.1111 0.1143 -0.0066 -0.0152 -0.0095 2662 A   A "O4'" 
522  C "C3'" . A   A 16 ? 0.1544 0.1117 0.1291 -0.0165 0.0113  -0.0087 2662 A   A "C3'" 
523  O "O3'" . A   A 16 ? 0.1516 0.1204 0.1515 -0.0103 0.0023  -0.0261 2662 A   A "O3'" 
524  C "C2'" . A   A 16 ? 0.0984 0.1107 0.1524 -0.0074 -0.0121 0.0038  2662 A   A "C2'" 
525  O "O2'" . A   A 16 ? 0.1398 0.1098 0.1575 -0.0028 -0.0108 -0.0159 2662 A   A "O2'" 
526  C "C1'" . A   A 16 ? 0.0956 0.1113 0.1688 -0.0065 -0.0146 0.0078  2662 A   A "C1'" 
527  N N9    . A   A 16 ? 0.1050 0.1010 0.1995 -0.0067 -0.0133 0.0047  2662 A   A N9    
528  C C8    . A   A 16 ? 0.1031 0.0927 0.1636 0.0003  0.0153  -0.0121 2662 A   A C8    
529  N N7    . A   A 16 ? 0.0940 0.0933 0.1859 -0.0028 0.0053  -0.0130 2662 A   A N7    
530  C C5    . A   A 16 ? 0.1016 0.0933 0.1806 -0.0046 -0.0061 -0.0112 2662 A   A C5    
531  C C6    . A   A 16 ? 0.1157 0.0880 0.2110 -0.0013 -0.0218 -0.0021 2662 A   A C6    
532  N N6    . A   A 16 ? 0.1121 0.1006 0.2177 -0.0254 -0.0109 0.0047  2662 A   A N6    
533  N N1    . A   A 16 ? 0.1192 0.0906 0.1799 0.0069  -0.0215 -0.0169 2662 A   A N1    
534  C C2    . A   A 16 ? 0.1302 0.0854 0.1577 0.0121  -0.0199 -0.0127 2662 A   A C2    
535  N N3    . A   A 16 ? 0.1080 0.0912 0.1587 0.0005  0.0070  -0.0093 2662 A   A N3    
536  C C4    . A   A 16 ? 0.1042 0.1046 0.1688 -0.0125 -0.0171 -0.0072 2662 A   A C4    
548  P P     . G   A 17 ? 0.1374 0.1170 0.1713 -0.0158 0.0096  0.0018  2663 G   A P     
549  O OP1   . G   A 17 ? 0.1551 0.0966 0.2476 -0.0253 0.0255  0.0030  2663 G   A OP1   
550  O OP2   . G   A 17 ? 0.1705 0.1189 0.2080 -0.0041 -0.0385 0.0053  2663 G   A OP2   
551  O "O5'" . G   A 17 ? 0.1457 0.1061 0.1397 -0.0013 0.0295  0.0093  2663 G   A "O5'" 
552  C "C5'" . G   A 17 ? 0.0972 0.1123 0.1780 -0.0111 0.0199  0.0174  2663 G   A "C5'" 
553  C "C4'" . G   A 17 ? 0.0886 0.1206 0.2040 -0.0012 0.0108  0.0382  2663 G   A "C4'" 
554  O "O4'" . G   A 17 ? 0.0774 0.1262 0.1744 -0.0059 0.0200  0.0185  2663 G   A "O4'" 
555  C "C3'" . G   A 17 ? 0.0930 0.1222 0.1955 0.0108  0.0262  0.0425  2663 G   A "C3'" 
556  O "O3'" . G   A 17 ? 0.1160 0.1268 0.1939 0.0198  0.0437  0.0074  2663 G   A "O3'" 
557  C "C2'" . G   A 17 ? 0.0981 0.1292 0.1734 -0.0050 0.0087  0.0282  2663 G   A "C2'" 
558  O "O2'" . G   A 17 ? 0.1122 0.1480 0.1379 -0.0072 -0.0067 0.0104  2663 G   A "O2'" 
559  C "C1'" . G   A 17 ? 0.1085 0.1226 0.1609 -0.0074 0.0191  0.0181  2663 G   A "C1'" 
560  N N9    . G   A 17 ? 0.1138 0.1109 0.1817 0.0005  0.0004  0.0135  2663 G   A N9    
561  C C8    . G   A 17 ? 0.1549 0.1080 0.1633 -0.0023 0.0211  0.0151  2663 G   A C8    
562  N N7    . G   A 17 ? 0.1523 0.0972 0.1800 -0.0009 -0.0030 0.0264  2663 G   A N7    
563  C C5    . G   A 17 ? 0.1311 0.0977 0.1552 -0.0078 -0.0003 0.0145  2663 G   A C5    
564  C C6    . G   A 17 ? 0.1034 0.0971 0.1613 -0.0027 -0.0094 0.0207  2663 G   A C6    
565  O O6    . G   A 17 ? 0.1109 0.0894 0.1880 0.0065  0.0036  0.0227  2663 G   A O6    
566  N N1    . G   A 17 ? 0.1052 0.0843 0.1372 -0.0163 -0.0318 0.0141  2663 G   A N1    
567  C C2    . G   A 17 ? 0.1013 0.0895 0.1461 -0.0106 -0.0184 0.0150  2663 G   A C2    
568  N N2    . G   A 17 ? 0.1256 0.0910 0.1346 -0.0256 -0.0028 -0.0012 2663 G   A N2    
569  N N3    . G   A 17 ? 0.1160 0.0893 0.1430 -0.0213 -0.0192 0.0175  2663 G   A N3    
570  C C4    . G   A 17 ? 0.1274 0.0965 0.1403 -0.0123 -0.0119 0.0232  2663 G   A C4    
581  P P     . G   A 18 ? 0.1216 0.1297 0.2044 0.0083  0.0243  0.0216  2664 G   A P     
582  O OP1   . G   A 18 ? 0.1282 0.1215 0.1831 0.0244  0.0195  0.0250  2664 G   A OP1   
583  O OP2   . G   A 18 ? 0.1499 0.1277 0.2419 -0.0019 0.0245  0.0456  2664 G   A OP2   
584  O "O5'" . G   A 18 ? 0.1158 0.1317 0.1881 0.0159  0.0129  0.0245  2664 G   A "O5'" 
585  C "C5'" . G   A 18 ? 0.0986 0.1383 0.1583 0.0144  0.0212  0.0188  2664 G   A "C5'" 
586  C "C4'" . G   A 18 ? 0.1023 0.1369 0.1410 0.0176  0.0095  0.0032  2664 G   A "C4'" 
587  O "O4'" . G   A 18 ? 0.0935 0.1484 0.1556 0.0131  0.0190  -0.0002 2664 G   A "O4'" 
588  C "C3'" . G   A 18 ? 0.1129 0.1508 0.1211 -0.0050 -0.0261 0.0080  2664 G   A "C3'" 
589  O "O3'" . G   A 18 ? 0.1078 0.1461 0.1288 -0.0123 0.0113  -0.0010 2664 G   A "O3'" 
590  C "C2'" . G   A 18 ? 0.1173 0.1548 0.1316 -0.0091 -0.0084 0.0011  2664 G   A "C2'" 
591  O "O2'" . G   A 18 ? 0.1119 0.1471 0.1027 -0.0068 -0.0054 0.0017  2664 G   A "O2'" 
592  C "C1'" . G   A 18 ? 0.1004 0.1440 0.1499 0.0135  -0.0006 -0.0148 2664 G   A "C1'" 
593  N N9    . G   A 18 ? 0.1063 0.1364 0.1383 0.0152  -0.0142 -0.0113 2664 G   A N9    
594  C C8    . G   A 18 ? 0.1148 0.1306 0.1377 0.0059  0.0034  -0.0034 2664 G   A C8    
595  N N7    . G   A 18 ? 0.1138 0.1143 0.1850 0.0023  0.0089  0.0058  2664 G   A N7    
596  C C5    . G   A 18 ? 0.1364 0.1165 0.1991 0.0234  -0.0106 -0.0113 2664 G   A C5    
597  C C6    . G   A 18 ? 0.1772 0.1102 0.1625 0.0294  0.0070  -0.0239 2664 G   A C6    
598  O O6    . G   A 18 ? 0.1845 0.1135 0.1810 0.0290  -0.0202 -0.0252 2664 G   A O6    
599  N N1    . G   A 18 ? 0.1694 0.1171 0.1328 0.0271  0.0151  0.0001  2664 G   A N1    
600  C C2    . G   A 18 ? 0.1576 0.1226 0.1627 0.0343  0.0191  -0.0009 2664 G   A C2    
601  N N2    . G   A 18 ? 0.1294 0.1262 0.1897 0.0427  0.0271  -0.0124 2664 G   A N2    
602  N N3    . G   A 18 ? 0.1471 0.1267 0.1433 0.0314  0.0115  -0.0081 2664 G   A N3    
603  C C4    . G   A 18 ? 0.1316 0.1200 0.1615 0.0241  -0.0232 -0.0051 2664 G   A C4    
614  P P     . A   A 19 ? 0.1140 0.1352 0.1658 0.0010  -0.0045 0.0085  2665 A   A P     
615  O OP1   . A   A 19 ? 0.1247 0.1273 0.1893 0.0117  0.0150  0.0106  2665 A   A OP1   
616  O OP2   . A   A 19 ? 0.1490 0.1574 0.1926 -0.0295 0.0103  -0.0044 2665 A   A OP2   
617  O "O5'" . A   A 19 ? 0.1040 0.1344 0.1434 0.0038  -0.0020 0.0075  2665 A   A "O5'" 
618  C "C5'" . A   A 19 ? 0.1025 0.1462 0.1352 -0.0167 0.0055  -0.0001 2665 A   A "C5'" 
619  C "C4'" . A   A 19 ? 0.1101 0.1589 0.1403 -0.0154 0.0042  -0.0027 2665 A   A "C4'" 
620  O "O4'" . A   A 19 ? 0.1127 0.1630 0.1376 -0.0153 -0.0017 -0.0138 2665 A   A "O4'" 
621  C "C3'" . A   A 19 ? 0.1144 0.1587 0.1428 -0.0070 0.0080  -0.0071 2665 A   A "C3'" 
622  O "O3'" . A   A 19 ? 0.1273 0.1536 0.1165 0.0075  -0.0168 -0.0218 2665 A   A "O3'" 
623  C "C2'" . A   A 19 ? 0.1313 0.1463 0.1455 0.0039  0.0046  -0.0165 2665 A   A "C2'" 
624  O "O2'" . A   A 19 ? 0.1509 0.1624 0.1683 -0.0047 -0.0321 -0.0228 2665 A   A "O2'" 
625  C "C1'" . A   A 19 ? 0.0963 0.1411 0.1584 0.0079  -0.0209 -0.0066 2665 A   A "C1'" 
626  N N9    . A   A 19 ? 0.0858 0.1243 0.1542 0.0167  0.0043  -0.0014 2665 A   A N9    
627  C C8    . A   A 19 ? 0.0841 0.1271 0.1779 0.0094  -0.0069 -0.0106 2665 A   A C8    
628  N N7    . A   A 19 ? 0.1297 0.1111 0.1472 0.0047  0.0008  0.0190  2665 A   A N7    
629  C C5    . A   A 19 ? 0.1153 0.1242 0.1608 0.0096  -0.0133 0.0260  2665 A   A C5    
630  C C6    . A   A 19 ? 0.1047 0.1336 0.2191 0.0178  -0.0399 0.0074  2665 A   A C6    
631  N N6    . A   A 19 ? 0.1391 0.1382 0.1316 0.0011  0.0203  0.0015  2665 A   A N6    
632  N N1    . A   A 19 ? 0.0978 0.1437 0.2630 0.0070  -0.0340 -0.0015 2665 A   A N1    
633  C C2    . A   A 19 ? 0.0974 0.1526 0.2355 0.0030  -0.0213 -0.0150 2665 A   A C2    
634  N N3    . A   A 19 ? 0.1054 0.1369 0.2223 0.0189  0.0043  -0.0164 2665 A   A N3    
635  C C4    . A   A 19 ? 0.1079 0.1280 0.1762 0.0083  -0.0142 0.0038  2665 A   A C4    
647  P P     . C   A 20 ? 0.1209 0.1536 0.1506 0.0014  -0.0211 -0.0181 2666 C   A P     
648  O OP1   . C   A 20 ? 0.1179 0.1746 0.1900 -0.0077 -0.0122 -0.0455 2666 C   A OP1   
649  O OP2   . C   A 20 ? 0.0950 0.1495 0.1767 0.0127  -0.0271 -0.0152 2666 C   A OP2   
650  O "O5'" . C   A 20 ? 0.1281 0.1603 0.1639 -0.0137 -0.0184 -0.0117 2666 C   A "O5'" 
651  C "C5'" . C   A 20 ? 0.1409 0.1652 0.1355 -0.0131 0.0174  -0.0345 2666 C   A "C5'" 
652  C "C4'" . C   A 20 ? 0.1635 0.1979 0.1561 -0.0222 0.0201  -0.0784 2666 C   A "C4'" 
653  O "O4'" . C   A 20 ? 0.1628 0.1893 0.1729 -0.0224 0.0270  -0.0692 2666 C   A "O4'" 
654  C "C3'" . C   A 20 ? 0.1333 0.2275 0.1698 -0.0309 0.0129  -0.0734 2666 C   A "C3'" 
655  O "O3'" . C   A 20 ? 0.1569 0.2658 0.1917 -0.0510 0.0318  -0.0775 2666 C   A "O3'" 
656  C "C2'" . C   A 20 ? 0.1622 0.2131 0.1709 -0.0387 0.0270  -0.0659 2666 C   A "C2'" 
657  O "O2'" . C   A 20 ? 0.1941 0.2147 0.1931 -0.0571 0.0373  -0.0639 2666 C   A "O2'" 
658  C "C1'" . C   A 20 ? 0.1485 0.1900 0.1748 -0.0366 0.0187  -0.0409 2666 C   A "C1'" 
659  N N1    . C   A 20 ? 0.1134 0.1653 0.2165 -0.0254 0.0063  -0.0132 2666 C   A N1    
660  C C2    . C   A 20 ? 0.1173 0.1547 0.2449 -0.0173 0.0036  -0.0213 2666 C   A C2    
661  O O2    . C   A 20 ? 0.1295 0.1293 0.2688 -0.0135 0.0332  -0.0366 2666 C   A O2    
662  N N3    . C   A 20 ? 0.1143 0.1542 0.1839 -0.0146 0.0029  -0.0288 2666 C   A N3    
663  C C4    . C   A 20 ? 0.0927 0.1348 0.2089 0.0142  -0.0027 -0.0322 2666 C   A C4    
664  N N4    . C   A 20 ? 0.0774 0.1413 0.2213 0.0193  0.0033  -0.0207 2666 C   A N4    
665  C C5    . C   A 20 ? 0.1038 0.1215 0.1658 0.0048  0.0026  -0.0085 2666 C   A C5    
666  C C6    . C   A 20 ? 0.1142 0.1160 0.1683 0.0010  -0.0018 -0.0015 2666 C   A C6    
678  P P     . C   A 21 ? 0.1383 0.2722 0.1539 -0.0272 -0.0148 -0.0584 2667 C   A P     
679  O OP1   . C   A 21 ? 0.1507 0.3091 0.2269 -0.0436 0.0348  -0.0892 2667 C   A OP1   
680  O OP2   . C   A 21 ? 0.1454 0.2722 0.1321 -0.0190 -0.0177 -0.0415 2667 C   A OP2   
681  O "O5'" . C   A 21 ? 0.1504 0.2507 0.1529 -0.0581 0.0013  -0.0464 2667 C   A "O5'" 
682  C "C5'" . C   A 21 ? 0.1605 0.2487 0.1784 -0.0785 0.0131  -0.0543 2667 C   A "C5'" 
683  C "C4'" . C   A 21 ? 0.1601 0.2337 0.2202 -0.0742 0.0202  -0.0610 2667 C   A "C4'" 
684  O "O4'" . C   A 21 ? 0.1848 0.2154 0.1851 -0.0714 0.0114  -0.0445 2667 C   A "O4'" 
685  C "C3'" . C   A 21 ? 0.1447 0.2290 0.2301 -0.0711 0.0122  -0.0783 2667 C   A "C3'" 
686  O "O3'" . C   A 21 ? 0.1760 0.2341 0.2221 -0.0648 0.0229  -0.0935 2667 C   A "O3'" 
687  C "C2'" . C   A 21 ? 0.1684 0.2214 0.2117 -0.0751 0.0019  -0.0746 2667 C   A "C2'" 
688  O "O2'" . C   A 21 ? 0.1928 0.2194 0.2477 -0.0905 0.0021  -0.0645 2667 C   A "O2'" 
689  C "C1'" . C   A 21 ? 0.1582 0.2067 0.1882 -0.0445 0.0093  -0.0736 2667 C   A "C1'" 
690  N N1    . C   A 21 ? 0.1369 0.1936 0.1780 -0.0142 -0.0149 -0.0816 2667 C   A N1    
691  C C2    . C   A 21 ? 0.1372 0.2071 0.2284 -0.0088 -0.0008 -0.0733 2667 C   A C2    
692  O O2    . C   A 21 ? 0.1580 0.2447 0.2312 -0.0345 0.0228  -0.0827 2667 C   A O2    
693  N N3    . C   A 21 ? 0.1320 0.1861 0.1853 0.0155  -0.0352 -0.0635 2667 C   A N3    
694  C C4    . C   A 21 ? 0.1050 0.1634 0.2235 0.0220  -0.0595 -0.0577 2667 C   A C4    
695  N N4    . C   A 21 ? 0.1185 0.1638 0.2447 0.0110  -0.0770 -0.0650 2667 C   A N4    
696  C C5    . C   A 21 ? 0.1173 0.1574 0.1996 0.0235  -0.0552 -0.0585 2667 C   A C5    
697  C C6    . C   A 21 ? 0.1262 0.1727 0.1603 0.0071  -0.0439 -0.0615 2667 C   A C6    
709  P P     . G   A 22 ? 0.1963 0.2233 0.2146 -0.0646 0.0114  -0.0811 2668 G   A P     
710  O OP1   . G   A 22 ? 0.1818 0.2425 0.2594 -0.0789 -0.0356 -0.0816 2668 G   A OP1   
711  O OP2   . G   A 22 ? 0.1904 0.2469 0.2372 -0.0743 0.0064  -0.1042 2668 G   A OP2   
712  O "O5'" . G   A 22 ? 0.2001 0.2043 0.1958 -0.0623 -0.0347 -0.0888 2668 G   A "O5'" 
713  C "C5'" . G   A 22 ? 0.1741 0.1871 0.1406 -0.0628 0.0221  -0.0737 2668 G   A "C5'" 
714  C "C4'" . G   A 22 ? 0.1614 0.1580 0.2017 -0.0388 0.0185  -0.0583 2668 G   A "C4'" 
715  O "O4'" . G   A 22 ? 0.1932 0.1419 0.1802 -0.0501 0.0282  -0.0312 2668 G   A "O4'" 
716  C "C3'" . G   A 22 ? 0.1274 0.1582 0.2427 -0.0231 -0.0210 -0.0503 2668 G   A "C3'" 
717  O "O3'" . G   A 22 ? 0.1516 0.1757 0.2655 -0.0164 -0.0535 -0.0566 2668 G   A "O3'" 
718  C "C2'" . G   A 22 ? 0.1500 0.1648 0.1953 -0.0511 0.0041  -0.0562 2668 G   A "C2'" 
719  O "O2'" . G   A 22 ? 0.1788 0.2008 0.1764 -0.0780 0.0320  -0.0618 2668 G   A "O2'" 
720  C "C1'" . G   A 22 ? 0.1624 0.1374 0.1786 -0.0510 -0.0102 -0.0382 2668 G   A "C1'" 
721  N N9    . G   A 22 ? 0.1352 0.1178 0.1650 -0.0373 -0.0097 -0.0219 2668 G   A N9    
722  C C8    . G   A 22 ? 0.1293 0.1191 0.1391 -0.0296 -0.0248 -0.0166 2668 G   A C8    
723  N N7    . G   A 22 ? 0.1243 0.1118 0.1474 -0.0154 -0.0015 -0.0109 2668 G   A N7    
724  C C5    . G   A 22 ? 0.1232 0.0968 0.1600 -0.0169 -0.0084 -0.0035 2668 G   A C5    
725  C C6    . G   A 22 ? 0.1103 0.1045 0.1402 -0.0120 -0.0185 -0.0001 2668 G   A C6    
726  O O6    . G   A 22 ? 0.1407 0.1105 0.1262 -0.0158 -0.0156 -0.0023 2668 G   A O6    
727  N N1    . G   A 22 ? 0.1118 0.0902 0.1588 -0.0016 -0.0098 -0.0041 2668 G   A N1    
728  C C2    . G   A 22 ? 0.1062 0.0999 0.1482 -0.0033 -0.0171 0.0002  2668 G   A C2    
729  N N2    . G   A 22 ? 0.1046 0.1059 0.1060 0.0043  -0.0031 -0.0326 2668 G   A N2    
730  N N3    . G   A 22 ? 0.1150 0.0904 0.1307 -0.0137 -0.0337 -0.0107 2668 G   A N3    
731  C C4    . G   A 22 ? 0.1416 0.0975 0.1751 -0.0212 -0.0215 -0.0004 2668 G   A C4    
742  P P     . G   A 23 ? 0.1477 0.2000 0.2799 -0.0118 -0.0365 -0.0738 2669 G   A P     
743  O OP1   . G   A 23 ? 0.1727 0.2123 0.3478 -0.0394 -0.0456 -0.0677 2669 G   A OP1   
744  O OP2   . G   A 23 ? 0.1681 0.1943 0.3294 0.0055  -0.0232 -0.0791 2669 G   A OP2   
745  O "O5'" . G   A 23 ? 0.1394 0.1563 0.2298 -0.0300 -0.0235 -0.0600 2669 G   A "O5'" 
746  C "C5'" . G   A 23 ? 0.1414 0.1450 0.2204 -0.0334 -0.0098 -0.0694 2669 G   A "C5'" 
747  C "C4'" . G   A 23 ? 0.1033 0.1290 0.2182 -0.0271 -0.0217 -0.0293 2669 G   A "C4'" 
748  O "O4'" . G   A 23 ? 0.1186 0.1162 0.2038 -0.0236 -0.0044 -0.0246 2669 G   A "O4'" 
749  C "C3'" . G   A 23 ? 0.1200 0.1284 0.2174 -0.0114 -0.0245 -0.0263 2669 G   A "C3'" 
750  O "O3'" . G   A 23 ? 0.1805 0.1451 0.2620 -0.0313 -0.0378 -0.0097 2669 G   A "O3'" 
751  C "C2'" . G   A 23 ? 0.1147 0.1041 0.2122 -0.0047 -0.0238 -0.0027 2669 G   A "C2'" 
752  O "O2'" . G   A 23 ? 0.0945 0.1111 0.1422 -0.0084 -0.0026 -0.0158 2669 G   A "O2'" 
753  C "C1'" . G   A 23 ? 0.1295 0.1093 0.2120 -0.0218 0.0058  -0.0055 2669 G   A "C1'" 
754  N N9    . G   A 23 ? 0.1210 0.1014 0.1665 -0.0152 -0.0016 0.0091  2669 G   A N9    
755  C C8    . G   A 23 ? 0.1158 0.1253 0.1364 -0.0165 0.0015  -0.0033 2669 G   A C8    
756  N N7    . G   A 23 ? 0.1375 0.1212 0.1320 -0.0101 -0.0369 0.0041  2669 G   A N7    
757  C C5    . G   A 23 ? 0.1360 0.1067 0.1500 -0.0117 -0.0400 0.0167  2669 G   A C5    
758  C C6    . G   A 23 ? 0.1812 0.1051 0.1304 -0.0209 -0.0496 0.0241  2669 G   A C6    
759  O O6    . G   A 23 ? 0.2206 0.1093 0.0964 -0.0473 -0.0003 0.0046  2669 G   A O6    
760  N N1    . G   A 23 ? 0.1341 0.1003 0.1201 -0.0108 -0.0557 0.0222  2669 G   A N1    
761  C C2    . G   A 23 ? 0.1115 0.1094 0.1094 -0.0097 -0.0401 0.0099  2669 G   A C2    
762  N N2    . G   A 23 ? 0.1151 0.1227 0.1059 -0.0229 -0.0315 0.0178  2669 G   A N2    
763  N N3    . G   A 23 ? 0.1171 0.1057 0.1267 0.0060  -0.0304 -0.0123 2669 G   A N3    
764  C C4    . G   A 23 ? 0.1124 0.0972 0.1515 0.0019  -0.0236 0.0129  2669 G   A C4    
775  P P     . A   A 24 ? 0.1493 0.1545 0.2985 -0.0094 -0.0757 0.0041  2670 A   A P     
776  O OP1   . A   A 24 ? 0.1217 0.1789 0.3734 -0.0183 -0.0749 0.0216  2670 A   A OP1   
777  O OP2   . A   A 24 ? 0.1962 0.1635 0.3168 -0.0042 -0.1379 -0.0218 2670 A   A OP2   
778  O "O5'" . A   A 24 ? 0.1548 0.1475 0.2040 -0.0036 -0.0205 0.0242  2670 A   A "O5'" 
779  C "C5'" . A   A 24 ? 0.1469 0.1588 0.1413 -0.0108 -0.0030 0.0112  2670 A   A "C5'" 
780  C "C4'" . A   A 24 ? 0.1564 0.1554 0.1354 0.0204  -0.0132 0.0252  2670 A   A "C4'" 
781  O "O4'" . A   A 24 ? 0.1540 0.1540 0.1253 0.0248  -0.0118 0.0109  2670 A   A "O4'" 
782  C "C3'" . A   A 24 ? 0.1296 0.1734 0.1819 0.0311  0.0018  0.0190  2670 A   A "C3'" 
783  O "O3'" . A   A 24 ? 0.1780 0.1992 0.2358 0.0441  0.0078  0.0590  2670 A   A "O3'" 
784  C "C2'" . A   A 24 ? 0.1499 0.1522 0.1251 0.0170  0.0031  0.0145  2670 A   A "C2'" 
785  O "O2'" . A   A 24 ? 0.1715 0.1383 0.1393 -0.0016 0.0003  -0.0036 2670 A   A "O2'" 
786  C "C1'" . A   A 24 ? 0.1457 0.1413 0.1295 0.0131  -0.0005 0.0250  2670 A   A "C1'" 
787  N N9    . A   A 24 ? 0.1413 0.1314 0.1204 0.0084  -0.0144 0.0268  2670 A   A N9    
788  C C8    . A   A 24 ? 0.1716 0.1343 0.1248 0.0007  -0.0064 0.0228  2670 A   A C8    
789  N N7    . A   A 24 ? 0.1537 0.1434 0.1145 -0.0067 -0.0245 0.0192  2670 A   A N7    
790  C C5    . A   A 24 ? 0.1599 0.1280 0.1165 0.0059  -0.0349 0.0159  2670 A   A C5    
791  C C6    . A   A 24 ? 0.1424 0.1181 0.1139 0.0088  -0.0239 0.0315  2670 A   A C6    
792  N N6    . A   A 24 ? 0.1541 0.1066 0.0996 0.0204  -0.0118 0.0103  2670 A   A N6    
793  N N1    . A   A 24 ? 0.1357 0.1291 0.1114 0.0179  -0.0434 0.0235  2670 A   A N1    
794  C C2    . A   A 24 ? 0.1312 0.1316 0.1059 0.0079  -0.0465 0.0061  2670 A   A C2    
795  N N3    . A   A 24 ? 0.1135 0.1356 0.1314 0.0025  -0.0335 0.0036  2670 A   A N3    
796  C C4    . A   A 24 ? 0.1412 0.1255 0.1232 0.0167  -0.0275 0.0021  2670 A   A C4    
808  P P     . G   A 25 ? 0.1846 0.2253 0.3083 0.0464  0.0101  0.0782  2671 G   A P     
809  O OP1   . G   A 25 ? 0.1731 0.2363 0.4256 0.0393  -0.0417 0.1202  2671 G   A OP1   
810  O OP2   . G   A 25 ? 0.1654 0.2573 0.2359 0.0237  -0.0019 0.0598  2671 G   A OP2   
811  O "O5'" . G   A 25 ? 0.1937 0.2009 0.2485 0.0647  0.0423  0.0929  2671 G   A "O5'" 
812  C "C5'" . G   A 25 ? 0.1852 0.2144 0.2601 0.0453  0.0567  0.0684  2671 G   A "C5'" 
813  C "C4'" . G   A 25 ? 0.1687 0.1971 0.2574 0.0567  0.0387  0.0661  2671 G   A "C4'" 
814  O "O4'" . G   A 25 ? 0.1786 0.1934 0.2091 0.0486  0.0324  0.0687  2671 G   A "O4'" 
815  C "C3'" . G   A 25 ? 0.1854 0.1927 0.2135 0.0469  0.0327  0.0677  2671 G   A "C3'" 
816  O "O3'" . G   A 25 ? 0.2047 0.2002 0.2448 0.0284  0.0421  0.0443  2671 G   A "O3'" 
817  C "C2'" . G   A 25 ? 0.1666 0.2028 0.1882 0.0443  -0.0155 0.0593  2671 G   A "C2'" 
818  O "O2'" . G   A 25 ? 0.1614 0.2217 0.1483 0.0344  -0.0196 0.0403  2671 G   A "O2'" 
819  C "C1'" . G   A 25 ? 0.1713 0.1981 0.1834 0.0482  -0.0001 0.0503  2671 G   A "C1'" 
820  N N9    . G   A 25 ? 0.1639 0.1830 0.2047 0.0516  -0.0281 0.0585  2671 G   A N9    
821  C C8    . G   A 25 ? 0.1779 0.1915 0.1698 0.0398  -0.0220 0.0589  2671 G   A C8    
822  N N7    . G   A 25 ? 0.1593 0.1940 0.1647 0.0328  -0.0381 0.0729  2671 G   A N7    
823  C C5    . G   A 25 ? 0.1590 0.1975 0.1388 0.0328  -0.0289 0.0556  2671 G   A C5    
824  C C6    . G   A 25 ? 0.1439 0.2071 0.1350 0.0131  -0.0433 0.0568  2671 G   A C6    
825  O O6    . G   A 25 ? 0.1234 0.2134 0.1695 -0.0048 -0.0221 0.0712  2671 G   A O6    
826  N N1    . G   A 25 ? 0.1232 0.2180 0.1396 -0.0059 -0.0411 0.0567  2671 G   A N1    
827  C C2    . G   A 25 ? 0.1261 0.2120 0.1319 0.0099  -0.0413 0.0478  2671 G   A C2    
828  N N2    . G   A 25 ? 0.0939 0.2157 0.1490 0.0157  -0.0326 0.0461  2671 G   A N2    
829  N N3    . G   A 25 ? 0.1372 0.1946 0.1171 0.0194  0.0024  0.0513  2671 G   A N3    
830  C C4    . G   A 25 ? 0.1546 0.1934 0.1399 0.0384  -0.0172 0.0326  2671 G   A C4    
841  P P     . U   A 26 ? 0.1462 0.2121 0.2420 0.0212  -0.0230 0.0531  2672 U   A P     
842  O OP1   . U   A 26 ? 0.1257 0.2164 0.2443 0.0488  0.0109  0.0303  2672 U   A OP1   
843  O OP2   . U   A 26 ? 0.1426 0.2211 0.2647 0.0214  -0.0033 0.0588  2672 U   A OP2   
844  O "O5'" . U   A 26 ? 0.1526 0.2117 0.1515 0.0146  -0.0169 0.0189  2672 U   A "O5'" 
845  C "C5'" . U   A 26 ? 0.1475 0.2157 0.1209 0.0041  -0.0126 0.0175  2672 U   A "C5'" 
846  C "C4'" . U   A 26 ? 0.1931 0.2082 0.1245 -0.0101 -0.0255 0.0346  2672 U   A "C4'" 
847  O "O4'" . U   A 26 ? 0.2025 0.1979 0.1233 -0.0173 -0.0318 0.0501  2672 U   A "O4'" 
848  C "C3'" . U   A 26 ? 0.2103 0.1922 0.1342 0.0077  -0.0276 0.0390  2672 U   A "C3'" 
849  O "O3'" . U   A 26 ? 0.2402 0.1938 0.1440 0.0124  -0.0220 0.0133  2672 U   A "O3'" 
850  C "C2'" . U   A 26 ? 0.2197 0.1842 0.1239 0.0046  -0.0160 0.0308  2672 U   A "C2'" 
851  O "O2'" . U   A 26 ? 0.1937 0.1947 0.1306 0.0093  -0.0194 0.0203  2672 U   A "O2'" 
852  C "C1'" . U   A 26 ? 0.2112 0.1768 0.1535 -0.0023 -0.0397 0.0454  2672 U   A "C1'" 
853  N N1    . U   A 26 ? 0.1782 0.1725 0.1509 0.0053  -0.0526 0.0502  2672 U   A N1    
854  C C2    . U   A 26 ? 0.1741 0.1748 0.1648 0.0089  -0.0642 0.0295  2672 U   A C2    
855  O O2    . U   A 26 ? 0.1598 0.1783 0.1462 0.0181  -0.0335 0.0149  2672 U   A O2    
856  N N3    . U   A 26 ? 0.1764 0.1766 0.1553 0.0088  -0.0881 0.0210  2672 U   A N3    
857  C C4    . U   A 26 ? 0.1400 0.1822 0.1596 -0.0064 -0.0663 0.0328  2672 U   A C4    
858  O O4    . U   A 26 ? 0.1455 0.1763 0.1769 -0.0056 -0.0447 0.0277  2672 U   A O4    
859  C C5    . U   A 26 ? 0.1548 0.1807 0.1780 -0.0114 -0.0521 0.0372  2672 U   A C5    
860  C C6    . U   A 26 ? 0.1371 0.1840 0.1701 -0.0142 -0.0297 0.0494  2672 U   A C6    
864  P P     . G   A 27 ? 0.2027 0.1866 0.1668 0.0166  -0.0477 0.0080  2673 G   A P     
865  O OP1   . G   A 27 ? 0.2133 0.1602 0.1687 0.0365  -0.0419 0.0323  2673 G   A OP1   
866  O OP2   . G   A 27 ? 0.1753 0.1912 0.1803 0.0028  -0.0504 0.0386  2673 G   A OP2   
867  O "O5'" . G   A 27 ? 0.2043 0.1811 0.2011 0.0124  -0.0773 -0.0090 2673 G   A "O5'" 
868  C "C5'" . G   A 27 ? 0.1726 0.1616 0.1520 -0.0020 -0.0476 0.0009  2673 G   A "C5'" 
869  C "C4'" . G   A 27 ? 0.1925 0.1484 0.1849 -0.0097 -0.0840 0.0080  2673 G   A "C4'" 
870  O "O4'" . G   A 27 ? 0.2248 0.1391 0.1771 -0.0325 -0.0671 0.0162  2673 G   A "O4'" 
871  C "C3'" . G   A 27 ? 0.2064 0.1455 0.1997 -0.0129 -0.0987 0.0169  2673 G   A "C3'" 
872  O "O3'" . G   A 27 ? 0.2300 0.1609 0.2133 -0.0272 -0.0884 0.0148  2673 G   A "O3'" 
873  C "C2'" . G   A 27 ? 0.2338 0.1497 0.1685 -0.0344 -0.0784 0.0268  2673 G   A "C2'" 
874  O "O2'" . G   A 27 ? 0.2369 0.1631 0.1437 -0.0412 -0.0260 0.0143  2673 G   A "O2'" 
875  C "C1'" . G   A 27 ? 0.2299 0.1547 0.1677 -0.0479 -0.0899 0.0245  2673 G   A "C1'" 
876  N N9    . G   A 27 ? 0.1891 0.1652 0.1567 -0.0539 -0.0798 0.0166  2673 G   A N9    
877  C C8    . G   A 27 ? 0.1742 0.1581 0.1215 -0.0426 -0.0791 0.0185  2673 G   A C8    
878  N N7    . G   A 27 ? 0.1793 0.1389 0.1301 -0.0158 -0.0853 0.0221  2673 G   A N7    
879  C C5    . G   A 27 ? 0.1778 0.1430 0.1208 -0.0231 -0.0726 0.0244  2673 G   A C5    
880  C C6    . G   A 27 ? 0.1556 0.1351 0.1598 -0.0151 -0.0721 0.0158  2673 G   A C6    
881  O O6    . G   A 27 ? 0.1630 0.1321 0.1864 -0.0227 -0.0672 0.0234  2673 G   A O6    
882  N N1    . G   A 27 ? 0.1680 0.1403 0.1681 -0.0191 -0.0720 0.0185  2673 G   A N1    
883  C C2    . G   A 27 ? 0.1573 0.1392 0.1877 0.0027  -0.0795 0.0048  2673 G   A C2    
884  N N2    . G   A 27 ? 0.1519 0.1265 0.1549 0.0152  -0.0437 -0.0258 2673 G   A N2    
885  N N3    . G   A 27 ? 0.1484 0.1521 0.1549 -0.0100 -0.0728 0.0138  2673 G   A N3    
886  C C4    . G   A 27 ? 0.1843 0.1509 0.1539 -0.0214 -0.0775 0.0086  2673 G   A C4    
898  O O     . HOH B .  ? 0.1405 0.1071 0.1056 -0.0260 -0.0142 -0.0112 1    HOH A O     
899  O O     . HOH B .  ? 0.0975 0.1125 0.1364 -0.0078 0.0247  -0.0072 2    HOH A O     
900  O O     . HOH B .  ? 0.1289 0.1998 0.1440 0.0207  -0.0520 -0.0483 3    HOH A O     
901  O O     . HOH B .  ? 0.1257 0.1951 0.1406 -0.0528 0.0150  -0.0657 4    HOH A O     
902  O O     . HOH B .  ? 0.1266 0.0911 0.1902 -0.0024 0.0215  0.0013  5    HOH A O     
903  O O     . HOH B .  ? 0.1811 0.1328 0.1181 -0.0467 0.0058  -0.0306 6    HOH A O     
904  O O     . HOH B .  ? 0.1348 0.1794 0.1838 0.0255  -0.0186 -0.0680 7    HOH A O     
905  O O     . HOH B .  ? 0.1273 0.1074 0.1331 -0.0256 -0.0012 -0.0108 8    HOH A O     
906  O O     . HOH B .  ? 0.2315 0.1995 0.1422 0.0998  -0.0261 -0.0678 9    HOH A O     
907  O O     . HOH B .  ? 0.1447 0.1681 0.3917 0.0301  0.0253  0.0940  10   HOH A O     
908  O O     . HOH B .  ? 0.2177 0.1280 0.3041 0.0443  -0.0074 -0.0326 11   HOH A O     
909  O O     . HOH B .  ? 0.1138 0.2342 0.1578 -0.0480 -0.0233 -0.0004 12   HOH A O     
910  O O     . HOH B .  ? 0.2223 0.3921 0.2507 0.0653  0.0810  0.1259  13   HOH A O     
911  O O     . HOH B .  ? 0.1724 0.1967 0.1761 0.0138  0.0151  0.0621  14   HOH A O     
912  O O     . HOH B .  ? 0.2430 0.1801 0.1591 -0.0423 0.0197  -0.0482 15   HOH A O     
913  O O     . HOH B .  ? 0.2723 0.2279 0.1509 0.0923  -0.0562 -0.0086 16   HOH A O     
914  O O     . HOH B .  ? 0.2020 0.1235 0.1455 -0.0155 -0.0565 0.0030  17   HOH A O     
915  O O     . HOH B .  ? 0.2216 0.2290 0.3145 -0.1191 0.0557  -0.0487 18   HOH A O     
916  O O     . HOH B .  ? 0.2714 0.2765 0.3537 -0.1133 0.1452  -0.1631 19   HOH A O     
917  O O     . HOH B .  ? 0.2379 0.1089 0.1555 -0.0010 -0.0109 -0.0145 20   HOH A O     
918  O O     . HOH B .  ? 0.1240 0.1422 0.2283 -0.0027 -0.0307 -0.0274 21   HOH A O     
919  O O     . HOH B .  ? 0.2257 0.2761 0.1336 0.0822  -0.0167 0.0239  22   HOH A O     
920  O O     . HOH B .  ? 0.3746 0.2443 0.2855 -0.0503 -0.0484 0.0750  23   HOH A O     
921  O O     . HOH B .  ? 0.2747 0.1793 0.1835 -0.0209 -0.0584 0.0548  24   HOH A O     
922  O O     . HOH B .  ? 0.1892 0.1413 0.2301 -0.0276 -0.0351 0.0072  25   HOH A O     
923  O O     . HOH B .  ? 0.1161 0.3377 0.2672 -0.0047 -0.0394 0.0626  26   HOH A O     
924  O O     . HOH B .  ? 0.2215 0.2611 0.3654 -0.0973 0.1345  -0.1588 27   HOH A O     
925  O O     . HOH B .  ? 0.2434 0.1320 0.3810 0.0503  -0.0020 -0.0259 28   HOH A O     
926  O O     . HOH B .  ? 0.3250 0.5446 0.2551 -0.2200 -0.0955 0.1559  29   HOH A O     
927  O O     . HOH B .  ? 0.3271 0.2233 0.2754 0.0830  0.0245  0.1008  30   HOH A O     
928  O O     . HOH B .  ? 0.2098 0.4320 0.1873 0.0712  -0.0169 -0.1005 31   HOH A O     
929  O O     . HOH B .  ? 0.2522 0.2575 0.2270 -0.0470 -0.0012 0.0610  32   HOH A O     
930  O O     . HOH B .  ? 0.1254 0.2200 0.2998 -0.0585 -0.0187 0.0062  33   HOH A O     
931  O O     . HOH B .  ? 0.2144 0.2864 0.2279 -0.0696 -0.0768 -0.0822 34   HOH A O     
932  O O     . HOH B .  ? 0.1965 0.2005 0.2947 -0.0077 -0.0049 -0.0296 35   HOH A O     
933  O O     . HOH B .  ? 0.1539 0.1590 0.2087 -0.0244 0.0028  -0.0295 36   HOH A O     
934  O O     . HOH B .  ? 0.1741 0.1385 0.3185 0.0166  -0.0628 -0.0168 37   HOH A O     
935  O O     . HOH B .  ? 0.2242 0.4522 0.4824 0.0846  -0.0990 -0.2612 38   HOH A O     
936  O O     . HOH B .  ? 0.2023 0.2445 0.4603 0.0003  0.1381  -0.0012 39   HOH A O     
937  O O     . HOH B .  ? 0.4345 0.3619 0.2048 -0.1016 0.1276  -0.0803 40   HOH A O     
938  O O     . HOH B .  ? 0.4412 0.2797 0.2579 0.0499  -0.0671 -0.0739 41   HOH A O     
939  O O     . HOH B .  ? 0.2037 0.2453 0.3102 -0.0050 0.0731  0.0641  42   HOH A O     
940  O O     . HOH B .  ? 0.3934 0.3435 0.2255 -0.1615 0.0686  -0.1203 43   HOH A O     
941  O O     . HOH B .  ? 0.2723 0.2646 0.3246 0.1121  0.0408  -0.0432 44   HOH A O     
942  O O     . HOH B .  ? 0.6027 0.6344 0.4375 0.2698  0.2208  0.0549  45   HOH A O     
943  O O     . HOH B .  ? 0.1887 0.3052 0.4467 -0.0468 -0.0416 -0.1333 46   HOH A O     
944  O O     . HOH B .  ? 0.2708 0.2784 0.2300 -0.0830 -0.0313 0.1346  47   HOH A O     
945  O O     . HOH B .  ? 0.4376 0.2691 0.1740 0.1547  0.0816  0.0670  48   HOH A O     
946  O O     . HOH B .  ? 0.2227 0.2549 0.3915 -0.0990 0.0073  0.0114  49   HOH A O     
947  O O     . HOH B .  ? 0.2107 0.4342 0.4075 -0.0821 -0.1015 0.2112  50   HOH A O     
948  O O     . HOH B .  ? 0.4480 0.5553 0.2527 0.2776  -0.1047 -0.1203 51   HOH A O     
949  O O     . HOH B .  ? 0.1434 0.3707 0.2687 0.0832  -0.0113 -0.1000 52   HOH A O     
950  O O     . HOH B .  ? 0.4024 0.2100 0.5647 0.0683  0.0556  0.1298  53   HOH A O     
951  O O     . HOH B .  ? 0.2246 0.3482 0.3831 0.0739  -0.0222 -0.0130 54   HOH A O     
952  O O     . HOH B .  ? 0.1657 0.4479 0.3442 0.0638  0.0201  0.1016  55   HOH A O     
953  O O     . HOH B .  ? 0.1818 0.3962 0.1920 -0.0752 -0.0723 0.0810  56   HOH A O     
954  O O     . HOH B .  ? 0.2839 0.2288 0.2251 -0.0175 0.0786  -0.1083 57   HOH A O     
955  O O     . HOH B .  ? 1.0904 0.3808 0.3290 0.0724  0.1779  0.0373  58   HOH A O     
956  O O     . HOH B .  ? 0.2741 0.1554 0.3309 0.0167  -0.0247 -0.0555 59   HOH A O     
957  O O     . HOH B .  ? 0.3733 0.3189 0.2170 0.0621  -0.1063 0.0746  60   HOH A O     
958  O O     . HOH B .  ? 0.3182 0.1642 0.3423 0.0746  0.1635  0.0425  61   HOH A O     
959  O O     . HOH B .  ? 0.2007 0.5084 0.3322 -0.0026 -0.0058 -0.2352 62   HOH A O     
960  O O     . HOH B .  ? 0.1825 0.1502 0.4256 -0.0359 -0.0192 0.0545  63   HOH A O     
961  O O     . HOH B .  ? 0.7373 0.4428 0.3491 0.0203  0.1898  -0.1282 64   HOH A O     
962  O O     . HOH B .  ? 0.2798 0.6473 0.3614 0.0304  -0.0082 0.2606  65   HOH A O     
963  O O     . HOH B .  ? 0.1823 0.2816 0.2482 -0.0316 -0.0501 -0.0056 66   HOH A O     
964  O O     . HOH B .  ? 0.2996 0.3221 0.4469 -0.1439 0.1505  -0.1504 67   HOH A O     
965  O O     . HOH B .  ? 0.4091 0.3087 0.3356 -0.1495 0.0716  -0.0203 68   HOH A O     
966  O O     . HOH B .  ? 0.6156 0.5871 0.2499 0.1537  -0.1450 -0.0621 69   HOH A O     
967  O O     . HOH B .  ? 0.2376 0.2569 0.1718 -0.1079 -0.0391 0.0625  70   HOH A O     
968  O O     . HOH B .  ? 0.2125 0.3746 0.3676 -0.0464 0.0134  -0.1088 71   HOH A O     
969  O O     . HOH B .  ? 0.1374 0.2118 0.4219 -0.0010 -0.0275 -0.0902 72   HOH A O     
970  O O     . HOH B .  ? 0.3111 0.6035 0.4761 0.0662  -0.0219 -0.1644 73   HOH A O     
971  O O     . HOH B .  ? 0.1674 0.1752 0.5916 -0.0178 0.0441  0.0113  74   HOH A O     
972  O O     . HOH B .  ? 0.8361 0.3423 0.3390 -0.0701 0.2423  -0.0046 75   HOH A O     
973  O O     . HOH B .  ? 0.2034 0.3761 0.4810 -0.0765 0.0431  -0.2106 76   HOH A O     
974  O O     . HOH B .  ? 0.4664 0.2100 0.1633 0.0078  0.0525  -0.0034 77   HOH A O     
975  O O     . HOH B .  ? 0.3833 0.5381 0.4148 0.0328  -0.1028 -0.2580 78   HOH A O     
976  O O     . HOH B .  ? 0.4204 0.3025 0.4797 0.1152  0.2494  0.1502  79   HOH A O     
977  O O     . HOH B .  ? 0.1844 0.3526 0.2118 0.0186  0.0246  -0.0894 80   HOH A O     
978  O O     . HOH B .  ? 0.1923 0.2133 0.6663 -0.0231 -0.0781 0.1222  81   HOH A O     
979  O O     . HOH B .  ? 0.1358 0.2268 0.3856 -0.0004 -0.0477 0.1193  82   HOH A O     
980  O O     . HOH B .  ? 0.1921 0.2724 0.2070 0.0058  -0.0057 -0.0847 83   HOH A O     
981  O O     . HOH B .  ? 0.3374 0.3245 0.8447 0.0944  0.1634  0.1600  84   HOH A O     
982  O O     . HOH B .  ? 0.2012 0.2377 0.1606 0.0146  -0.0027 -0.0632 85   HOH A O     
983  O O     . HOH B .  ? 0.1907 0.2005 0.1397 -0.0263 -0.0258 -0.0225 86   HOH A O     
984  O O     . HOH B .  ? 0.4983 0.2048 0.4320 -0.0215 0.2753  -0.0109 87   HOH A O     
985  O O     . HOH B .  ? 0.5667 0.3261 0.6567 0.1008  0.1944  0.2085  88   HOH A O     
986  O O     . HOH B .  ? 0.7081 0.2169 0.3996 -0.1043 -0.0779 -0.0296 89   HOH A O     
987  O O     . HOH B .  ? 0.6363 0.1775 0.2132 -0.0580 -0.1314 0.0163  90   HOH A O     
988  O O     . HOH B .  ? 0.3107 0.3544 1.0996 0.0218  -0.1246 -0.1808 91   HOH A O     
989  O O     . HOH B .  ? 0.4302 0.2826 0.4262 0.1473  0.2268  0.1146  92   HOH A O     
990  O O     . HOH B .  ? 0.5932 0.4232 0.4621 0.2353  0.2735  0.1673  93   HOH A O     
991  O O     . HOH B .  ? 0.3843 0.3240 0.5403 0.1380  -0.2423 -0.1929 94   HOH A O     
992  O O     . HOH B .  ? 0.4973 0.3849 0.6867 0.2253  0.1187  -0.0203 95   HOH A O     
993  O O     . HOH B .  ? 0.3306 0.4579 0.5673 -0.1823 0.1508  -0.1119 96   HOH A O     
994  O O     . HOH B .  ? 0.4404 0.4004 0.4818 0.1405  -0.2501 -0.1763 97   HOH A O     
995  O O     . HOH B .  ? 0.6545 0.3393 0.3203 0.0826  -0.1005 -0.0584 98   HOH A O     
996  O O     . HOH B .  ? 0.5284 0.5303 0.4435 -0.2794 0.0964  0.0536  99   HOH A O     
997  O O     . HOH B .  ? 0.7944 0.6390 0.3906 0.0012  -0.0460 -0.2769 100  HOH A O     
998  O O     . HOH B .  ? 0.3925 0.8101 0.2758 -0.1912 -0.0797 0.1393  101  HOH A O     
999  O O     . HOH B .  ? 0.4296 0.7487 0.5125 0.0198  -0.2236 -0.1825 102  HOH A O     
1000 O O     . HOH B .  ? 0.3736 1.1570 0.3422 0.1886  -0.0365 -0.1691 103  HOH A O     
1001 O O     . HOH B .  ? 0.3004 0.8035 0.3065 -0.1339 -0.0103 0.1861  104  HOH A O     
1002 O O     . HOH B .  ? 0.3645 0.6385 0.7555 -0.1152 0.2466  -0.0235 105  HOH A O     
1003 O O     . HOH B .  ? 0.6239 0.5801 0.2638 0.3510  -0.0870 -0.0769 106  HOH A O     
1004 O O     . HOH B .  ? 0.1870 0.3908 0.2651 0.0492  -0.0420 -0.1145 107  HOH A O     
1005 O O     . HOH B .  ? 0.8119 0.3507 0.8369 0.1786  -0.2242 -0.1474 108  HOH A O     
1006 O O     . HOH B .  ? 0.1624 0.1625 0.4346 -0.0375 -0.0093 0.0833  109  HOH A O     
1007 O O     . HOH B .  ? 0.2499 0.2305 0.6185 0.0448  0.1513  0.0033  110  HOH A O     
1008 O O     . HOH B .  ? 0.4704 0.8348 0.6634 -0.2638 -0.2162 0.4127  111  HOH A O     
1009 O O     . HOH B .  ? 0.3588 0.3320 0.5753 -0.0569 -0.2479 0.0144  112  HOH A O     
1010 O O     . HOH B .  ? 0.6063 0.6020 0.2868 0.0635  -0.2070 -0.0046 113  HOH A O     
1011 O O     . HOH B .  ? 0.1316 0.1798 0.4697 0.0117  0.0282  0.0796  114  HOH A O     
1012 O O     . HOH B .  ? 0.3224 0.4746 0.4829 0.1769  -0.1622 -0.2154 115  HOH A O     
1013 O O     . HOH B .  ? 0.7052 0.3704 0.2137 -0.2495 0.0331  -0.0096 116  HOH A O     
1014 O O     . HOH B .  ? 0.5126 0.2340 0.1773 0.1644  0.0859  0.0444  117  HOH A O     
1015 O O     . HOH B .  ? 0.5422 0.6457 1.0467 0.1940  -0.3178 -0.0190 118  HOH A O     
1016 O O     . HOH B .  ? 0.8594 0.4364 0.3448 -0.2035 0.0494  -0.1315 119  HOH A O     
1017 O O     . HOH B .  ? 0.6535 0.1927 0.1703 0.1026  -0.0223 -0.0041 120  HOH A O     
1018 O O     . HOH B .  ? 0.2981 0.4252 0.6205 -0.0195 -0.1376 0.2445  121  HOH A O     
1019 O O     . HOH B .  ? 0.2753 0.6238 0.6650 0.0090  0.0164  0.3849  122  HOH A O     
1020 O O     . HOH B .  ? 0.5886 0.3054 0.4512 0.1058  0.2228  0.0124  123  HOH A O     
1021 O O     . HOH B .  ? 0.9843 0.3777 0.3783 0.1591  0.1775  -0.0333 124  HOH A O     
1022 O O     . HOH B .  ? 0.2500 0.3425 0.1897 -0.0367 -0.0353 0.1362  125  HOH A O     
1023 O O     . HOH B .  ? 0.3374 0.8502 0.4836 0.0104  0.1820  -0.0327 126  HOH A O     
1024 O O     . HOH B .  ? 0.6890 0.5504 0.2538 -0.3626 0.0230  -0.0239 127  HOH A O     
1025 O O     . HOH B .  ? 0.6796 0.6432 0.3688 0.3602  0.0513  -0.0500 128  HOH A O     
1026 O O     . HOH B .  ? 0.8252 0.4834 0.6406 0.3367  -0.1278 -0.0037 129  HOH A O     
1027 O O     . HOH B .  ? 0.6113 0.5604 0.4950 -0.1564 -0.3000 0.1624  130  HOH A O     
1028 O O     . HOH B .  ? 0.7529 0.5812 0.3210 -0.2588 0.1466  0.0174  131  HOH A O     
1029 O O     . HOH B .  ? 0.3063 0.8129 0.2548 -0.2124 0.0434  -0.1206 132  HOH A O     
1030 O O     . HOH B .  ? 0.6176 0.7795 0.4802 0.1869  0.1426  0.3207  133  HOH A O     
1031 O O     . HOH B .  ? 0.4988 0.2972 0.3304 -0.1961 -0.1577 0.0819  134  HOH A O     
1032 O O     . HOH B .  ? 0.9400 0.7070 0.6436 0.2642  0.3927  0.2614  135  HOH A O     
1033 O O     . HOH B .  ? 0.4070 0.7378 0.9671 0.1467  0.1835  0.4844  136  HOH A O     
1034 O O     . HOH B .  ? 0.4943 0.3569 0.2665 -0.1953 -0.1172 0.0011  137  HOH A O     
1035 O O     . HOH B .  ? 0.1326 0.1475 0.1744 0.0296  0.0031  -0.0157 138  HOH A O     
1036 O O     . HOH B .  ? 0.1385 0.2408 0.1273 0.0125  0.0120  -0.0093 139  HOH A O     
1037 O O     . HOH B .  ? 0.4004 0.3002 0.1591 0.1064  -0.0285 0.0020  140  HOH A O     
1038 O O     . HOH B .  ? 0.2834 0.3609 0.2964 0.0130  -0.0813 0.1162  141  HOH A O     
1039 O O     . HOH B .  ? 0.7009 1.3825 1.0757 0.4617  -0.2501 -0.1849 142  HOH A O     
1040 O O     . HOH B .  ? 0.9401 0.3585 0.3713 0.0346  -0.1760 -0.1001 143  HOH A O     
1041 O O     . HOH B .  ? 0.3680 0.9620 0.7884 0.0156  -0.1438 0.3097  144  HOH A O     
1042 O O     . HOH B .  ? 0.7273 0.6414 0.4393 -0.3808 -0.2337 0.2134  145  HOH A O     
1043 O O     . HOH B .  ? 0.3330 0.3807 0.5691 -0.0765 0.0859  -0.0326 146  HOH A O     
1044 O O     . HOH B .  ? 0.6572 0.3785 0.3598 0.2447  0.2333  0.1331  147  HOH A O     
1045 O O     . HOH B .  ? 0.3898 0.3511 0.3370 0.1434  -0.1537 -0.1741 148  HOH A O     
1046 O O     . HOH B .  ? 0.7306 1.1290 0.5059 -0.1661 0.2865  -0.0224 149  HOH A O     
1047 O O     . HOH B .  ? 0.2936 0.4427 0.7734 0.0278  -0.1389 -0.2628 150  HOH A O     
1048 O O     . HOH B .  ? 0.7944 0.3371 0.9269 -0.0631 0.3928  0.0114  151  HOH A O     
1049 O O     . HOH B .  ? 0.3688 0.3536 0.5499 -0.1601 -0.1979 0.1434  152  HOH A O     
1050 O O     . HOH B .  ? 0.5618 0.7081 0.2746 0.1272  -0.1603 -0.0177 153  HOH A O     
1051 O O     . HOH B .  ? 0.8848 1.0797 0.6688 -0.1847 0.3791  0.1749  154  HOH A O     
1052 O O     . HOH B .  ? 0.8013 0.4162 0.5042 0.2254  0.1859  0.1876  155  HOH A O     
1053 O O     . HOH B .  ? 0.9017 0.5157 0.2607 -0.2504 -0.0385 -0.0019 156  HOH A O     
1054 O O     . HOH B .  ? 0.4631 0.7201 0.9378 0.1611  -0.2846 -0.3508 157  HOH A O     
1055 O O     . HOH B .  ? 0.4754 0.5562 0.6395 -0.2210 0.2152  -0.3166 158  HOH A O     
1056 O O     . HOH B .  ? 0.6775 0.4187 0.8354 0.1756  -0.0339 -0.1424 159  HOH A O     
1057 O O     . HOH B .  ? 0.4273 0.7841 0.3576 -0.3038 0.0919  -0.1212 160  HOH A O     
1058 O O     . HOH B .  ? 0.7553 0.4286 0.5902 0.1922  0.0646  -0.2113 161  HOH A O     
1059 O O     . HOH B .  ? 1.4639 0.3783 0.4229 -0.0358 -0.2133 0.0058  162  HOH A O     
1060 O O     . HOH B .  ? 0.8273 0.8823 0.3054 0.3240  -0.0331 -0.0713 163  HOH A O     
1061 O O     . HOH B .  ? 0.4508 0.6278 0.3313 -0.2933 -0.1247 0.1782  164  HOH A O     
1062 O O     . HOH B .  ? 0.3175 0.5134 0.3692 -0.1173 -0.0355 -0.1864 165  HOH A O     
1063 O O     . HOH B .  ? 0.5452 0.7985 0.7073 0.3242  -0.2319 -0.3276 166  HOH A O     
1064 O O     . HOH B .  ? 0.6857 0.9754 0.6867 0.3348  -0.1542 0.2131  167  HOH A O     
1065 O O     . HOH B .  ? 0.3097 0.7597 0.4345 0.1738  -0.0802 -0.2829 168  HOH A O     
1066 O O     . HOH B .  ? 0.9824 0.9286 0.8090 0.0302  -0.1189 -0.1626 169  HOH A O     
1067 O O     . HOH B .  ? 0.5981 0.5895 1.0231 0.0391  -0.3572 -0.2681 170  HOH A O     
1068 O O     . HOH B .  ? 0.7326 0.5871 0.4973 -0.1073 0.1793  0.2475  171  HOH A O     
1069 O O     . HOH B .  ? 0.9788 0.7784 0.4202 0.2669  0.0536  -0.1867 172  HOH A O     
1070 O O     . HOH B .  ? 0.6458 0.4543 0.6973 0.2140  -0.3670 -0.2454 173  HOH A O     
1071 O O     . HOH B .  ? 0.4519 0.9340 0.9602 0.2527  -0.2216 0.0939  174  HOH A O     
1072 O O     . HOH B .  ? 0.3788 0.6687 0.2963 -0.2730 -0.0323 0.0824  175  HOH A O     
1073 O O     . HOH B .  ? 0.5814 0.4146 0.3919 0.1364  0.1772  0.0017  176  HOH A O     
1074 O O     . HOH B .  ? 0.7084 0.3419 0.8164 -0.1694 -0.2328 0.1517  178  HOH A O     
1075 O O     . HOH B .  ? 0.9054 0.5677 1.2928 0.1091  -0.1313 -0.4082 179  HOH A O     
1076 O O     . HOH B .  ? 0.5425 1.1195 0.4794 -0.3032 0.1645  -0.1058 180  HOH A O     
1077 O O     . HOH B .  ? 0.9696 0.9001 0.3081 0.0373  0.0561  -0.1896 181  HOH A O     
1078 O O     . HOH B .  ? 0.6151 0.7141 0.3513 -0.3365 0.0586  0.0478  182  HOH A O     
1079 O O     . HOH B .  ? 0.8320 0.3566 0.3782 0.2340  -0.2378 -0.0862 183  HOH A O     
1080 O O     . HOH B .  ? 0.1880 0.2313 0.4746 -0.0473 0.1258  -0.0766 184  HOH A O     
1081 O O     . HOH B .  ? 0.5361 0.5734 1.3557 -0.1331 -0.3337 0.3916  185  HOH A O     
1082 O O     . HOH B .  ? 0.3257 0.4684 0.8470 0.1649  -0.0618 -0.0247 186  HOH A O     
1083 O O     . HOH B .  ? 0.7105 0.7787 0.4653 0.0380  -0.2162 0.2477  187  HOH A O     
1084 O O     . HOH B .  ? 0.3936 0.2668 0.7270 -0.0543 0.1140  -0.1289 188  HOH A O     
1085 O O     . HOH B .  ? 0.8030 0.4478 0.3869 0.0492  0.2166  0.1456  189  HOH A O     
1086 O O     . HOH B .  ? 0.9638 0.4567 0.3757 0.0782  0.2611  0.0670  190  HOH A O     
1087 O O     . HOH B .  ? 0.6544 0.9667 0.6847 0.1803  -0.3045 0.1906  191  HOH A O     
1088 O O     . HOH B .  ? 1.2044 0.5009 0.7487 0.1604  0.0027  -0.2643 192  HOH A O     
1089 O O     . HOH B .  ? 0.4915 0.5960 0.8027 -0.1954 0.3099  -0.2815 193  HOH A O     
1090 O O     . HOH B .  ? 0.6104 0.7339 0.3174 0.3366  0.0181  -0.0828 194  HOH A O     
1091 O O     . HOH B .  ? 0.2717 0.3984 0.5843 -0.1006 0.1642  -0.2251 195  HOH A O     
1092 O O     . HOH B .  ? 0.8740 0.2814 0.2604 0.1705  0.1200  0.0329  196  HOH A O     
1093 O O     . HOH B .  ? 0.3467 0.3913 0.4844 0.0429  -0.2147 -0.0125 197  HOH A O     
1094 O O     . HOH B .  ? 0.1969 0.3912 0.7523 -0.0290 -0.0342 0.0649  198  HOH A O     
1095 O O     . HOH B .  ? 0.4732 0.3706 0.5220 0.0988  0.1852  0.0679  199  HOH A O     
# 
loop_
_pdbx_poly_seq_scheme.asym_id 
_pdbx_poly_seq_scheme.entity_id 
_pdbx_poly_seq_scheme.seq_id 
_pdbx_poly_seq_scheme.mon_id 
_pdbx_poly_seq_scheme.ndb_seq_num 
_pdbx_poly_seq_scheme.pdb_seq_num 
_pdbx_poly_seq_scheme.auth_seq_num 
_pdbx_poly_seq_scheme.pdb_mon_id 
_pdbx_poly_seq_scheme.auth_mon_id 
_pdbx_poly_seq_scheme.pdb_strand_id 
_pdbx_poly_seq_scheme.pdb_ins_code 
_pdbx_poly_seq_scheme.hetero 
A 1 1  U   1  2647 2647 U   U   A . n 
A 1 2  G   2  2648 2648 G   G   A . n 
A 1 3  C   3  2649 2649 C   C   A . n 
A 1 4  UZR 4  2650 2650 UZR UZR A . n 
A 1 5  C   5  2651 2651 C   C   A . n 
A 1 6  C   6  2652 2652 C   C   A . n 
A 1 7  U   7  2653 2653 U   U   A . n 
A 1 8  A   8  2654 2654 A   A   A . n 
A 1 9  G   9  2655 2655 G   G   A . n 
A 1 10 U   10 2656 2656 U   U   A . n 
A 1 11 A   11 2657 2657 A   A   A . n 
A 1 12 C   12 2658 2658 C   C   A . n 
A 1 13 G   13 2659 2659 G   G   A . n 
A 1 14 A   14 2660 2660 A   A   A . n 
A 1 15 G   15 2661 2661 G   G   A . n 
A 1 16 A   16 2662 2662 A   A   A . n 
A 1 17 G   17 2663 2663 G   G   A . n 
A 1 18 G   18 2664 2664 G   G   A . n 
A 1 19 A   19 2665 2665 A   A   A . n 
A 1 20 C   20 2666 2666 C   C   A . n 
A 1 21 C   21 2667 2667 C   C   A . n 
A 1 22 G   22 2668 2668 G   G   A . n 
A 1 23 G   23 2669 2669 G   G   A . n 
A 1 24 A   24 2670 2670 A   A   A . n 
A 1 25 G   25 2671 2671 G   G   A . n 
A 1 26 U   26 2672 2672 U   U   A . n 
A 1 27 G   27 2673 2673 G   G   A . n 
# 
loop_
_pdbx_nonpoly_scheme.asym_id 
_pdbx_nonpoly_scheme.entity_id 
_pdbx_nonpoly_scheme.mon_id 
_pdbx_nonpoly_scheme.ndb_seq_num 
_pdbx_nonpoly_scheme.pdb_seq_num 
_pdbx_nonpoly_scheme.auth_seq_num 
_pdbx_nonpoly_scheme.pdb_mon_id 
_pdbx_nonpoly_scheme.auth_mon_id 
_pdbx_nonpoly_scheme.pdb_strand_id 
_pdbx_nonpoly_scheme.pdb_ins_code 
B 2 HOH 1   1   1   HOH HOH A . 
B 2 HOH 2   2   2   HOH HOH A . 
B 2 HOH 3   3   3   HOH HOH A . 
B 2 HOH 4   4   4   HOH HOH A . 
B 2 HOH 5   5   5   HOH HOH A . 
B 2 HOH 6   6   6   HOH HOH A . 
B 2 HOH 7   7   7   HOH HOH A . 
B 2 HOH 8   8   8   HOH HOH A . 
B 2 HOH 9   9   9   HOH HOH A . 
B 2 HOH 10  10  10  HOH HOH A . 
B 2 HOH 11  11  11  HOH HOH A . 
B 2 HOH 12  12  12  HOH HOH A . 
B 2 HOH 13  13  13  HOH HOH A . 
B 2 HOH 14  14  14  HOH HOH A . 
B 2 HOH 15  15  15  HOH HOH A . 
B 2 HOH 16  16  16  HOH HOH A . 
B 2 HOH 17  17  17  HOH HOH A . 
B 2 HOH 18  18  18  HOH HOH A . 
B 2 HOH 19  19  19  HOH HOH A . 
B 2 HOH 20  20  20  HOH HOH A . 
B 2 HOH 21  21  21  HOH HOH A . 
B 2 HOH 22  22  22  HOH HOH A . 
B 2 HOH 23  23  23  HOH HOH A . 
B 2 HOH 24  24  24  HOH HOH A . 
B 2 HOH 25  25  25  HOH HOH A . 
B 2 HOH 26  26  26  HOH HOH A . 
B 2 HOH 27  27  27  HOH HOH A . 
B 2 HOH 28  28  28  HOH HOH A . 
B 2 HOH 29  29  29  HOH HOH A . 
B 2 HOH 30  30  30  HOH HOH A . 
B 2 HOH 31  31  31  HOH HOH A . 
B 2 HOH 32  32  32  HOH HOH A . 
B 2 HOH 33  33  33  HOH HOH A . 
B 2 HOH 34  34  34  HOH HOH A . 
B 2 HOH 35  35  35  HOH HOH A . 
B 2 HOH 36  36  36  HOH HOH A . 
B 2 HOH 37  37  37  HOH HOH A . 
B 2 HOH 38  38  38  HOH HOH A . 
B 2 HOH 39  39  39  HOH HOH A . 
B 2 HOH 40  40  40  HOH HOH A . 
B 2 HOH 41  41  41  HOH HOH A . 
B 2 HOH 42  42  42  HOH HOH A . 
B 2 HOH 43  43  43  HOH HOH A . 
B 2 HOH 44  44  44  HOH HOH A . 
B 2 HOH 45  45  45  HOH HOH A . 
B 2 HOH 46  46  46  HOH HOH A . 
B 2 HOH 47  47  47  HOH HOH A . 
B 2 HOH 48  48  48  HOH HOH A . 
B 2 HOH 49  49  49  HOH HOH A . 
B 2 HOH 50  50  50  HOH HOH A . 
B 2 HOH 51  51  51  HOH HOH A . 
B 2 HOH 52  52  52  HOH HOH A . 
B 2 HOH 53  53  53  HOH HOH A . 
B 2 HOH 54  54  54  HOH HOH A . 
B 2 HOH 55  55  55  HOH HOH A . 
B 2 HOH 56  56  56  HOH HOH A . 
B 2 HOH 57  57  57  HOH HOH A . 
B 2 HOH 58  58  58  HOH HOH A . 
B 2 HOH 59  59  59  HOH HOH A . 
B 2 HOH 60  60  60  HOH HOH A . 
B 2 HOH 61  61  61  HOH HOH A . 
B 2 HOH 62  62  62  HOH HOH A . 
B 2 HOH 63  63  63  HOH HOH A . 
B 2 HOH 64  64  64  HOH HOH A . 
B 2 HOH 65  65  65  HOH HOH A . 
B 2 HOH 66  66  66  HOH HOH A . 
B 2 HOH 67  67  67  HOH HOH A . 
B 2 HOH 68  68  68  HOH HOH A . 
B 2 HOH 69  69  69  HOH HOH A . 
B 2 HOH 70  70  70  HOH HOH A . 
B 2 HOH 71  71  71  HOH HOH A . 
B 2 HOH 72  72  72  HOH HOH A . 
B 2 HOH 73  73  73  HOH HOH A . 
B 2 HOH 74  74  74  HOH HOH A . 
B 2 HOH 75  75  75  HOH HOH A . 
B 2 HOH 76  76  76  HOH HOH A . 
B 2 HOH 77  77  77  HOH HOH A . 
B 2 HOH 78  78  78  HOH HOH A . 
B 2 HOH 79  79  79  HOH HOH A . 
B 2 HOH 80  80  80  HOH HOH A . 
B 2 HOH 81  81  81  HOH HOH A . 
B 2 HOH 82  82  82  HOH HOH A . 
B 2 HOH 83  83  83  HOH HOH A . 
B 2 HOH 84  84  84  HOH HOH A . 
B 2 HOH 85  85  85  HOH HOH A . 
B 2 HOH 86  86  86  HOH HOH A . 
B 2 HOH 87  87  87  HOH HOH A . 
B 2 HOH 88  88  88  HOH HOH A . 
B 2 HOH 89  89  89  HOH HOH A . 
B 2 HOH 90  90  90  HOH HOH A . 
B 2 HOH 91  91  91  HOH HOH A . 
B 2 HOH 92  92  92  HOH HOH A . 
B 2 HOH 93  93  93  HOH HOH A . 
B 2 HOH 94  94  94  HOH HOH A . 
B 2 HOH 95  95  95  HOH HOH A . 
B 2 HOH 96  96  96  HOH HOH A . 
B 2 HOH 97  97  97  HOH HOH A . 
B 2 HOH 98  98  98  HOH HOH A . 
B 2 HOH 99  99  99  HOH HOH A . 
B 2 HOH 100 100 100 HOH HOH A . 
B 2 HOH 101 101 101 HOH HOH A . 
B 2 HOH 102 102 102 HOH HOH A . 
B 2 HOH 103 103 103 HOH HOH A . 
B 2 HOH 104 104 104 HOH HOH A . 
B 2 HOH 105 105 105 HOH HOH A . 
B 2 HOH 106 106 106 HOH HOH A . 
B 2 HOH 107 107 107 HOH HOH A . 
B 2 HOH 108 108 108 HOH HOH A . 
B 2 HOH 109 109 109 HOH HOH A . 
B 2 HOH 110 110 110 HOH HOH A . 
B 2 HOH 111 111 111 HOH HOH A . 
B 2 HOH 112 112 112 HOH HOH A . 
B 2 HOH 113 113 113 HOH HOH A . 
B 2 HOH 114 114 114 HOH HOH A . 
B 2 HOH 115 115 115 HOH HOH A . 
B 2 HOH 116 116 116 HOH HOH A . 
B 2 HOH 117 117 117 HOH HOH A . 
B 2 HOH 118 118 118 HOH HOH A . 
B 2 HOH 119 119 119 HOH HOH A . 
B 2 HOH 120 120 120 HOH HOH A . 
B 2 HOH 121 121 121 HOH HOH A . 
B 2 HOH 122 122 122 HOH HOH A . 
B 2 HOH 123 123 123 HOH HOH A . 
B 2 HOH 124 124 124 HOH HOH A . 
B 2 HOH 125 125 125 HOH HOH A . 
B 2 HOH 126 126 126 HOH HOH A . 
B 2 HOH 127 127 127 HOH HOH A . 
B 2 HOH 128 128 128 HOH HOH A . 
B 2 HOH 129 129 129 HOH HOH A . 
B 2 HOH 130 130 130 HOH HOH A . 
B 2 HOH 131 131 131 HOH HOH A . 
B 2 HOH 132 132 132 HOH HOH A . 
B 2 HOH 133 133 133 HOH HOH A . 
B 2 HOH 134 134 134 HOH HOH A . 
B 2 HOH 135 135 135 HOH HOH A . 
B 2 HOH 136 136 136 HOH HOH A . 
B 2 HOH 137 137 137 HOH HOH A . 
B 2 HOH 138 138 138 HOH HOH A . 
B 2 HOH 139 139 139 HOH HOH A . 
B 2 HOH 140 140 140 HOH HOH A . 
B 2 HOH 141 141 141 HOH HOH A . 
B 2 HOH 142 142 142 HOH HOH A . 
B 2 HOH 143 143 143 HOH HOH A . 
B 2 HOH 144 144 144 HOH HOH A . 
B 2 HOH 145 145 145 HOH HOH A . 
B 2 HOH 146 146 146 HOH HOH A . 
B 2 HOH 147 147 147 HOH HOH A . 
B 2 HOH 148 148 148 HOH HOH A . 
B 2 HOH 149 149 149 HOH HOH A . 
B 2 HOH 150 150 150 HOH HOH A . 
B 2 HOH 151 151 151 HOH HOH A . 
B 2 HOH 152 152 152 HOH HOH A . 
B 2 HOH 153 153 153 HOH HOH A . 
B 2 HOH 154 154 154 HOH HOH A . 
B 2 HOH 155 155 155 HOH HOH A . 
B 2 HOH 156 156 156 HOH HOH A . 
B 2 HOH 157 157 157 HOH HOH A . 
B 2 HOH 158 158 158 HOH HOH A . 
B 2 HOH 159 159 159 HOH HOH A . 
B 2 HOH 160 160 160 HOH HOH A . 
B 2 HOH 161 161 161 HOH HOH A . 
B 2 HOH 162 162 162 HOH HOH A . 
B 2 HOH 163 163 163 HOH HOH A . 
B 2 HOH 164 164 164 HOH HOH A . 
B 2 HOH 165 165 165 HOH HOH A . 
B 2 HOH 166 166 166 HOH HOH A . 
B 2 HOH 167 167 167 HOH HOH A . 
B 2 HOH 168 168 168 HOH HOH A . 
B 2 HOH 169 169 169 HOH HOH A . 
B 2 HOH 170 170 170 HOH HOH A . 
B 2 HOH 171 171 171 HOH HOH A . 
B 2 HOH 172 172 172 HOH HOH A . 
B 2 HOH 173 173 173 HOH HOH A . 
B 2 HOH 174 174 174 HOH HOH A . 
B 2 HOH 175 175 175 HOH HOH A . 
B 2 HOH 176 176 176 HOH HOH A . 
B 2 HOH 177 178 178 HOH HOH A . 
B 2 HOH 178 179 179 HOH HOH A . 
B 2 HOH 179 180 180 HOH HOH A . 
B 2 HOH 180 181 181 HOH HOH A . 
B 2 HOH 181 182 182 HOH HOH A . 
B 2 HOH 182 183 183 HOH HOH A . 
B 2 HOH 183 184 184 HOH HOH A . 
B 2 HOH 184 185 185 HOH HOH A . 
B 2 HOH 185 186 186 HOH HOH A . 
B 2 HOH 186 187 187 HOH HOH A . 
B 2 HOH 187 188 188 HOH HOH A . 
B 2 HOH 188 189 189 HOH HOH A . 
B 2 HOH 189 190 190 HOH HOH A . 
B 2 HOH 190 191 191 HOH HOH A . 
B 2 HOH 191 192 192 HOH HOH A . 
B 2 HOH 192 193 193 HOH HOH A . 
B 2 HOH 193 194 194 HOH HOH A . 
B 2 HOH 194 195 195 HOH HOH A . 
B 2 HOH 195 196 196 HOH HOH A . 
B 2 HOH 196 197 197 HOH HOH A . 
B 2 HOH 197 198 198 HOH HOH A . 
B 2 HOH 198 199 199 HOH HOH A . 
# 
_pdbx_struct_mod_residue.id               1 
_pdbx_struct_mod_residue.label_asym_id    A 
_pdbx_struct_mod_residue.label_comp_id    UZR 
_pdbx_struct_mod_residue.label_seq_id     4 
_pdbx_struct_mod_residue.auth_asym_id     A 
_pdbx_struct_mod_residue.auth_comp_id     UZR 
_pdbx_struct_mod_residue.auth_seq_id      2650 
_pdbx_struct_mod_residue.PDB_ins_code     ? 
_pdbx_struct_mod_residue.parent_comp_id   U 
_pdbx_struct_mod_residue.details          ? 
# 
_pdbx_struct_assembly.id                   1 
_pdbx_struct_assembly.details              author_and_software_defined_assembly 
_pdbx_struct_assembly.method_details       PISA 
_pdbx_struct_assembly.oligomeric_details   monomeric 
_pdbx_struct_assembly.oligomeric_count     1 
# 
_pdbx_struct_assembly_gen.assembly_id       1 
_pdbx_struct_assembly_gen.oper_expression   1 
_pdbx_struct_assembly_gen.asym_id_list      A,B 
# 
_pdbx_struct_oper_list.id                   1 
_pdbx_struct_oper_list.type                 'identity operation' 
_pdbx_struct_oper_list.name                 1_555 
_pdbx_struct_oper_list.symmetry_operation   x,y,z 
_pdbx_struct_oper_list.matrix[1][1]         1.0000000000 
_pdbx_struct_oper_list.matrix[1][2]         0.0000000000 
_pdbx_struct_oper_list.matrix[1][3]         0.0000000000 
_pdbx_struct_oper_list.vector[1]            0.0000000000 
_pdbx_struct_oper_list.matrix[2][1]         0.0000000000 
_pdbx_struct_oper_list.matrix[2][2]         1.0000000000 
_pdbx_struct_oper_list.matrix[2][3]         0.0000000000 
_pdbx_struct_oper_list.vector[2]            0.0000000000 
_pdbx_struct_oper_list.matrix[3][1]         0.0000000000 
_pdbx_struct_oper_list.matrix[3][2]         0.0000000000 
_pdbx_struct_oper_list.matrix[3][3]         1.0000000000 
_pdbx_struct_oper_list.vector[3]            0.0000000000 
# 
loop_
_pdbx_audit_revision_history.ordinal 
_pdbx_audit_revision_history.data_content_type 
_pdbx_audit_revision_history.major_revision 
_pdbx_audit_revision_history.minor_revision 
_pdbx_audit_revision_history.revision_date 
1 'Structure model' 1 0 2012-04-11 
2 'Structure model' 1 1 2017-11-29 
3 'Structure model' 1 2 2023-09-13 
# 
_pdbx_audit_revision_details.ordinal             1 
_pdbx_audit_revision_details.revision_ordinal    1 
_pdbx_audit_revision_details.data_content_type   'Structure model' 
_pdbx_audit_revision_details.provider            repository 
_pdbx_audit_revision_details.type                'Initial release' 
_pdbx_audit_revision_details.description         ? 
_pdbx_audit_revision_details.details             ? 
# 
loop_
_pdbx_audit_revision_group.ordinal 
_pdbx_audit_revision_group.revision_ordinal 
_pdbx_audit_revision_group.data_content_type 
_pdbx_audit_revision_group.group 
1 2 'Structure model' 'Database references'    
2 3 'Structure model' 'Data collection'        
3 3 'Structure model' 'Database references'    
4 3 'Structure model' 'Derived calculations'   
5 3 'Structure model' 'Refinement description' 
# 
loop_
_pdbx_audit_revision_category.ordinal 
_pdbx_audit_revision_category.revision_ordinal 
_pdbx_audit_revision_category.data_content_type 
_pdbx_audit_revision_category.category 
1 2 'Structure model' pdbx_database_related         
2 3 'Structure model' chem_comp_atom                
3 3 'Structure model' chem_comp_bond                
4 3 'Structure model' database_2                    
5 3 'Structure model' pdbx_initial_refinement_model 
6 3 'Structure model' struct_conn                   
# 
loop_
_pdbx_audit_revision_item.ordinal 
_pdbx_audit_revision_item.revision_ordinal 
_pdbx_audit_revision_item.data_content_type 
_pdbx_audit_revision_item.item 
1 3 'Structure model' '_database_2.pdbx_DOI'                
2 3 'Structure model' '_database_2.pdbx_database_accession' 
3 3 'Structure model' '_struct_conn.pdbx_leaving_atom_flag' 
# 
loop_
_software.name 
_software.classification 
_software.version 
_software.citation_id 
_software.pdbx_ordinal 
MOLREP phasing          .                          ? 1 
PHENIX refinement       '(phenix.refine: 1.7_650)' ? 2 
XDS    'data reduction' .                          ? 3 
XDS    'data scaling'   .                          ? 4 
# 
loop_
_pdbx_validate_close_contact.id 
_pdbx_validate_close_contact.PDB_model_num 
_pdbx_validate_close_contact.auth_atom_id_1 
_pdbx_validate_close_contact.auth_asym_id_1 
_pdbx_validate_close_contact.auth_comp_id_1 
_pdbx_validate_close_contact.auth_seq_id_1 
_pdbx_validate_close_contact.PDB_ins_code_1 
_pdbx_validate_close_contact.label_alt_id_1 
_pdbx_validate_close_contact.auth_atom_id_2 
_pdbx_validate_close_contact.auth_asym_id_2 
_pdbx_validate_close_contact.auth_comp_id_2 
_pdbx_validate_close_contact.auth_seq_id_2 
_pdbx_validate_close_contact.PDB_ins_code_2 
_pdbx_validate_close_contact.label_alt_id_2 
_pdbx_validate_close_contact.dist 
1  1 O A HOH 110 ? ? O A HOH 194 ? ? 1.85 
2  1 O A HOH 117 ? ? O A HOH 174 ? ? 1.90 
3  1 O A HOH 170 ? ? O A HOH 199 ? ? 1.91 
4  1 O A HOH 35  ? ? O A HOH 105 ? ? 1.92 
5  1 O A HOH 29  ? ? O A HOH 136 ? ? 1.95 
6  1 O A HOH 140 ? ? O A HOH 144 ? ? 1.96 
7  1 O A HOH 13  ? ? O A HOH 118 ? ? 1.98 
8  1 O A HOH 154 ? ? O A HOH 187 ? ? 2.00 
9  1 O A HOH 174 ? ? O A HOH 197 ? ? 2.00 
10 1 O A HOH 184 ? ? O A HOH 187 ? ? 2.04 
11 1 O A HOH 152 ? ? O A HOH 175 ? ? 2.05 
12 1 O A HOH 185 ? ? O A HOH 190 ? ? 2.07 
13 1 O A HOH 129 ? ? O A HOH 182 ? ? 2.13 
14 1 O A HOH 66  ? ? O A HOH 113 ? ? 2.13 
# 
loop_
_pdbx_validate_symm_contact.id 
_pdbx_validate_symm_contact.PDB_model_num 
_pdbx_validate_symm_contact.auth_atom_id_1 
_pdbx_validate_symm_contact.auth_asym_id_1 
_pdbx_validate_symm_contact.auth_comp_id_1 
_pdbx_validate_symm_contact.auth_seq_id_1 
_pdbx_validate_symm_contact.PDB_ins_code_1 
_pdbx_validate_symm_contact.label_alt_id_1 
_pdbx_validate_symm_contact.site_symmetry_1 
_pdbx_validate_symm_contact.auth_atom_id_2 
_pdbx_validate_symm_contact.auth_asym_id_2 
_pdbx_validate_symm_contact.auth_comp_id_2 
_pdbx_validate_symm_contact.auth_seq_id_2 
_pdbx_validate_symm_contact.PDB_ins_code_2 
_pdbx_validate_symm_contact.label_alt_id_2 
_pdbx_validate_symm_contact.site_symmetry_2 
_pdbx_validate_symm_contact.dist 
1 1 O2    A C   2649 ? A 1_555 O     A HOH 196  ? ? 3_654 1.77 
2 1 "O2'" A C   2649 ? A 1_555 O     A HOH 195  ? ? 3_654 1.78 
3 1 OP1   A UZR 2650 ? A 1_555 "O2'" A C   2666 ? ? 3_654 2.03 
4 1 O     A HOH 18   ? ? 1_555 O     A HOH 185  ? ? 4_565 2.14 
# 
loop_
_chem_comp_atom.comp_id 
_chem_comp_atom.atom_id 
_chem_comp_atom.type_symbol 
_chem_comp_atom.pdbx_aromatic_flag 
_chem_comp_atom.pdbx_stereo_config 
_chem_comp_atom.pdbx_ordinal 
A   OP3    O N N 1   
A   P      P N N 2   
A   OP1    O N N 3   
A   OP2    O N N 4   
A   "O5'"  O N N 5   
A   "C5'"  C N N 6   
A   "C4'"  C N R 7   
A   "O4'"  O N N 8   
A   "C3'"  C N S 9   
A   "O3'"  O N N 10  
A   "C2'"  C N R 11  
A   "O2'"  O N N 12  
A   "C1'"  C N R 13  
A   N9     N Y N 14  
A   C8     C Y N 15  
A   N7     N Y N 16  
A   C5     C Y N 17  
A   C6     C Y N 18  
A   N6     N N N 19  
A   N1     N Y N 20  
A   C2     C Y N 21  
A   N3     N Y N 22  
A   C4     C Y N 23  
A   HOP3   H N N 24  
A   HOP2   H N N 25  
A   "H5'"  H N N 26  
A   "H5''" H N N 27  
A   "H4'"  H N N 28  
A   "H3'"  H N N 29  
A   "HO3'" H N N 30  
A   "H2'"  H N N 31  
A   "HO2'" H N N 32  
A   "H1'"  H N N 33  
A   H8     H N N 34  
A   H61    H N N 35  
A   H62    H N N 36  
A   H2     H N N 37  
C   OP3    O N N 38  
C   P      P N N 39  
C   OP1    O N N 40  
C   OP2    O N N 41  
C   "O5'"  O N N 42  
C   "C5'"  C N N 43  
C   "C4'"  C N R 44  
C   "O4'"  O N N 45  
C   "C3'"  C N S 46  
C   "O3'"  O N N 47  
C   "C2'"  C N R 48  
C   "O2'"  O N N 49  
C   "C1'"  C N R 50  
C   N1     N N N 51  
C   C2     C N N 52  
C   O2     O N N 53  
C   N3     N N N 54  
C   C4     C N N 55  
C   N4     N N N 56  
C   C5     C N N 57  
C   C6     C N N 58  
C   HOP3   H N N 59  
C   HOP2   H N N 60  
C   "H5'"  H N N 61  
C   "H5''" H N N 62  
C   "H4'"  H N N 63  
C   "H3'"  H N N 64  
C   "HO3'" H N N 65  
C   "H2'"  H N N 66  
C   "HO2'" H N N 67  
C   "H1'"  H N N 68  
C   H41    H N N 69  
C   H42    H N N 70  
C   H5     H N N 71  
C   H6     H N N 72  
G   OP3    O N N 73  
G   P      P N N 74  
G   OP1    O N N 75  
G   OP2    O N N 76  
G   "O5'"  O N N 77  
G   "C5'"  C N N 78  
G   "C4'"  C N R 79  
G   "O4'"  O N N 80  
G   "C3'"  C N S 81  
G   "O3'"  O N N 82  
G   "C2'"  C N R 83  
G   "O2'"  O N N 84  
G   "C1'"  C N R 85  
G   N9     N Y N 86  
G   C8     C Y N 87  
G   N7     N Y N 88  
G   C5     C Y N 89  
G   C6     C N N 90  
G   O6     O N N 91  
G   N1     N N N 92  
G   C2     C N N 93  
G   N2     N N N 94  
G   N3     N N N 95  
G   C4     C Y N 96  
G   HOP3   H N N 97  
G   HOP2   H N N 98  
G   "H5'"  H N N 99  
G   "H5''" H N N 100 
G   "H4'"  H N N 101 
G   "H3'"  H N N 102 
G   "HO3'" H N N 103 
G   "H2'"  H N N 104 
G   "HO2'" H N N 105 
G   "H1'"  H N N 106 
G   H8     H N N 107 
G   H1     H N N 108 
G   H21    H N N 109 
G   H22    H N N 110 
HOH O      O N N 111 
HOH H1     H N N 112 
HOH H2     H N N 113 
U   OP3    O N N 114 
U   P      P N N 115 
U   OP1    O N N 116 
U   OP2    O N N 117 
U   "O5'"  O N N 118 
U   "C5'"  C N N 119 
U   "C4'"  C N R 120 
U   "O4'"  O N N 121 
U   "C3'"  C N S 122 
U   "O3'"  O N N 123 
U   "C2'"  C N R 124 
U   "O2'"  O N N 125 
U   "C1'"  C N R 126 
U   N1     N N N 127 
U   C2     C N N 128 
U   O2     O N N 129 
U   N3     N N N 130 
U   C4     C N N 131 
U   O4     O N N 132 
U   C5     C N N 133 
U   C6     C N N 134 
U   HOP3   H N N 135 
U   HOP2   H N N 136 
U   "H5'"  H N N 137 
U   "H5''" H N N 138 
U   "H4'"  H N N 139 
U   "H3'"  H N N 140 
U   "HO3'" H N N 141 
U   "H2'"  H N N 142 
U   "HO2'" H N N 143 
U   "H1'"  H N N 144 
U   H3     H N N 145 
U   H5     H N N 146 
U   H6     H N N 147 
UZR P      P N N 148 
UZR N1     N N N 149 
UZR C2     C N N 150 
UZR O2     O N N 151 
UZR N3     N N N 152 
UZR C4     C N N 153 
UZR O4     O N N 154 
UZR C5     C N N 155 
UZR C6     C N N 156 
UZR "C1'"  C N R 157 
UZR "C2'"  C N R 158 
UZR "C3'"  C N S 159 
UZR "N3'"  N N N 160 
UZR "O3'"  O N N 161 
UZR "C4'"  C N R 162 
UZR "N4'"  N N N 163 
UZR "O4'"  O N N 164 
UZR "C5'"  C N N 165 
UZR "N5'"  N N N 166 
UZR "O5'"  O N N 167 
UZR H3     H N N 168 
UZR H5     H N N 169 
UZR H6     H N N 170 
UZR "H1'"  H N N 171 
UZR "H2'"  H N N 172 
UZR "H3'"  H N N 173 
UZR "HO3'" H N N 174 
UZR "H4'"  H N N 175 
UZR "H5'"  H N N 176 
UZR "H5''" H N N 177 
UZR "HN5'" H N N 178 
UZR OP1    O N N 179 
UZR OP2    O N N 180 
UZR OP3    O N N 181 
UZR HOP2   H N N 182 
UZR HOP3   H N N 183 
# 
loop_
_chem_comp_bond.comp_id 
_chem_comp_bond.atom_id_1 
_chem_comp_bond.atom_id_2 
_chem_comp_bond.value_order 
_chem_comp_bond.pdbx_aromatic_flag 
_chem_comp_bond.pdbx_stereo_config 
_chem_comp_bond.pdbx_ordinal 
A   OP3   P      sing N N 1   
A   OP3   HOP3   sing N N 2   
A   P     OP1    doub N N 3   
A   P     OP2    sing N N 4   
A   P     "O5'"  sing N N 5   
A   OP2   HOP2   sing N N 6   
A   "O5'" "C5'"  sing N N 7   
A   "C5'" "C4'"  sing N N 8   
A   "C5'" "H5'"  sing N N 9   
A   "C5'" "H5''" sing N N 10  
A   "C4'" "O4'"  sing N N 11  
A   "C4'" "C3'"  sing N N 12  
A   "C4'" "H4'"  sing N N 13  
A   "O4'" "C1'"  sing N N 14  
A   "C3'" "O3'"  sing N N 15  
A   "C3'" "C2'"  sing N N 16  
A   "C3'" "H3'"  sing N N 17  
A   "O3'" "HO3'" sing N N 18  
A   "C2'" "O2'"  sing N N 19  
A   "C2'" "C1'"  sing N N 20  
A   "C2'" "H2'"  sing N N 21  
A   "O2'" "HO2'" sing N N 22  
A   "C1'" N9     sing N N 23  
A   "C1'" "H1'"  sing N N 24  
A   N9    C8     sing Y N 25  
A   N9    C4     sing Y N 26  
A   C8    N7     doub Y N 27  
A   C8    H8     sing N N 28  
A   N7    C5     sing Y N 29  
A   C5    C6     sing Y N 30  
A   C5    C4     doub Y N 31  
A   C6    N6     sing N N 32  
A   C6    N1     doub Y N 33  
A   N6    H61    sing N N 34  
A   N6    H62    sing N N 35  
A   N1    C2     sing Y N 36  
A   C2    N3     doub Y N 37  
A   C2    H2     sing N N 38  
A   N3    C4     sing Y N 39  
C   OP3   P      sing N N 40  
C   OP3   HOP3   sing N N 41  
C   P     OP1    doub N N 42  
C   P     OP2    sing N N 43  
C   P     "O5'"  sing N N 44  
C   OP2   HOP2   sing N N 45  
C   "O5'" "C5'"  sing N N 46  
C   "C5'" "C4'"  sing N N 47  
C   "C5'" "H5'"  sing N N 48  
C   "C5'" "H5''" sing N N 49  
C   "C4'" "O4'"  sing N N 50  
C   "C4'" "C3'"  sing N N 51  
C   "C4'" "H4'"  sing N N 52  
C   "O4'" "C1'"  sing N N 53  
C   "C3'" "O3'"  sing N N 54  
C   "C3'" "C2'"  sing N N 55  
C   "C3'" "H3'"  sing N N 56  
C   "O3'" "HO3'" sing N N 57  
C   "C2'" "O2'"  sing N N 58  
C   "C2'" "C1'"  sing N N 59  
C   "C2'" "H2'"  sing N N 60  
C   "O2'" "HO2'" sing N N 61  
C   "C1'" N1     sing N N 62  
C   "C1'" "H1'"  sing N N 63  
C   N1    C2     sing N N 64  
C   N1    C6     sing N N 65  
C   C2    O2     doub N N 66  
C   C2    N3     sing N N 67  
C   N3    C4     doub N N 68  
C   C4    N4     sing N N 69  
C   C4    C5     sing N N 70  
C   N4    H41    sing N N 71  
C   N4    H42    sing N N 72  
C   C5    C6     doub N N 73  
C   C5    H5     sing N N 74  
C   C6    H6     sing N N 75  
G   OP3   P      sing N N 76  
G   OP3   HOP3   sing N N 77  
G   P     OP1    doub N N 78  
G   P     OP2    sing N N 79  
G   P     "O5'"  sing N N 80  
G   OP2   HOP2   sing N N 81  
G   "O5'" "C5'"  sing N N 82  
G   "C5'" "C4'"  sing N N 83  
G   "C5'" "H5'"  sing N N 84  
G   "C5'" "H5''" sing N N 85  
G   "C4'" "O4'"  sing N N 86  
G   "C4'" "C3'"  sing N N 87  
G   "C4'" "H4'"  sing N N 88  
G   "O4'" "C1'"  sing N N 89  
G   "C3'" "O3'"  sing N N 90  
G   "C3'" "C2'"  sing N N 91  
G   "C3'" "H3'"  sing N N 92  
G   "O3'" "HO3'" sing N N 93  
G   "C2'" "O2'"  sing N N 94  
G   "C2'" "C1'"  sing N N 95  
G   "C2'" "H2'"  sing N N 96  
G   "O2'" "HO2'" sing N N 97  
G   "C1'" N9     sing N N 98  
G   "C1'" "H1'"  sing N N 99  
G   N9    C8     sing Y N 100 
G   N9    C4     sing Y N 101 
G   C8    N7     doub Y N 102 
G   C8    H8     sing N N 103 
G   N7    C5     sing Y N 104 
G   C5    C6     sing N N 105 
G   C5    C4     doub Y N 106 
G   C6    O6     doub N N 107 
G   C6    N1     sing N N 108 
G   N1    C2     sing N N 109 
G   N1    H1     sing N N 110 
G   C2    N2     sing N N 111 
G   C2    N3     doub N N 112 
G   N2    H21    sing N N 113 
G   N2    H22    sing N N 114 
G   N3    C4     sing N N 115 
HOH O     H1     sing N N 116 
HOH O     H2     sing N N 117 
U   OP3   P      sing N N 118 
U   OP3   HOP3   sing N N 119 
U   P     OP1    doub N N 120 
U   P     OP2    sing N N 121 
U   P     "O5'"  sing N N 122 
U   OP2   HOP2   sing N N 123 
U   "O5'" "C5'"  sing N N 124 
U   "C5'" "C4'"  sing N N 125 
U   "C5'" "H5'"  sing N N 126 
U   "C5'" "H5''" sing N N 127 
U   "C4'" "O4'"  sing N N 128 
U   "C4'" "C3'"  sing N N 129 
U   "C4'" "H4'"  sing N N 130 
U   "O4'" "C1'"  sing N N 131 
U   "C3'" "O3'"  sing N N 132 
U   "C3'" "C2'"  sing N N 133 
U   "C3'" "H3'"  sing N N 134 
U   "O3'" "HO3'" sing N N 135 
U   "C2'" "O2'"  sing N N 136 
U   "C2'" "C1'"  sing N N 137 
U   "C2'" "H2'"  sing N N 138 
U   "O2'" "HO2'" sing N N 139 
U   "C1'" N1     sing N N 140 
U   "C1'" "H1'"  sing N N 141 
U   N1    C2     sing N N 142 
U   N1    C6     sing N N 143 
U   C2    O2     doub N N 144 
U   C2    N3     sing N N 145 
U   N3    C4     sing N N 146 
U   N3    H3     sing N N 147 
U   C4    O4     doub N N 148 
U   C4    C5     sing N N 149 
U   C5    C6     doub N N 150 
U   C5    H5     sing N N 151 
U   C6    H6     sing N N 152 
UZR P     "O5'"  sing N N 153 
UZR N1    C2     sing N N 154 
UZR N1    C6     sing N N 155 
UZR N1    "C1'"  sing N N 156 
UZR C2    O2     doub N N 157 
UZR C2    N3     sing N N 158 
UZR N3    C4     sing N N 159 
UZR N3    H3     sing N N 160 
UZR C4    O4     doub N N 161 
UZR C4    C5     sing N N 162 
UZR C5    C6     doub N N 163 
UZR C5    H5     sing N N 164 
UZR C6    H6     sing N N 165 
UZR "C1'" "C2'"  sing N N 166 
UZR "C1'" "O4'"  sing N N 167 
UZR "C1'" "H1'"  sing N N 168 
UZR "C2'" "C3'"  sing N N 169 
UZR "C2'" "N3'"  sing N N 170 
UZR "C2'" "H2'"  sing N N 171 
UZR "C3'" "O3'"  sing N N 172 
UZR "C3'" "C4'"  sing N N 173 
UZR "C3'" "H3'"  sing N N 174 
UZR "N3'" "N4'"  doub N N 175 
UZR "O3'" "HO3'" sing N N 176 
UZR "C4'" "O4'"  sing N N 177 
UZR "C4'" "C5'"  sing N N 178 
UZR "C4'" "H4'"  sing N N 179 
UZR "N4'" "N5'"  doub N N 180 
UZR "C5'" "O5'"  sing N N 181 
UZR "C5'" "H5'"  sing N N 182 
UZR "C5'" "H5''" sing N N 183 
UZR "N5'" "HN5'" sing N N 184 
UZR P     OP1    doub N N 185 
UZR P     OP2    sing N N 186 
UZR P     OP3    sing N N 187 
UZR OP2   HOP2   sing N N 188 
UZR OP3   HOP3   sing N N 189 
# 
loop_
_ndb_struct_conf_na.entry_id 
_ndb_struct_conf_na.feature 
3S7C 'double helix'         
3S7C 'a-form double helix'  
3S7C 'mismatched base pair' 
3S7C 'triple helix'         
# 
loop_
_ndb_struct_na_base_pair.model_number 
_ndb_struct_na_base_pair.i_label_asym_id 
_ndb_struct_na_base_pair.i_label_comp_id 
_ndb_struct_na_base_pair.i_label_seq_id 
_ndb_struct_na_base_pair.i_symmetry 
_ndb_struct_na_base_pair.j_label_asym_id 
_ndb_struct_na_base_pair.j_label_comp_id 
_ndb_struct_na_base_pair.j_label_seq_id 
_ndb_struct_na_base_pair.j_symmetry 
_ndb_struct_na_base_pair.shear 
_ndb_struct_na_base_pair.stretch 
_ndb_struct_na_base_pair.stagger 
_ndb_struct_na_base_pair.buckle 
_ndb_struct_na_base_pair.propeller 
_ndb_struct_na_base_pair.opening 
_ndb_struct_na_base_pair.pair_number 
_ndb_struct_na_base_pair.pair_name 
_ndb_struct_na_base_pair.i_auth_asym_id 
_ndb_struct_na_base_pair.i_auth_seq_id 
_ndb_struct_na_base_pair.i_PDB_ins_code 
_ndb_struct_na_base_pair.j_auth_asym_id 
_ndb_struct_na_base_pair.j_auth_seq_id 
_ndb_struct_na_base_pair.j_PDB_ins_code 
_ndb_struct_na_base_pair.hbond_type_28 
_ndb_struct_na_base_pair.hbond_type_12 
1 A G 2  1_555 A U 26 1_555 -2.596 -0.718 0.753  -1.428 -23.720 1.867    1 A_G2648:U2672_A A 2648 ? A 2672 ? 28 1  
1 A C 3  1_555 A G 25 1_555 -1.204 -0.023 0.735  -7.850 -16.295 -0.719   2 A_C2649:G2671_A A 2649 ? A 2671 ? 19 1  
1 A C 5  1_555 A G 23 1_555 0.290  -0.122 -0.114 7.273  -18.613 2.212    3 A_C2651:G2669_A A 2651 ? A 2669 ? 19 1  
1 A C 6  1_555 A G 22 1_555 0.299  -0.162 -0.006 -0.382 -12.837 -2.380   4 A_C2652:G2668_A A 2652 ? A 2668 ? 19 1  
1 A U 7  1_555 A C 21 1_555 5.760  -2.228 -0.349 -2.672 -12.275 -12.901  5 A_U2653:C2667_A A 2653 ? A 2667 ? ?  ?  
1 A U 10 1_555 A A 19 1_555 4.105  -1.799 -0.721 8.989  -19.438 -103.366 6 A_U2656:A2665_A A 2656 ? A 2665 ? 24 4  
1 A A 11 1_555 A G 18 1_555 -6.856 -4.326 -0.093 -1.883 3.912   -4.427   7 A_A2657:G2664_A A 2657 ? A 2664 ? 11 10 
1 A C 12 1_555 A G 17 1_555 0.185  -0.105 -0.136 7.487  -3.848  0.386    8 A_C2658:G2663_A A 2658 ? A 2663 ? 19 1  
1 A G 13 1_555 A A 16 1_555 7.228  -5.293 0.774  17.523 -7.442  -19.419  9 A_G2659:A2662_A A 2659 ? A 2662 ? ?  ?  
# 
loop_
_ndb_struct_na_base_pair_step.model_number 
_ndb_struct_na_base_pair_step.i_label_asym_id_1 
_ndb_struct_na_base_pair_step.i_label_comp_id_1 
_ndb_struct_na_base_pair_step.i_label_seq_id_1 
_ndb_struct_na_base_pair_step.i_symmetry_1 
_ndb_struct_na_base_pair_step.j_label_asym_id_1 
_ndb_struct_na_base_pair_step.j_label_comp_id_1 
_ndb_struct_na_base_pair_step.j_label_seq_id_1 
_ndb_struct_na_base_pair_step.j_symmetry_1 
_ndb_struct_na_base_pair_step.i_label_asym_id_2 
_ndb_struct_na_base_pair_step.i_label_comp_id_2 
_ndb_struct_na_base_pair_step.i_label_seq_id_2 
_ndb_struct_na_base_pair_step.i_symmetry_2 
_ndb_struct_na_base_pair_step.j_label_asym_id_2 
_ndb_struct_na_base_pair_step.j_label_comp_id_2 
_ndb_struct_na_base_pair_step.j_label_seq_id_2 
_ndb_struct_na_base_pair_step.j_symmetry_2 
_ndb_struct_na_base_pair_step.shift 
_ndb_struct_na_base_pair_step.slide 
_ndb_struct_na_base_pair_step.rise 
_ndb_struct_na_base_pair_step.tilt 
_ndb_struct_na_base_pair_step.roll 
_ndb_struct_na_base_pair_step.twist 
_ndb_struct_na_base_pair_step.x_displacement 
_ndb_struct_na_base_pair_step.y_displacement 
_ndb_struct_na_base_pair_step.helical_rise 
_ndb_struct_na_base_pair_step.inclination 
_ndb_struct_na_base_pair_step.tip 
_ndb_struct_na_base_pair_step.helical_twist 
_ndb_struct_na_base_pair_step.step_number 
_ndb_struct_na_base_pair_step.step_name 
_ndb_struct_na_base_pair_step.i_auth_asym_id_1 
_ndb_struct_na_base_pair_step.i_auth_seq_id_1 
_ndb_struct_na_base_pair_step.i_PDB_ins_code_1 
_ndb_struct_na_base_pair_step.j_auth_asym_id_1 
_ndb_struct_na_base_pair_step.j_auth_seq_id_1 
_ndb_struct_na_base_pair_step.j_PDB_ins_code_1 
_ndb_struct_na_base_pair_step.i_auth_asym_id_2 
_ndb_struct_na_base_pair_step.i_auth_seq_id_2 
_ndb_struct_na_base_pair_step.i_PDB_ins_code_2 
_ndb_struct_na_base_pair_step.j_auth_asym_id_2 
_ndb_struct_na_base_pair_step.j_auth_seq_id_2 
_ndb_struct_na_base_pair_step.j_PDB_ins_code_2 
1 A G 2  1_555 A U 26 1_555 A C 3  1_555 A G 25 1_555 -0.404 -1.502 3.140 -3.629 5.968  45.761  -2.388 0.225  2.954 7.623  4.634  
46.262  1 AA_G2648C2649:G2671U2672_AA A 2648 ? A 2672 ? A 2649 ? A 2671 ? 
1 A C 3  1_555 A G 25 1_555 A C 5  1_555 A G 23 1_555 -0.232 -3.128 5.782 5.367  8.300  62.525  -3.613 0.628  5.338 7.944  -5.137 
63.223  2 AA_C2649C2651:G2669G2671_AA A 2649 ? A 2671 ? A 2651 ? A 2669 ? 
1 A C 5  1_555 A G 23 1_555 A C 6  1_555 A G 22 1_555 -0.607 -1.859 3.396 -1.143 10.281 32.243  -4.785 0.866  2.712 17.944 1.995  
33.820  3 AA_C2651C2652:G2668G2669_AA A 2651 ? A 2669 ? A 2652 ? A 2668 ? 
1 A C 6  1_555 A G 22 1_555 A U 7  1_555 A C 21 1_555 -0.465 -0.944 3.538 7.277  8.079  54.693  -1.504 0.943  3.297 8.696  -7.834 
55.682  4 AA_C2652U2653:C2667G2668_AA A 2652 ? A 2668 ? A 2653 ? A 2667 ? 
1 A U 7  1_555 A C 21 1_555 A U 10 1_555 A A 19 1_555 0.447  -0.866 6.310 4.817  -2.317 32.259  -0.757 0.830  6.353 -4.135 -8.596 
32.687  5 AA_U2653U2656:A2665C2667_AA A 2653 ? A 2667 ? A 2656 ? A 2665 ? 
1 A U 10 1_555 A A 19 1_555 A A 11 1_555 A G 18 1_555 5.132  -1.222 3.600 -1.933 -2.737 -12.169 9.357  20.663 3.991 12.604 -8.898 
-12.620 6 AA_U2656A2657:G2664A2665_AA A 2656 ? A 2665 ? A 2657 ? A 2664 ? 
1 A A 11 1_555 A G 18 1_555 A C 12 1_555 A G 17 1_555 0.373  -1.276 3.155 -2.803 3.916  60.049  -1.454 -0.503 3.056 3.906  2.796  
60.224  7 AA_A2657C2658:G2663G2664_AA A 2657 ? A 2664 ? A 2658 ? A 2663 ? 
1 A C 12 1_555 A G 17 1_555 A G 13 1_555 A A 16 1_555 -2.834 -1.415 2.917 -8.280 5.411  49.659  -2.016 2.767  3.160 6.370  9.748  
50.573  8 AA_C2658G2659:A2662G2663_AA A 2658 ? A 2663 ? A 2659 ? A 2662 ? 
# 
_pdbx_entity_nonpoly.entity_id   2 
_pdbx_entity_nonpoly.name        water 
_pdbx_entity_nonpoly.comp_id     HOH 
# 
_pdbx_initial_refinement_model.id               1 
_pdbx_initial_refinement_model.entity_id_list   ? 
_pdbx_initial_refinement_model.type             'experimental model' 
_pdbx_initial_refinement_model.source_name      PDB 
_pdbx_initial_refinement_model.accession_code   3DVZ 
_pdbx_initial_refinement_model.details          'PDB ENTRY 3DVZ' 
# 
